data_6L0S
#
_entry.id   6L0S
#
_cell.length_a   74.380
_cell.length_b   74.380
_cell.length_c   275.490
_cell.angle_alpha   90.000
_cell.angle_beta   90.000
_cell.angle_gamma   90.000
#
_symmetry.space_group_name_H-M   'P 43'
#
loop_
_entity.id
_entity.type
_entity.pdbx_description
1 polymer 'Protein CysO'
2 non-polymer '(2R)-2-[(E)-[2-methyl-3-oxidanyl-5-(phosphonooxymethyl)pyridin-4-yl]methylideneamino]-3-sulfanyl-propanoic acid'
3 non-polymer (4S)-2-METHYL-2,4-PENTANEDIOL
4 water water
#
_entity_poly.entity_id   1
_entity_poly.type   'polypeptide(L)'
_entity_poly.pdbx_seq_one_letter_code
;MALADISGYLDVLDSVRGFSYLENAREVLRSGEARCLGNPRSEPEYVKALYVIGASRIPVGDGCSHTLEELGVFDISVPG
EMVFPSPLDFFERGKPTPLVRSRLQLPNGVRVWLKLEWYNPFSLSVADRPAVEIISRLSRRVEKGSLVADATSSNFGVAL
SAVARLYGYRARVYLPGAAEEFGKLLPRLLGAQVIVDPEAPSTVHLLPRVMKDSKNEGFVHVNQYYNDANFEAHMRGTAR
EIFVQSRRGGLALRGVAGSLGTSGHMSAAAFYLQSVDPSIRAVLVQPAQGDSIPGIARVETGMLWINMLDISYTLAEVTL
EEAMEAVVEVARSDGLVIGPSGGAAVKALAKKAAEGDLEPGDYVVVVPDTGFKYLSLVQNALEGAGDSV
;
_entity_poly.pdbx_strand_id   A,B,C,D
#
loop_
_chem_comp.id
_chem_comp.type
_chem_comp.name
_chem_comp.formula
E1O non-polymer '(2R)-2-[(E)-[2-methyl-3-oxidanyl-5-(phosphonooxymethyl)pyridin-4-yl]methylideneamino]-3-sulfanyl-propanoic acid' 'C11 H15 N2 O7 P S'
MPD non-polymer (4S)-2-METHYL-2,4-PENTANEDIOL 'C6 H14 O2'
#
# COMPACT_ATOMS: atom_id res chain seq x y z
N ALA A 2 -5.12 14.02 -15.32
CA ALA A 2 -4.49 13.78 -13.96
C ALA A 2 -4.66 12.35 -13.49
N LEU A 3 -3.68 11.82 -12.77
CA LEU A 3 -3.71 10.41 -12.37
C LEU A 3 -4.03 10.24 -10.87
N ALA A 4 -4.97 9.35 -10.55
CA ALA A 4 -5.24 9.04 -9.14
C ALA A 4 -5.27 7.53 -8.93
N ASP A 5 -5.19 7.16 -7.68
CA ASP A 5 -5.04 5.78 -7.31
C ASP A 5 -6.34 5.02 -7.52
N ILE A 6 -6.30 3.84 -8.12
CA ILE A 6 -7.56 3.09 -8.37
C ILE A 6 -8.14 2.42 -7.11
N SER A 7 -7.30 2.10 -6.13
CA SER A 7 -7.75 1.41 -4.92
C SER A 7 -8.98 2.06 -4.26
N GLY A 8 -8.93 3.37 -4.06
CA GLY A 8 -10.04 4.12 -3.43
C GLY A 8 -11.40 3.91 -4.09
N TYR A 9 -11.40 3.71 -5.40
CA TYR A 9 -12.61 3.56 -6.21
C TYR A 9 -13.04 2.11 -6.45
N LEU A 10 -12.54 1.13 -5.68
CA LEU A 10 -12.83 -0.30 -5.93
C LEU A 10 -14.13 -0.85 -5.30
N ASP A 11 -14.98 0.03 -4.76
CA ASP A 11 -16.39 -0.31 -4.48
C ASP A 11 -17.20 -0.59 -5.74
N VAL A 12 -16.72 -0.12 -6.90
CA VAL A 12 -17.42 -0.43 -8.17
C VAL A 12 -17.47 -1.93 -8.43
N LEU A 13 -16.50 -2.66 -7.88
CA LEU A 13 -16.50 -4.13 -7.85
C LEU A 13 -17.73 -4.73 -7.15
N ASP A 14 -18.26 -4.04 -6.12
CA ASP A 14 -19.50 -4.42 -5.43
C ASP A 14 -20.78 -3.74 -5.94
N SER A 15 -20.75 -3.15 -7.15
CA SER A 15 -21.84 -2.28 -7.62
C SER A 15 -22.10 -2.41 -9.11
N VAL A 16 -21.07 -2.36 -9.96
CA VAL A 16 -21.25 -2.72 -11.35
C VAL A 16 -21.63 -4.21 -11.41
N ARG A 17 -22.62 -4.51 -12.24
CA ARG A 17 -22.99 -5.88 -12.57
C ARG A 17 -23.02 -5.93 -14.10
N GLY A 18 -23.10 -7.14 -14.65
CA GLY A 18 -23.31 -7.32 -16.08
C GLY A 18 -22.01 -7.26 -16.86
N PHE A 19 -22.12 -7.20 -18.19
CA PHE A 19 -20.94 -7.19 -19.06
C PHE A 19 -20.82 -5.97 -19.96
N SER A 20 -21.78 -5.04 -19.88
CA SER A 20 -21.79 -3.85 -20.72
C SER A 20 -20.54 -2.99 -20.44
N TYR A 21 -20.07 -3.01 -19.19
CA TYR A 21 -18.80 -2.36 -18.82
C TYR A 21 -17.58 -2.81 -19.67
N LEU A 22 -17.59 -4.03 -20.21
CA LEU A 22 -16.45 -4.53 -21.00
C LEU A 22 -16.28 -3.81 -22.34
N GLU A 23 -17.34 -3.20 -22.86
CA GLU A 23 -17.27 -2.32 -24.05
C GLU A 23 -16.24 -1.22 -23.78
N ASN A 24 -16.19 -0.74 -22.54
CA ASN A 24 -15.20 0.25 -22.15
C ASN A 24 -13.79 -0.31 -22.22
N ALA A 25 -13.60 -1.54 -21.76
CA ALA A 25 -12.27 -2.19 -21.82
C ALA A 25 -11.75 -2.27 -23.23
N ARG A 26 -12.54 -2.88 -24.11
CA ARG A 26 -12.16 -3.08 -25.49
C ARG A 26 -11.67 -1.79 -26.12
N GLU A 27 -12.43 -0.71 -25.95
CA GLU A 27 -12.03 0.56 -26.55
C GLU A 27 -10.73 1.08 -25.95
N VAL A 28 -10.59 1.04 -24.64
CA VAL A 28 -9.33 1.48 -24.00
C VAL A 28 -8.13 0.64 -24.45
N LEU A 29 -8.28 -0.69 -24.51
CA LEU A 29 -7.21 -1.59 -24.98
C LEU A 29 -6.85 -1.37 -26.45
N ARG A 30 -7.88 -1.45 -27.31
CA ARG A 30 -7.73 -1.25 -28.75
C ARG A 30 -7.19 0.15 -29.08
N SER A 31 -7.66 1.18 -28.38
CA SER A 31 -7.10 2.53 -28.55
C SER A 31 -5.74 2.66 -27.89
N GLY A 32 -5.54 2.01 -26.74
CA GLY A 32 -4.33 2.20 -25.94
C GLY A 32 -4.36 3.48 -25.11
N GLU A 33 -5.54 4.06 -24.94
CA GLU A 33 -5.69 5.14 -23.98
C GLU A 33 -7.11 5.18 -23.42
N ALA A 34 -7.32 6.09 -22.49
CA ALA A 34 -8.57 6.23 -21.78
C ALA A 34 -8.83 7.71 -21.57
N ARG A 35 -10.10 8.09 -21.55
CA ARG A 35 -10.48 9.49 -21.40
C ARG A 35 -10.56 9.80 -19.92
N CYS A 36 -10.01 10.96 -19.54
CA CYS A 36 -10.16 11.48 -18.18
C CYS A 36 -11.63 11.66 -17.85
N LEU A 37 -11.97 11.28 -16.61
CA LEU A 37 -13.29 11.42 -16.01
C LEU A 37 -13.29 12.59 -15.06
N GLY A 38 -14.18 13.55 -15.28
CA GLY A 38 -14.31 14.70 -14.39
C GLY A 38 -14.81 14.31 -13.00
N ASN A 39 -15.72 13.32 -12.97
CA ASN A 39 -16.34 12.84 -11.74
C ASN A 39 -16.28 11.30 -11.82
N PRO A 40 -15.15 10.71 -11.37
CA PRO A 40 -14.95 9.26 -11.32
C PRO A 40 -16.15 8.44 -10.80
N ARG A 41 -16.93 9.02 -9.88
CA ARG A 41 -18.10 8.34 -9.31
C ARG A 41 -19.32 8.31 -10.21
N SER A 42 -19.37 9.16 -11.24
CA SER A 42 -20.48 9.12 -12.21
C SER A 42 -20.27 8.13 -13.37
N GLU A 43 -19.16 7.38 -13.33
CA GLU A 43 -18.74 6.54 -14.46
C GLU A 43 -18.34 5.14 -13.97
N PRO A 44 -19.20 4.48 -13.17
CA PRO A 44 -18.72 3.25 -12.50
C PRO A 44 -18.27 2.14 -13.51
N GLU A 45 -18.95 2.11 -14.66
CA GLU A 45 -18.63 1.19 -15.76
C GLU A 45 -17.21 1.39 -16.29
N TYR A 46 -16.83 2.65 -16.45
CA TYR A 46 -15.52 3.01 -16.99
C TYR A 46 -14.44 2.64 -15.96
N VAL A 47 -14.70 2.99 -14.70
CA VAL A 47 -13.73 2.76 -13.69
C VAL A 47 -13.49 1.27 -13.59
N LYS A 48 -14.55 0.47 -13.56
CA LYS A 48 -14.36 -0.98 -13.45
C LYS A 48 -13.53 -1.52 -14.60
N ALA A 49 -13.92 -1.17 -15.81
CA ALA A 49 -13.16 -1.58 -17.01
C ALA A 49 -11.67 -1.37 -16.83
N LEU A 50 -11.27 -0.20 -16.32
CA LEU A 50 -9.87 0.12 -16.15
C LEU A 50 -9.17 -0.88 -15.19
N TYR A 51 -9.82 -1.18 -14.08
CA TYR A 51 -9.27 -2.18 -13.13
C TYR A 51 -9.13 -3.58 -13.76
N VAL A 52 -10.13 -3.95 -14.54
CA VAL A 52 -10.22 -5.28 -15.15
C VAL A 52 -9.10 -5.47 -16.22
N ILE A 53 -8.71 -4.42 -16.91
CA ILE A 53 -7.58 -4.51 -17.82
C ILE A 53 -6.23 -4.40 -17.17
N GLY A 54 -6.18 -4.32 -15.83
CA GLY A 54 -4.95 -4.20 -15.08
C GLY A 54 -4.42 -2.80 -14.82
N ALA A 55 -5.25 -1.77 -14.93
CA ALA A 55 -4.84 -0.39 -14.56
C ALA A 55 -4.62 -0.33 -13.04
N SER A 56 -3.70 0.51 -12.56
CA SER A 56 -3.47 0.75 -11.11
C SER A 56 -3.88 2.18 -10.69
N ARG A 57 -4.07 3.02 -11.72
CA ARG A 57 -4.44 4.42 -11.59
C ARG A 57 -5.60 4.69 -12.53
N ILE A 58 -6.36 5.77 -12.26
CA ILE A 58 -7.48 6.18 -13.11
C ILE A 58 -7.31 7.62 -13.60
N PRO A 59 -7.82 7.93 -14.80
CA PRO A 59 -7.63 9.26 -15.34
C PRO A 59 -8.76 10.18 -14.86
N VAL A 60 -8.37 11.27 -14.23
CA VAL A 60 -9.31 12.17 -13.56
C VAL A 60 -9.04 13.59 -14.04
N GLY A 61 -10.11 14.33 -14.34
CA GLY A 61 -10.00 15.70 -14.83
C GLY A 61 -10.89 16.01 -16.02
N ASP A 62 -10.70 17.21 -16.55
CA ASP A 62 -11.59 17.80 -17.53
C ASP A 62 -10.97 17.79 -18.92
N GLY A 63 -11.34 16.79 -19.73
CA GLY A 63 -10.98 16.73 -21.15
C GLY A 63 -9.74 15.94 -21.58
N CYS A 64 -8.82 15.66 -20.66
CA CYS A 64 -7.57 14.92 -20.97
C CYS A 64 -7.79 13.44 -21.24
N SER A 65 -6.70 12.76 -21.63
CA SER A 65 -6.62 11.29 -21.69
C SER A 65 -5.30 10.76 -21.12
N HIS A 66 -5.26 9.45 -20.86
CA HIS A 66 -4.05 8.79 -20.38
C HIS A 66 -3.86 7.44 -21.02
N THR A 67 -2.58 7.12 -21.27
CA THR A 67 -2.20 5.89 -21.94
C THR A 67 -2.22 4.72 -21.00
N LEU A 68 -2.11 3.52 -21.57
CA LEU A 68 -2.07 2.29 -20.78
C LEU A 68 -0.89 2.30 -19.82
N GLU A 69 0.28 2.71 -20.32
CA GLU A 69 1.48 2.85 -19.48
C GLU A 69 1.27 3.85 -18.34
N GLU A 70 0.63 4.99 -18.64
CA GLU A 70 0.38 5.99 -17.60
C GLU A 70 -0.60 5.42 -16.56
N LEU A 71 -1.61 4.70 -17.05
CA LEU A 71 -2.57 4.06 -16.17
C LEU A 71 -2.02 2.93 -15.31
N GLY A 72 -0.88 2.36 -15.68
CA GLY A 72 -0.24 1.32 -14.90
C GLY A 72 -0.46 -0.10 -15.40
N VAL A 73 -1.06 -0.24 -16.57
CA VAL A 73 -1.21 -1.55 -17.23
C VAL A 73 0.17 -2.19 -17.43
N PHE A 74 1.20 -1.41 -17.77
CA PHE A 74 2.54 -1.93 -17.95
C PHE A 74 3.47 -1.80 -16.70
N ASP A 75 2.96 -1.49 -15.51
CA ASP A 75 3.82 -1.31 -14.30
C ASP A 75 4.46 -2.64 -13.93
N ILE A 76 5.74 -2.64 -13.57
CA ILE A 76 6.44 -3.85 -13.13
C ILE A 76 6.13 -3.94 -11.64
N SER A 77 5.57 -5.08 -11.21
CA SER A 77 5.21 -5.32 -9.79
C SER A 77 6.26 -6.04 -8.97
N VAL A 78 7.10 -6.81 -9.65
CA VAL A 78 7.90 -7.82 -8.98
C VAL A 78 9.18 -7.21 -8.45
N PRO A 79 9.49 -7.46 -7.16
CA PRO A 79 10.79 -7.02 -6.67
C PRO A 79 11.87 -7.84 -7.37
N GLY A 80 12.85 -7.14 -7.98
CA GLY A 80 13.95 -7.78 -8.64
C GLY A 80 14.63 -8.83 -7.78
N GLU A 81 14.76 -8.54 -6.49
CA GLU A 81 15.27 -9.50 -5.50
C GLU A 81 14.34 -10.65 -5.09
N MET A 82 13.07 -10.66 -5.52
CA MET A 82 12.08 -11.67 -5.10
C MET A 82 11.97 -11.82 -3.58
N VAL A 83 11.92 -10.69 -2.91
CA VAL A 83 11.68 -10.72 -1.45
C VAL A 83 10.31 -10.14 -1.18
N PHE A 84 9.49 -10.89 -0.44
CA PHE A 84 8.09 -10.60 -0.21
C PHE A 84 7.77 -10.68 1.29
N PRO A 85 7.03 -9.69 1.84
CA PRO A 85 6.74 -9.71 3.29
C PRO A 85 5.65 -10.66 3.70
N SER A 86 4.94 -11.26 2.75
CA SER A 86 3.93 -12.27 3.09
C SER A 86 3.56 -13.06 1.83
N PRO A 87 2.98 -14.27 2.04
CA PRO A 87 2.59 -15.14 0.91
C PRO A 87 1.58 -14.50 -0.06
N LEU A 88 0.55 -13.85 0.47
CA LEU A 88 -0.50 -13.18 -0.32
C LEU A 88 0.11 -12.03 -1.14
N ASP A 89 0.99 -11.24 -0.52
CA ASP A 89 1.77 -10.26 -1.27
C ASP A 89 2.67 -10.88 -2.35
N PHE A 90 3.17 -12.09 -2.09
CA PHE A 90 3.89 -12.89 -3.11
C PHE A 90 3.00 -13.28 -4.30
N PHE A 91 1.81 -13.84 -4.04
CA PHE A 91 0.85 -14.11 -5.14
C PHE A 91 0.67 -12.84 -6.00
N GLU A 92 0.41 -11.74 -5.30
CA GLU A 92 0.05 -10.48 -5.92
C GLU A 92 1.19 -9.85 -6.71
N ARG A 93 2.31 -9.63 -6.02
CA ARG A 93 3.41 -8.87 -6.62
C ARG A 93 4.40 -9.69 -7.44
N GLY A 94 4.51 -10.98 -7.12
CA GLY A 94 5.43 -11.87 -7.79
C GLY A 94 4.76 -12.38 -9.03
N LYS A 95 4.67 -11.50 -10.03
CA LYS A 95 3.98 -11.75 -11.28
C LYS A 95 4.73 -10.90 -12.35
N PRO A 96 4.74 -11.30 -13.63
CA PRO A 96 3.94 -12.39 -14.18
C PRO A 96 4.41 -13.78 -13.85
N THR A 97 3.54 -14.78 -13.99
CA THR A 97 4.04 -16.13 -14.07
C THR A 97 4.98 -16.21 -15.31
N PRO A 98 5.93 -17.14 -15.29
CA PRO A 98 6.95 -17.21 -16.37
C PRO A 98 6.37 -17.50 -17.73
N LEU A 99 6.85 -16.84 -18.78
CA LEU A 99 6.53 -17.23 -20.17
C LEU A 99 7.81 -17.87 -20.77
N VAL A 100 7.77 -19.16 -21.08
CA VAL A 100 9.02 -19.84 -21.49
C VAL A 100 8.88 -20.30 -22.95
N ARG A 101 9.84 -19.96 -23.80
CA ARG A 101 9.79 -20.39 -25.20
C ARG A 101 10.26 -21.85 -25.26
N SER A 102 9.38 -22.72 -25.74
CA SER A 102 9.65 -24.12 -25.87
C SER A 102 10.59 -24.45 -27.05
N ARG A 103 11.42 -25.47 -26.83
CA ARG A 103 12.20 -26.10 -27.91
C ARG A 103 11.32 -26.98 -28.80
N LEU A 104 10.11 -27.33 -28.33
CA LEU A 104 9.09 -28.05 -29.12
C LEU A 104 8.84 -27.30 -30.42
N GLN A 105 8.81 -28.04 -31.53
CA GLN A 105 8.74 -27.46 -32.86
C GLN A 105 7.51 -27.96 -33.59
N LEU A 106 6.64 -27.02 -33.96
CA LEU A 106 5.40 -27.31 -34.68
C LEU A 106 5.58 -26.87 -36.14
N PRO A 107 4.79 -27.45 -37.06
CA PRO A 107 4.93 -27.01 -38.45
C PRO A 107 4.40 -25.61 -38.73
N ASN A 108 4.75 -25.10 -39.91
CA ASN A 108 4.26 -23.84 -40.48
C ASN A 108 4.74 -22.58 -39.78
N GLY A 109 5.88 -22.67 -39.08
CA GLY A 109 6.40 -21.56 -38.33
C GLY A 109 5.53 -21.18 -37.15
N VAL A 110 4.91 -22.18 -36.53
CA VAL A 110 4.09 -21.99 -35.32
C VAL A 110 5.05 -22.13 -34.12
N ARG A 111 5.41 -21.02 -33.46
CA ARG A 111 6.37 -21.06 -32.34
C ARG A 111 5.65 -21.20 -30.97
N VAL A 112 6.02 -22.22 -30.20
CA VAL A 112 5.31 -22.55 -28.96
C VAL A 112 5.98 -21.83 -27.83
N TRP A 113 5.20 -21.09 -27.04
CA TRP A 113 5.64 -20.45 -25.76
C TRP A 113 4.75 -21.03 -24.66
N LEU A 114 5.26 -21.29 -23.47
CA LEU A 114 4.47 -21.94 -22.38
C LEU A 114 4.38 -21.06 -21.14
N LYS A 115 3.16 -20.68 -20.75
CA LYS A 115 2.89 -19.83 -19.59
C LYS A 115 2.55 -20.75 -18.42
N LEU A 116 3.45 -20.77 -17.47
CA LEU A 116 3.54 -21.82 -16.48
C LEU A 116 2.77 -21.36 -15.27
N GLU A 117 1.46 -21.66 -15.29
CA GLU A 117 0.59 -21.31 -14.19
C GLU A 117 0.80 -22.10 -12.89
N TRP A 118 1.69 -23.10 -12.87
CA TRP A 118 2.02 -23.76 -11.59
C TRP A 118 2.92 -22.92 -10.70
N TYR A 119 3.42 -21.80 -11.23
CA TYR A 119 4.16 -20.81 -10.44
C TYR A 119 3.20 -19.87 -9.71
N ASN A 120 2.14 -20.43 -9.11
CA ASN A 120 1.27 -19.75 -8.18
C ASN A 120 1.50 -20.44 -6.82
N PRO A 121 1.62 -19.64 -5.77
CA PRO A 121 2.18 -20.22 -4.54
C PRO A 121 1.30 -21.19 -3.76
N PHE A 122 -0.04 -21.10 -3.88
CA PHE A 122 -1.00 -21.84 -3.03
C PHE A 122 -1.43 -23.20 -3.59
N SER A 123 -1.79 -23.23 -4.87
CA SER A 123 -2.27 -24.46 -5.49
C SER A 123 -1.33 -24.95 -6.59
N LEU A 124 -0.22 -24.24 -6.82
CA LEU A 124 0.66 -24.59 -7.89
C LEU A 124 -0.20 -24.85 -9.14
N SER A 125 -1.04 -23.88 -9.44
CA SER A 125 -2.00 -23.95 -10.52
C SER A 125 -2.65 -22.62 -10.69
N VAL A 126 -3.08 -22.36 -11.93
CA VAL A 126 -3.86 -21.16 -12.28
C VAL A 126 -5.05 -20.82 -11.31
N ALA A 127 -5.71 -21.84 -10.76
CA ALA A 127 -6.86 -21.60 -9.85
C ALA A 127 -6.62 -20.65 -8.64
N ASP A 128 -5.39 -20.44 -8.24
CA ASP A 128 -5.03 -19.37 -7.30
C ASP A 128 -5.62 -18.02 -7.65
N ARG A 129 -5.57 -17.65 -8.90
CA ARG A 129 -5.89 -16.30 -9.25
C ARG A 129 -7.37 -15.96 -9.03
N PRO A 130 -8.32 -16.85 -9.44
CA PRO A 130 -9.69 -16.58 -9.09
C PRO A 130 -9.90 -16.68 -7.58
N ALA A 131 -9.16 -17.54 -6.91
CA ALA A 131 -9.45 -17.80 -5.47
C ALA A 131 -9.17 -16.57 -4.61
N VAL A 132 -8.08 -15.87 -4.96
CA VAL A 132 -7.67 -14.65 -4.26
C VAL A 132 -8.62 -13.52 -4.58
N GLU A 133 -9.00 -13.33 -5.86
CA GLU A 133 -9.95 -12.29 -6.27
C GLU A 133 -11.35 -12.40 -5.58
N ILE A 134 -11.93 -13.58 -5.69
CA ILE A 134 -13.22 -13.89 -5.09
C ILE A 134 -13.15 -13.65 -3.57
N ILE A 135 -12.22 -14.30 -2.89
CA ILE A 135 -12.17 -14.17 -1.41
C ILE A 135 -11.84 -12.70 -0.98
N SER A 136 -11.08 -11.97 -1.79
CA SER A 136 -10.73 -10.57 -1.49
C SER A 136 -11.98 -9.68 -1.49
N ARG A 137 -12.83 -9.86 -2.49
CA ARG A 137 -14.11 -9.16 -2.53
C ARG A 137 -14.98 -9.59 -1.34
N LEU A 138 -14.94 -10.88 -1.07
CA LEU A 138 -15.72 -11.47 0.03
C LEU A 138 -15.38 -10.78 1.37
N SER A 139 -14.09 -10.60 1.63
CA SER A 139 -13.61 -9.90 2.84
C SER A 139 -14.26 -8.54 3.09
N ARG A 140 -14.71 -7.88 2.03
CA ARG A 140 -15.51 -6.64 2.11
C ARG A 140 -16.85 -6.79 2.87
N ARG A 141 -17.54 -7.93 2.65
CA ARG A 141 -18.95 -8.15 3.04
C ARG A 141 -19.18 -9.17 4.15
N VAL A 142 -18.66 -10.38 3.93
CA VAL A 142 -18.96 -11.54 4.79
C VAL A 142 -18.06 -11.52 6.01
N GLU A 143 -18.65 -11.62 7.19
CA GLU A 143 -17.90 -11.62 8.45
C GLU A 143 -16.91 -12.78 8.54
N LYS A 144 -15.77 -12.54 9.19
CA LYS A 144 -14.75 -13.54 9.39
C LYS A 144 -15.28 -14.74 10.18
N GLY A 145 -14.65 -15.90 10.00
CA GLY A 145 -15.13 -17.14 10.57
C GLY A 145 -16.28 -17.79 9.82
N SER A 146 -16.81 -17.13 8.78
CA SER A 146 -17.89 -17.72 7.98
C SER A 146 -17.27 -18.85 7.18
N LEU A 147 -18.06 -19.83 6.80
CA LEU A 147 -17.61 -20.98 6.03
C LEU A 147 -17.81 -20.66 4.55
N VAL A 148 -16.79 -20.81 3.72
CA VAL A 148 -16.94 -20.56 2.28
C VAL A 148 -16.62 -21.86 1.59
N ALA A 149 -17.26 -22.11 0.49
CA ALA A 149 -17.29 -23.47 -0.02
C ALA A 149 -17.51 -23.45 -1.49
N ASP A 150 -17.12 -24.53 -2.16
CA ASP A 150 -17.44 -24.74 -3.57
C ASP A 150 -17.16 -26.21 -3.96
N ALA A 151 -17.61 -26.56 -5.16
CA ALA A 151 -17.16 -27.76 -5.85
C ALA A 151 -15.85 -27.50 -6.60
N THR A 152 -15.03 -28.53 -6.74
CA THR A 152 -13.79 -28.44 -7.53
C THR A 152 -13.40 -29.77 -8.15
N SER A 153 -12.72 -29.75 -9.30
CA SER A 153 -11.91 -30.93 -9.70
C SER A 153 -10.70 -31.15 -8.77
N SER A 154 -10.12 -30.07 -8.23
CA SER A 154 -9.02 -30.18 -7.24
C SER A 154 -8.35 -28.82 -6.99
N ASN A 155 -7.94 -28.13 -8.07
CA ASN A 155 -7.00 -27.03 -7.91
C ASN A 155 -7.62 -25.91 -7.13
N PHE A 156 -8.76 -25.42 -7.59
CA PHE A 156 -9.52 -24.38 -6.91
C PHE A 156 -9.80 -24.69 -5.44
N GLY A 157 -10.13 -25.95 -5.11
CA GLY A 157 -10.38 -26.35 -3.72
C GLY A 157 -9.20 -26.17 -2.78
N VAL A 158 -8.03 -26.50 -3.29
CA VAL A 158 -6.79 -26.20 -2.64
C VAL A 158 -6.56 -24.66 -2.54
N ALA A 159 -6.72 -23.97 -3.67
CA ALA A 159 -6.52 -22.52 -3.70
C ALA A 159 -7.50 -21.81 -2.75
N LEU A 160 -8.77 -22.18 -2.83
CA LEU A 160 -9.80 -21.71 -1.94
C LEU A 160 -9.46 -21.95 -0.47
N SER A 161 -8.96 -23.15 -0.15
CA SER A 161 -8.73 -23.53 1.26
C SER A 161 -7.60 -22.69 1.85
N ALA A 162 -6.48 -22.59 1.14
CA ALA A 162 -5.35 -21.79 1.61
C ALA A 162 -5.77 -20.32 1.78
N VAL A 163 -6.39 -19.76 0.74
CA VAL A 163 -6.74 -18.34 0.70
C VAL A 163 -7.88 -17.97 1.65
N ALA A 164 -8.86 -18.87 1.76
CA ALA A 164 -9.94 -18.71 2.72
C ALA A 164 -9.31 -18.49 4.08
N ARG A 165 -8.50 -19.45 4.49
CA ARG A 165 -7.91 -19.43 5.82
C ARG A 165 -6.91 -18.29 6.02
N LEU A 166 -6.24 -17.85 4.96
CA LEU A 166 -5.48 -16.59 5.05
C LEU A 166 -6.36 -15.34 5.28
N TYR A 167 -7.64 -15.39 4.89
CA TYR A 167 -8.60 -14.29 5.12
C TYR A 167 -9.52 -14.47 6.36
N GLY A 168 -9.19 -15.39 7.25
CA GLY A 168 -10.01 -15.64 8.45
C GLY A 168 -11.26 -16.51 8.22
N TYR A 169 -11.49 -16.97 6.98
CA TYR A 169 -12.65 -17.83 6.65
C TYR A 169 -12.37 -19.33 6.71
N ARG A 170 -13.45 -20.05 6.97
CA ARG A 170 -13.40 -21.51 7.03
C ARG A 170 -13.74 -22.01 5.65
N ALA A 171 -13.25 -23.18 5.28
CA ALA A 171 -13.49 -23.66 3.94
C ALA A 171 -13.99 -25.09 3.91
N ARG A 172 -14.84 -25.36 2.93
CA ARG A 172 -15.31 -26.70 2.61
C ARG A 172 -15.13 -26.86 1.14
N VAL A 173 -14.59 -27.98 0.70
CA VAL A 173 -14.48 -28.30 -0.72
C VAL A 173 -15.21 -29.62 -1.00
N TYR A 174 -15.89 -29.68 -2.15
CA TYR A 174 -16.65 -30.85 -2.59
C TYR A 174 -16.02 -31.31 -3.87
N LEU A 175 -15.68 -32.59 -3.95
CA LEU A 175 -14.93 -33.13 -5.08
C LEU A 175 -15.60 -34.38 -5.63
N PRO A 176 -15.47 -34.64 -6.96
CA PRO A 176 -15.89 -35.95 -7.48
C PRO A 176 -14.97 -37.07 -7.00
N GLY A 177 -15.51 -38.28 -6.80
CA GLY A 177 -14.69 -39.47 -6.54
C GLY A 177 -13.49 -39.62 -7.47
N ALA A 178 -13.66 -39.27 -8.75
CA ALA A 178 -12.60 -39.39 -9.77
C ALA A 178 -11.45 -38.33 -9.73
N ALA A 179 -11.60 -37.27 -8.94
CA ALA A 179 -10.50 -36.29 -8.74
C ALA A 179 -9.23 -36.93 -8.13
N GLU A 180 -8.08 -36.24 -8.23
CA GLU A 180 -6.80 -36.78 -7.74
C GLU A 180 -6.66 -36.63 -6.24
N GLU A 181 -5.71 -37.37 -5.65
CA GLU A 181 -5.52 -37.37 -4.18
C GLU A 181 -4.99 -36.03 -3.64
N PHE A 182 -4.26 -35.26 -4.45
CA PHE A 182 -3.81 -33.95 -3.96
C PHE A 182 -5.03 -33.08 -3.63
N GLY A 183 -6.09 -33.19 -4.43
CA GLY A 183 -7.29 -32.41 -4.22
C GLY A 183 -8.05 -32.77 -2.98
N LYS A 184 -8.12 -34.06 -2.67
CA LYS A 184 -8.90 -34.56 -1.57
C LYS A 184 -8.16 -34.37 -0.29
N LEU A 185 -6.83 -34.45 -0.37
CA LEU A 185 -6.00 -34.45 0.78
C LEU A 185 -5.53 -33.05 1.15
N LEU A 186 -5.12 -32.24 0.18
CA LEU A 186 -4.42 -31.01 0.53
C LEU A 186 -5.24 -29.98 1.30
N PRO A 187 -6.50 -29.72 0.89
CA PRO A 187 -7.38 -28.83 1.67
C PRO A 187 -7.49 -29.24 3.15
N ARG A 188 -7.51 -30.54 3.44
CA ARG A 188 -7.45 -30.96 4.85
C ARG A 188 -6.18 -30.49 5.53
N LEU A 189 -5.00 -30.65 4.89
CA LEU A 189 -3.73 -30.12 5.46
C LEU A 189 -3.87 -28.63 5.78
N LEU A 190 -4.51 -27.94 4.86
CA LEU A 190 -4.73 -26.50 4.95
C LEU A 190 -5.91 -26.05 5.81
N GLY A 191 -6.50 -26.92 6.64
CA GLY A 191 -7.61 -26.59 7.51
C GLY A 191 -9.05 -26.62 6.98
N ALA A 192 -9.27 -27.06 5.74
CA ALA A 192 -10.62 -27.26 5.25
C ALA A 192 -11.23 -28.63 5.62
N GLN A 193 -12.56 -28.65 5.55
CA GLN A 193 -13.35 -29.86 5.41
C GLN A 193 -13.31 -30.23 3.92
N VAL A 194 -13.38 -31.53 3.62
CA VAL A 194 -13.44 -32.05 2.24
C VAL A 194 -14.53 -33.14 2.10
N ILE A 195 -15.40 -33.01 1.10
CA ILE A 195 -16.52 -33.94 0.88
C ILE A 195 -16.38 -34.52 -0.51
N VAL A 196 -16.34 -35.85 -0.60
CA VAL A 196 -16.11 -36.54 -1.85
C VAL A 196 -17.35 -37.35 -2.17
N ASP A 197 -17.96 -37.06 -3.30
CA ASP A 197 -19.13 -37.77 -3.74
C ASP A 197 -18.66 -38.88 -4.69
N PRO A 198 -18.62 -40.14 -4.20
CA PRO A 198 -18.27 -41.29 -5.08
C PRO A 198 -19.10 -41.40 -6.37
N GLU A 199 -20.36 -40.94 -6.35
CA GLU A 199 -21.29 -41.09 -7.48
C GLU A 199 -21.29 -39.93 -8.49
N ALA A 200 -20.73 -38.78 -8.09
CA ALA A 200 -20.65 -37.63 -8.98
C ALA A 200 -19.55 -37.84 -10.02
N PRO A 201 -19.93 -38.07 -11.31
CA PRO A 201 -18.90 -38.37 -12.30
C PRO A 201 -18.09 -37.15 -12.74
N SER A 202 -18.59 -35.95 -12.47
CA SER A 202 -17.95 -34.70 -12.89
C SER A 202 -18.18 -33.63 -11.84
N THR A 203 -17.36 -32.58 -11.88
CA THR A 203 -17.48 -31.49 -10.89
C THR A 203 -18.80 -30.69 -11.06
N VAL A 204 -19.20 -30.42 -12.30
CA VAL A 204 -20.46 -29.72 -12.58
C VAL A 204 -21.68 -30.42 -11.97
N HIS A 205 -21.71 -31.76 -11.98
CA HIS A 205 -22.81 -32.55 -11.41
C HIS A 205 -22.93 -32.47 -9.88
N LEU A 206 -21.84 -32.05 -9.21
CA LEU A 206 -21.89 -31.78 -7.79
C LEU A 206 -22.58 -30.46 -7.47
N LEU A 207 -22.81 -29.57 -8.44
CA LEU A 207 -23.33 -28.23 -8.12
C LEU A 207 -24.64 -28.17 -7.33
N PRO A 208 -25.66 -29.02 -7.67
CA PRO A 208 -26.93 -29.00 -6.96
C PRO A 208 -26.77 -29.35 -5.49
N ARG A 209 -26.04 -30.43 -5.20
CA ARG A 209 -25.69 -30.79 -3.84
C ARG A 209 -25.05 -29.61 -3.06
N VAL A 210 -24.17 -28.83 -3.70
CA VAL A 210 -23.50 -27.71 -3.00
C VAL A 210 -24.50 -26.60 -2.72
N MET A 211 -25.35 -26.30 -3.70
CA MET A 211 -26.44 -25.32 -3.54
C MET A 211 -27.48 -25.76 -2.49
N LYS A 212 -27.89 -27.02 -2.57
CA LYS A 212 -28.82 -27.55 -1.59
C LYS A 212 -28.25 -27.32 -0.17
N ASP A 213 -27.05 -27.84 0.12
CA ASP A 213 -26.43 -27.70 1.47
C ASP A 213 -26.24 -26.25 1.89
N SER A 214 -25.92 -25.39 0.92
CA SER A 214 -25.81 -23.95 1.19
C SER A 214 -27.10 -23.34 1.74
N LYS A 215 -28.22 -23.63 1.08
CA LYS A 215 -29.57 -23.26 1.56
C LYS A 215 -29.88 -23.81 2.96
N ASN A 216 -29.53 -25.07 3.21
CA ASN A 216 -29.67 -25.66 4.55
C ASN A 216 -28.74 -25.04 5.62
N GLU A 217 -27.45 -24.88 5.32
CA GLU A 217 -26.44 -24.57 6.35
C GLU A 217 -25.99 -23.11 6.45
N GLY A 218 -26.19 -22.33 5.39
CA GLY A 218 -25.86 -20.89 5.44
C GLY A 218 -24.42 -20.53 5.13
N PHE A 219 -23.70 -21.48 4.54
CA PHE A 219 -22.39 -21.17 4.04
C PHE A 219 -22.55 -20.36 2.74
N VAL A 220 -21.45 -19.76 2.32
CA VAL A 220 -21.40 -18.85 1.20
C VAL A 220 -20.85 -19.73 0.13
N HIS A 221 -21.69 -20.09 -0.81
CA HIS A 221 -21.22 -20.87 -1.93
C HIS A 221 -20.58 -19.87 -2.85
N VAL A 222 -19.23 -19.87 -2.98
CA VAL A 222 -18.51 -18.81 -3.75
C VAL A 222 -18.60 -18.97 -5.26
N ASN A 223 -19.02 -20.15 -5.73
CA ASN A 223 -19.48 -20.42 -7.11
C ASN A 223 -18.57 -20.01 -8.28
N GLN A 224 -17.40 -20.62 -8.33
CA GLN A 224 -16.43 -20.31 -9.38
C GLN A 224 -16.98 -20.34 -10.82
N TYR A 225 -18.00 -21.17 -11.10
CA TYR A 225 -18.63 -21.19 -12.45
C TYR A 225 -19.32 -19.91 -12.86
N TYR A 226 -19.92 -19.25 -11.87
CA TYR A 226 -20.82 -18.14 -12.08
C TYR A 226 -20.34 -16.82 -11.48
N ASN A 227 -19.18 -16.82 -10.79
CA ASN A 227 -18.71 -15.66 -10.02
C ASN A 227 -17.80 -14.80 -10.88
N ASP A 228 -18.24 -13.59 -11.16
CA ASP A 228 -17.58 -12.81 -12.19
C ASP A 228 -16.13 -12.45 -11.90
N ALA A 229 -15.74 -12.49 -10.62
CA ALA A 229 -14.37 -12.39 -10.19
C ALA A 229 -13.41 -13.39 -10.86
N ASN A 230 -13.90 -14.60 -11.16
CA ASN A 230 -13.09 -15.57 -11.78
C ASN A 230 -12.66 -15.04 -13.16
N PHE A 231 -13.60 -14.60 -13.99
CA PHE A 231 -13.22 -13.93 -15.28
C PHE A 231 -12.33 -12.66 -15.05
N GLU A 232 -12.68 -11.87 -14.06
CA GLU A 232 -12.01 -10.57 -13.85
C GLU A 232 -10.54 -10.73 -13.41
N ALA A 233 -10.27 -11.69 -12.52
CA ALA A 233 -8.89 -11.99 -12.06
C ALA A 233 -7.94 -12.30 -13.22
N HIS A 234 -8.46 -13.06 -14.19
CA HIS A 234 -7.65 -13.48 -15.34
C HIS A 234 -7.52 -12.38 -16.41
N MET A 235 -8.43 -11.41 -16.36
CA MET A 235 -8.38 -10.22 -17.19
C MET A 235 -7.23 -9.32 -16.71
N ARG A 236 -7.17 -9.04 -15.40
CA ARG A 236 -6.11 -8.16 -14.88
C ARG A 236 -4.80 -8.83 -14.54
N GLY A 237 -4.82 -10.18 -14.40
CA GLY A 237 -3.70 -11.00 -14.25
C GLY A 237 -3.33 -11.77 -15.50
N THR A 238 -3.81 -13.02 -15.63
CA THR A 238 -3.31 -13.94 -16.64
C THR A 238 -3.22 -13.42 -18.09
N ALA A 239 -4.24 -12.70 -18.48
CA ALA A 239 -4.40 -12.21 -19.84
C ALA A 239 -3.54 -10.98 -20.01
N ARG A 240 -3.73 -9.99 -19.15
CA ARG A 240 -2.86 -8.81 -19.17
C ARG A 240 -1.39 -9.20 -19.29
N GLU A 241 -0.96 -10.17 -18.49
CA GLU A 241 0.40 -10.65 -18.57
C GLU A 241 0.79 -11.08 -19.99
N ILE A 242 -0.06 -11.80 -20.68
CA ILE A 242 0.21 -12.22 -22.05
C ILE A 242 0.32 -10.99 -22.96
N PHE A 243 -0.54 -10.00 -22.78
CA PHE A 243 -0.44 -8.70 -23.48
C PHE A 243 0.93 -8.10 -23.20
N VAL A 244 1.21 -7.75 -21.93
CA VAL A 244 2.52 -7.15 -21.56
C VAL A 244 3.75 -7.98 -21.92
N GLN A 245 3.72 -9.30 -21.70
CA GLN A 245 4.90 -10.08 -21.96
C GLN A 245 5.21 -10.16 -23.43
N SER A 246 4.18 -10.42 -24.21
CA SER A 246 4.30 -10.41 -25.66
C SER A 246 5.05 -9.18 -26.16
N ARG A 247 4.59 -8.01 -25.74
CA ARG A 247 5.20 -6.72 -26.17
C ARG A 247 6.64 -6.49 -25.66
N ARG A 248 6.83 -6.62 -24.36
CA ARG A 248 8.17 -6.58 -23.76
C ARG A 248 9.09 -7.70 -24.28
N GLY A 249 8.50 -8.83 -24.68
CA GLY A 249 9.23 -9.95 -25.23
C GLY A 249 9.67 -9.82 -26.68
N GLY A 250 9.13 -8.85 -27.41
CA GLY A 250 9.33 -8.76 -28.86
C GLY A 250 8.50 -9.78 -29.65
N LEU A 251 7.53 -10.43 -29.01
CA LEU A 251 6.77 -11.50 -29.66
C LEU A 251 5.88 -10.95 -30.78
N ALA A 252 5.82 -11.68 -31.90
CA ALA A 252 4.77 -11.48 -32.90
C ALA A 252 3.64 -12.40 -32.52
N LEU A 253 2.82 -11.93 -31.58
CA LEU A 253 1.75 -12.73 -31.02
C LEU A 253 0.64 -12.94 -32.04
N ARG A 254 0.39 -14.20 -32.41
CA ARG A 254 -0.66 -14.57 -33.36
C ARG A 254 -1.78 -15.43 -32.78
N GLY A 255 -1.62 -15.91 -31.56
CA GLY A 255 -2.72 -16.63 -30.95
C GLY A 255 -2.46 -17.05 -29.53
N VAL A 256 -3.52 -17.56 -28.89
CA VAL A 256 -3.39 -18.26 -27.60
C VAL A 256 -3.98 -19.65 -27.68
N ALA A 257 -3.49 -20.54 -26.85
CA ALA A 257 -4.00 -21.91 -26.78
C ALA A 257 -4.23 -22.27 -25.33
N GLY A 258 -5.32 -22.97 -25.06
CA GLY A 258 -5.63 -23.28 -23.67
C GLY A 258 -6.74 -24.26 -23.55
N SER A 259 -7.17 -24.46 -22.32
CA SER A 259 -8.09 -25.50 -21.93
C SER A 259 -9.24 -24.87 -21.09
N LEU A 260 -10.36 -25.58 -21.00
CA LEU A 260 -11.61 -25.05 -20.41
C LEU A 260 -12.18 -25.93 -19.27
N GLY A 261 -12.34 -25.31 -18.11
CA GLY A 261 -13.05 -25.93 -16.98
C GLY A 261 -14.27 -25.09 -16.77
N THR A 262 -14.13 -24.01 -15.99
CA THR A 262 -15.17 -22.99 -15.87
C THR A 262 -15.16 -22.09 -17.08
N SER A 263 -13.99 -22.00 -17.71
CA SER A 263 -13.73 -21.19 -18.91
C SER A 263 -13.19 -19.81 -18.60
N GLY A 264 -12.96 -19.54 -17.32
CA GLY A 264 -12.51 -18.23 -16.86
C GLY A 264 -11.24 -17.65 -17.46
N HIS A 265 -10.19 -18.48 -17.60
CA HIS A 265 -8.86 -17.99 -17.98
C HIS A 265 -8.67 -17.81 -19.48
N MET A 266 -9.16 -18.74 -20.28
CA MET A 266 -9.05 -18.58 -21.73
C MET A 266 -10.04 -17.57 -22.34
N SER A 267 -11.25 -17.48 -21.80
CA SER A 267 -12.18 -16.35 -22.05
C SER A 267 -11.52 -14.96 -21.77
N ALA A 268 -10.88 -14.85 -20.60
CA ALA A 268 -10.13 -13.63 -20.31
C ALA A 268 -8.99 -13.40 -21.29
N ALA A 269 -8.13 -14.39 -21.55
CA ALA A 269 -6.99 -14.18 -22.46
C ALA A 269 -7.54 -13.76 -23.81
N ALA A 270 -8.48 -14.55 -24.33
CA ALA A 270 -9.04 -14.32 -25.67
C ALA A 270 -9.69 -12.95 -25.81
N PHE A 271 -10.60 -12.59 -24.89
CA PHE A 271 -11.27 -11.34 -24.89
C PHE A 271 -10.33 -10.14 -24.83
N TYR A 272 -9.40 -10.19 -23.87
CA TYR A 272 -8.41 -9.15 -23.68
C TYR A 272 -7.55 -9.03 -24.94
N LEU A 273 -6.97 -10.14 -25.35
CA LEU A 273 -6.03 -10.14 -26.47
C LEU A 273 -6.78 -9.66 -27.72
N GLN A 274 -7.97 -10.23 -27.98
CA GLN A 274 -8.81 -9.85 -29.13
C GLN A 274 -9.42 -8.46 -29.14
N SER A 275 -9.50 -7.84 -27.97
CA SER A 275 -9.66 -6.38 -27.87
C SER A 275 -8.51 -5.61 -28.49
N VAL A 276 -7.29 -6.07 -28.19
CA VAL A 276 -6.07 -5.40 -28.69
C VAL A 276 -5.89 -5.63 -30.19
N ASP A 277 -6.16 -6.86 -30.63
CA ASP A 277 -5.93 -7.26 -32.01
C ASP A 277 -6.89 -8.41 -32.29
N PRO A 278 -7.99 -8.11 -33.00
CA PRO A 278 -9.02 -9.09 -33.26
C PRO A 278 -8.65 -10.36 -34.01
N SER A 279 -7.53 -10.37 -34.74
CA SER A 279 -7.11 -11.56 -35.49
C SER A 279 -6.57 -12.68 -34.60
N ILE A 280 -6.13 -12.34 -33.38
CA ILE A 280 -5.50 -13.30 -32.49
C ILE A 280 -6.47 -14.47 -32.28
N ARG A 281 -6.03 -15.66 -32.65
CA ARG A 281 -6.80 -16.87 -32.50
C ARG A 281 -6.83 -17.27 -31.03
N ALA A 282 -7.96 -17.77 -30.56
CA ALA A 282 -7.97 -18.58 -29.35
C ALA A 282 -8.22 -20.04 -29.75
N VAL A 283 -7.17 -20.87 -29.68
CA VAL A 283 -7.28 -22.31 -29.87
C VAL A 283 -7.61 -23.01 -28.55
N LEU A 284 -8.79 -23.59 -28.46
CA LEU A 284 -9.31 -24.13 -27.21
C LEU A 284 -9.54 -25.62 -27.34
N VAL A 285 -9.33 -26.36 -26.25
CA VAL A 285 -9.46 -27.81 -26.26
C VAL A 285 -10.88 -28.24 -25.93
N GLN A 286 -11.34 -29.24 -26.66
CA GLN A 286 -12.55 -29.98 -26.36
C GLN A 286 -12.10 -31.40 -26.03
N PRO A 287 -12.07 -31.78 -24.74
CA PRO A 287 -11.73 -33.18 -24.43
C PRO A 287 -12.63 -34.13 -25.22
N ALA A 288 -12.07 -35.22 -25.73
CA ALA A 288 -12.83 -36.16 -26.56
C ALA A 288 -13.91 -36.88 -25.75
N GLN A 289 -14.95 -37.32 -26.44
CA GLN A 289 -16.14 -37.93 -25.84
C GLN A 289 -15.77 -39.28 -25.25
N GLY A 290 -16.22 -39.53 -24.01
CA GLY A 290 -15.80 -40.72 -23.24
C GLY A 290 -14.59 -40.48 -22.36
N ASP A 291 -13.61 -39.74 -22.89
CA ASP A 291 -12.38 -39.44 -22.16
C ASP A 291 -12.55 -38.38 -21.08
N SER A 292 -11.69 -38.50 -20.07
CA SER A 292 -11.61 -37.61 -18.92
C SER A 292 -10.21 -37.05 -18.90
N ILE A 293 -10.08 -35.73 -18.93
CA ILE A 293 -8.81 -35.06 -18.70
C ILE A 293 -9.03 -34.20 -17.44
N PRO A 294 -8.25 -34.43 -16.37
CA PRO A 294 -8.54 -33.81 -15.08
C PRO A 294 -8.40 -32.29 -15.12
N GLY A 295 -9.40 -31.60 -14.57
CA GLY A 295 -9.44 -30.15 -14.52
C GLY A 295 -10.26 -29.53 -15.64
N ILE A 296 -10.58 -30.31 -16.69
CA ILE A 296 -11.25 -29.72 -17.86
C ILE A 296 -12.43 -30.52 -18.45
N ALA A 297 -13.15 -29.91 -19.39
CA ALA A 297 -14.40 -30.46 -19.91
C ALA A 297 -14.79 -29.89 -21.26
N ARG A 298 -15.83 -30.50 -21.83
CA ARG A 298 -16.44 -30.05 -23.08
C ARG A 298 -17.26 -28.77 -22.84
N VAL A 299 -17.24 -27.86 -23.82
CA VAL A 299 -17.95 -26.57 -23.76
C VAL A 299 -19.45 -26.75 -23.45
N GLU A 300 -20.09 -27.64 -24.19
CA GLU A 300 -21.55 -27.83 -24.08
C GLU A 300 -22.07 -28.36 -22.74
N THR A 301 -21.16 -28.73 -21.81
CA THR A 301 -21.57 -29.04 -20.43
C THR A 301 -21.85 -27.77 -19.58
N GLY A 302 -21.76 -26.58 -20.19
CA GLY A 302 -22.19 -25.34 -19.55
C GLY A 302 -21.00 -24.57 -19.01
N MET A 303 -20.68 -23.45 -19.68
CA MET A 303 -19.58 -22.56 -19.30
C MET A 303 -20.06 -21.14 -19.45
N LEU A 304 -19.79 -20.28 -18.48
CA LEU A 304 -20.40 -18.93 -18.52
C LEU A 304 -19.76 -18.09 -19.61
N TRP A 305 -18.49 -17.73 -19.45
CA TRP A 305 -17.94 -16.60 -20.24
C TRP A 305 -17.60 -16.95 -21.69
N ILE A 306 -17.18 -18.18 -21.94
CA ILE A 306 -16.73 -18.61 -23.28
C ILE A 306 -17.86 -18.60 -24.32
N ASN A 307 -19.10 -18.79 -23.86
CA ASN A 307 -20.31 -18.58 -24.66
C ASN A 307 -20.70 -17.11 -24.80
N MET A 308 -20.98 -16.47 -23.66
CA MET A 308 -21.70 -15.20 -23.66
C MET A 308 -20.89 -14.01 -24.14
N LEU A 309 -19.58 -14.03 -23.91
CA LEU A 309 -18.74 -12.91 -24.33
C LEU A 309 -18.44 -13.08 -25.80
N ASP A 310 -18.07 -11.99 -26.44
CA ASP A 310 -17.95 -11.91 -27.88
C ASP A 310 -16.49 -12.23 -28.26
N ILE A 311 -16.23 -13.53 -28.37
CA ILE A 311 -14.90 -14.15 -28.38
C ILE A 311 -14.79 -15.07 -29.59
N SER A 312 -13.82 -14.83 -30.47
CA SER A 312 -13.52 -15.75 -31.57
C SER A 312 -12.59 -16.85 -31.09
N TYR A 313 -13.05 -18.10 -31.24
CA TYR A 313 -12.27 -19.24 -30.87
C TYR A 313 -12.55 -20.44 -31.74
N THR A 314 -11.55 -21.30 -31.83
CA THR A 314 -11.63 -22.56 -32.53
C THR A 314 -11.43 -23.66 -31.49
N LEU A 315 -12.02 -24.82 -31.77
CA LEU A 315 -11.84 -25.97 -30.92
C LEU A 315 -11.06 -27.04 -31.69
N ALA A 316 -10.34 -27.85 -30.92
CA ALA A 316 -9.65 -29.03 -31.41
C ALA A 316 -9.96 -30.15 -30.43
N GLU A 317 -10.30 -31.33 -30.96
CA GLU A 317 -10.59 -32.51 -30.14
C GLU A 317 -9.28 -33.16 -29.71
N VAL A 318 -9.18 -33.56 -28.44
CA VAL A 318 -7.97 -34.19 -27.91
C VAL A 318 -8.35 -35.24 -26.87
N THR A 319 -7.88 -36.47 -27.09
CA THR A 319 -8.09 -37.57 -26.15
C THR A 319 -7.14 -37.42 -24.98
N LEU A 320 -7.38 -38.16 -23.90
CA LEU A 320 -6.47 -38.20 -22.76
C LEU A 320 -5.11 -38.71 -23.22
N GLU A 321 -5.12 -39.92 -23.78
CA GLU A 321 -3.94 -40.51 -24.40
C GLU A 321 -3.14 -39.46 -25.21
N GLU A 322 -3.81 -38.65 -26.01
CA GLU A 322 -3.12 -37.56 -26.75
C GLU A 322 -2.55 -36.41 -25.89
N ALA A 323 -3.30 -36.00 -24.87
CA ALA A 323 -2.78 -35.04 -23.88
C ALA A 323 -1.53 -35.63 -23.18
N MET A 324 -1.54 -36.95 -23.00
CA MET A 324 -0.46 -37.60 -22.29
C MET A 324 0.79 -37.77 -23.15
N GLU A 325 0.58 -38.10 -24.43
CA GLU A 325 1.68 -38.08 -25.41
C GLU A 325 2.44 -36.75 -25.34
N ALA A 326 1.68 -35.67 -25.29
CA ALA A 326 2.22 -34.32 -25.42
C ALA A 326 2.94 -33.92 -24.15
N VAL A 327 2.41 -34.29 -22.98
CA VAL A 327 3.15 -34.14 -21.73
C VAL A 327 4.55 -34.69 -21.92
N VAL A 328 4.62 -35.99 -22.24
CA VAL A 328 5.83 -36.73 -22.47
C VAL A 328 6.82 -35.99 -23.39
N GLU A 329 6.34 -35.39 -24.50
CA GLU A 329 7.22 -34.75 -25.49
C GLU A 329 7.69 -33.36 -25.03
N VAL A 330 6.89 -32.64 -24.27
CA VAL A 330 7.32 -31.38 -23.67
C VAL A 330 8.35 -31.70 -22.61
N ALA A 331 8.15 -32.80 -21.87
CA ALA A 331 9.16 -33.24 -20.90
C ALA A 331 10.50 -33.57 -21.56
N ARG A 332 10.45 -34.21 -22.71
CA ARG A 332 11.66 -34.57 -23.44
C ARG A 332 12.25 -33.38 -24.21
N SER A 333 11.41 -32.47 -24.67
CA SER A 333 11.95 -31.31 -25.34
C SER A 333 12.53 -30.34 -24.29
N ASP A 334 11.69 -29.88 -23.39
CA ASP A 334 12.07 -28.74 -22.52
C ASP A 334 12.50 -29.16 -21.11
N GLY A 335 12.35 -30.44 -20.77
CA GLY A 335 12.61 -30.89 -19.40
C GLY A 335 11.60 -30.39 -18.38
N LEU A 336 10.54 -29.71 -18.84
CA LEU A 336 9.47 -29.20 -17.97
C LEU A 336 8.28 -30.18 -17.95
N VAL A 337 7.83 -30.55 -16.77
CA VAL A 337 6.83 -31.59 -16.60
C VAL A 337 5.47 -30.89 -16.42
N ILE A 338 4.62 -30.92 -17.44
CA ILE A 338 3.30 -30.25 -17.39
C ILE A 338 2.15 -31.18 -16.98
N GLY A 339 1.02 -30.58 -16.58
CA GLY A 339 -0.19 -31.34 -16.27
C GLY A 339 -0.91 -31.86 -17.51
N PRO A 340 -1.79 -32.86 -17.32
CA PRO A 340 -2.66 -33.31 -18.40
C PRO A 340 -3.26 -32.18 -19.24
N SER A 341 -3.83 -31.16 -18.58
CA SER A 341 -4.59 -30.14 -19.29
C SER A 341 -3.68 -29.21 -20.12
N GLY A 342 -2.45 -29.00 -19.63
CA GLY A 342 -1.38 -28.32 -20.41
C GLY A 342 -1.00 -29.05 -21.70
N GLY A 343 -0.89 -30.37 -21.61
CA GLY A 343 -0.54 -31.20 -22.76
C GLY A 343 -1.65 -31.21 -23.78
N ALA A 344 -2.88 -31.29 -23.27
CA ALA A 344 -4.07 -31.11 -24.09
C ALA A 344 -4.03 -29.82 -24.93
N ALA A 345 -3.62 -28.70 -24.33
CA ALA A 345 -3.53 -27.42 -25.08
C ALA A 345 -2.35 -27.36 -26.06
N VAL A 346 -1.25 -28.01 -25.69
CA VAL A 346 -0.10 -28.12 -26.57
C VAL A 346 -0.54 -28.94 -27.78
N LYS A 347 -1.13 -30.12 -27.51
CA LYS A 347 -1.64 -30.98 -28.56
C LYS A 347 -2.58 -30.25 -29.48
N ALA A 348 -3.54 -29.53 -28.87
CA ALA A 348 -4.63 -28.88 -29.58
C ALA A 348 -4.11 -27.88 -30.59
N LEU A 349 -3.17 -27.05 -30.15
CA LEU A 349 -2.44 -26.13 -31.02
C LEU A 349 -1.60 -26.89 -32.06
N ALA A 350 -0.90 -27.94 -31.62
CA ALA A 350 -0.09 -28.72 -32.57
C ALA A 350 -0.90 -29.22 -33.78
N LYS A 351 -2.19 -29.50 -33.58
CA LYS A 351 -3.09 -29.93 -34.67
C LYS A 351 -3.49 -28.82 -35.62
N LYS A 352 -3.96 -27.70 -35.08
CA LYS A 352 -4.29 -26.55 -35.92
C LYS A 352 -3.06 -26.13 -36.72
N ALA A 353 -1.89 -26.19 -36.09
CA ALA A 353 -0.62 -25.97 -36.76
C ALA A 353 -0.40 -26.96 -37.90
N ALA A 354 -0.58 -28.25 -37.63
CA ALA A 354 -0.42 -29.26 -38.67
C ALA A 354 -1.40 -28.98 -39.82
N GLU A 355 -2.67 -28.80 -39.48
CA GLU A 355 -3.74 -28.57 -40.45
C GLU A 355 -3.51 -27.42 -41.45
N GLY A 356 -2.72 -26.41 -41.07
CA GLY A 356 -2.49 -25.24 -41.93
C GLY A 356 -3.43 -24.09 -41.59
N ASP A 357 -4.21 -24.29 -40.52
CA ASP A 357 -5.19 -23.32 -40.05
C ASP A 357 -4.58 -22.07 -39.36
N LEU A 358 -3.27 -22.06 -39.09
CA LEU A 358 -2.61 -21.01 -38.28
C LEU A 358 -1.50 -20.23 -38.98
N GLU A 359 -1.45 -18.92 -38.74
CA GLU A 359 -0.39 -18.05 -39.27
C GLU A 359 0.99 -18.42 -38.69
N PRO A 360 2.08 -18.08 -39.41
CA PRO A 360 3.37 -18.23 -38.74
C PRO A 360 3.55 -17.12 -37.72
N GLY A 361 4.15 -17.45 -36.58
CA GLY A 361 4.39 -16.48 -35.53
C GLY A 361 4.32 -17.11 -34.16
N ASP A 362 4.27 -16.26 -33.15
CA ASP A 362 4.29 -16.69 -31.75
C ASP A 362 2.90 -16.98 -31.19
N TYR A 363 2.76 -18.14 -30.56
CA TYR A 363 1.54 -18.50 -29.88
C TYR A 363 1.90 -18.66 -28.42
N VAL A 364 1.01 -18.28 -27.54
CA VAL A 364 1.18 -18.54 -26.11
C VAL A 364 0.19 -19.57 -25.73
N VAL A 365 0.68 -20.70 -25.20
CA VAL A 365 -0.13 -21.65 -24.49
C VAL A 365 -0.08 -21.37 -22.99
N VAL A 366 -1.23 -21.52 -22.33
CA VAL A 366 -1.35 -21.39 -20.88
C VAL A 366 -1.39 -22.78 -20.31
N VAL A 367 -0.44 -23.07 -19.42
CA VAL A 367 -0.26 -24.42 -18.88
C VAL A 367 -0.74 -24.36 -17.44
N PRO A 368 -1.88 -25.02 -17.15
CA PRO A 368 -2.56 -24.76 -15.86
C PRO A 368 -1.88 -25.27 -14.60
N ASP A 369 -1.10 -26.33 -14.71
CA ASP A 369 -0.44 -26.91 -13.54
C ASP A 369 0.74 -27.82 -13.87
N THR A 370 1.37 -28.31 -12.79
CA THR A 370 2.50 -29.21 -12.83
C THR A 370 2.05 -30.66 -12.96
N GLY A 371 2.76 -31.39 -13.81
CA GLY A 371 2.55 -32.80 -14.02
C GLY A 371 2.92 -33.68 -12.86
N PHE A 372 3.62 -33.09 -11.86
CA PHE A 372 4.06 -33.78 -10.65
C PHE A 372 2.86 -34.26 -9.81
N LYS A 373 1.69 -33.64 -10.01
CA LYS A 373 0.45 -34.01 -9.33
C LYS A 373 -0.36 -35.12 -10.03
N TYR A 374 0.22 -35.76 -11.05
CA TYR A 374 -0.53 -36.65 -11.94
C TYR A 374 0.25 -37.92 -12.25
N LEU A 375 0.74 -38.56 -11.20
CA LEU A 375 1.69 -39.66 -11.35
C LEU A 375 1.04 -40.85 -12.09
N SER A 376 -0.22 -41.17 -11.76
CA SER A 376 -0.95 -42.27 -12.40
C SER A 376 -1.02 -42.11 -13.92
N LEU A 377 -1.44 -40.93 -14.35
CA LEU A 377 -1.57 -40.65 -15.79
C LEU A 377 -0.21 -40.58 -16.46
N VAL A 378 0.82 -40.24 -15.68
CA VAL A 378 2.20 -40.31 -16.15
C VAL A 378 2.56 -41.79 -16.32
N GLN A 379 2.39 -42.58 -15.26
CA GLN A 379 2.68 -44.02 -15.29
C GLN A 379 2.01 -44.70 -16.48
N ASN A 380 0.71 -44.45 -16.66
CA ASN A 380 -0.07 -45.18 -17.68
C ASN A 380 0.30 -44.80 -19.11
N ALA A 381 0.72 -43.55 -19.29
CA ALA A 381 1.18 -43.05 -20.60
C ALA A 381 2.56 -43.55 -21.02
N LEU A 382 3.33 -44.10 -20.08
CA LEU A 382 4.59 -44.75 -20.43
C LEU A 382 4.39 -46.25 -20.82
N GLU A 383 3.38 -46.92 -20.27
CA GLU A 383 3.25 -48.39 -20.35
C GLU A 383 2.07 -48.91 -21.18
N ALA B 2 39.87 -1.34 -13.63
CA ALA B 2 38.74 -1.42 -14.61
C ALA B 2 38.12 -2.82 -14.58
N LEU B 3 37.02 -3.00 -15.30
CA LEU B 3 36.24 -4.23 -15.19
C LEU B 3 36.07 -4.89 -16.53
N ALA B 4 36.16 -6.22 -16.55
CA ALA B 4 35.97 -6.99 -17.77
C ALA B 4 35.02 -8.14 -17.52
N ASP B 5 34.05 -8.26 -18.42
CA ASP B 5 33.15 -9.41 -18.54
C ASP B 5 33.89 -10.72 -18.16
N ILE B 6 33.51 -11.34 -17.04
CA ILE B 6 34.19 -12.58 -16.60
C ILE B 6 34.02 -13.76 -17.57
N SER B 7 32.98 -13.75 -18.39
CA SER B 7 32.77 -14.88 -19.34
C SER B 7 34.03 -15.19 -20.19
N GLY B 8 34.83 -14.17 -20.51
CA GLY B 8 36.11 -14.38 -21.21
C GLY B 8 37.26 -14.98 -20.41
N TYR B 9 37.08 -15.28 -19.13
CA TYR B 9 38.11 -15.93 -18.31
C TYR B 9 37.67 -17.28 -17.73
N LEU B 10 36.48 -17.76 -18.10
CA LEU B 10 35.91 -18.97 -17.48
C LEU B 10 36.58 -20.30 -17.79
N ASP B 11 37.60 -20.31 -18.65
CA ASP B 11 38.45 -21.51 -18.74
C ASP B 11 39.10 -21.92 -17.40
N VAL B 12 39.26 -20.98 -16.45
CA VAL B 12 39.72 -21.34 -15.08
C VAL B 12 38.88 -22.43 -14.43
N LEU B 13 37.60 -22.50 -14.78
CA LEU B 13 36.72 -23.57 -14.29
C LEU B 13 37.32 -24.95 -14.60
N ASP B 14 37.86 -25.14 -15.80
CA ASP B 14 38.43 -26.44 -16.20
C ASP B 14 39.82 -26.76 -15.62
N SER B 15 40.63 -25.74 -15.30
CA SER B 15 41.98 -25.99 -14.79
C SER B 15 42.15 -25.93 -13.26
N VAL B 16 41.27 -25.20 -12.56
CA VAL B 16 41.48 -24.93 -11.13
C VAL B 16 40.92 -26.07 -10.31
N ARG B 17 41.74 -26.54 -9.39
CA ARG B 17 41.40 -27.72 -8.62
C ARG B 17 41.64 -27.37 -7.17
N GLY B 18 40.92 -28.04 -6.29
CA GLY B 18 41.22 -27.95 -4.86
C GLY B 18 40.37 -26.88 -4.24
N PHE B 19 40.48 -26.75 -2.92
CA PHE B 19 39.77 -25.72 -2.14
C PHE B 19 40.63 -24.52 -1.70
N SER B 20 41.89 -24.44 -2.11
CA SER B 20 42.70 -23.29 -1.68
C SER B 20 42.07 -21.96 -2.17
N TYR B 21 41.45 -22.00 -3.36
CA TYR B 21 40.83 -20.82 -3.98
C TYR B 21 39.74 -20.20 -3.08
N LEU B 22 39.10 -21.01 -2.24
CA LEU B 22 38.01 -20.54 -1.38
C LEU B 22 38.49 -19.61 -0.26
N GLU B 23 39.79 -19.56 -0.01
CA GLU B 23 40.36 -18.52 0.86
C GLU B 23 40.18 -17.15 0.19
N ASN B 24 40.26 -17.07 -1.14
CA ASN B 24 40.06 -15.81 -1.85
C ASN B 24 38.59 -15.37 -1.87
N ALA B 25 37.71 -16.33 -2.15
CA ALA B 25 36.30 -16.13 -2.05
C ALA B 25 35.91 -15.54 -0.70
N ARG B 26 36.49 -16.02 0.41
CA ARG B 26 36.01 -15.57 1.75
C ARG B 26 36.50 -14.13 2.11
N GLU B 27 37.67 -13.74 1.56
CA GLU B 27 38.31 -12.43 1.83
C GLU B 27 37.72 -11.26 1.02
N VAL B 28 37.48 -11.51 -0.27
CA VAL B 28 36.66 -10.62 -1.08
C VAL B 28 35.27 -10.42 -0.43
N LEU B 29 34.63 -11.52 -0.03
CA LEU B 29 33.34 -11.43 0.64
C LEU B 29 33.45 -10.72 2.00
N ARG B 30 34.57 -10.85 2.70
CA ARG B 30 34.70 -10.27 4.05
C ARG B 30 35.01 -8.79 3.89
N SER B 31 36.09 -8.50 3.18
CA SER B 31 36.49 -7.13 2.83
C SER B 31 35.45 -6.40 1.94
N GLY B 32 34.57 -7.14 1.24
CA GLY B 32 33.60 -6.53 0.33
C GLY B 32 34.21 -5.95 -0.94
N GLU B 33 35.47 -6.29 -1.22
CA GLU B 33 36.16 -5.83 -2.44
C GLU B 33 37.15 -6.86 -2.94
N ALA B 34 37.56 -6.73 -4.20
CA ALA B 34 38.64 -7.51 -4.79
C ALA B 34 39.63 -6.56 -5.47
N ARG B 35 40.92 -6.91 -5.48
CA ARG B 35 41.97 -6.03 -6.07
C ARG B 35 42.18 -6.32 -7.54
N CYS B 36 42.49 -5.28 -8.32
CA CYS B 36 42.68 -5.44 -9.75
C CYS B 36 43.89 -6.33 -10.07
N LEU B 37 43.73 -7.15 -11.10
CA LEU B 37 44.75 -8.08 -11.53
C LEU B 37 45.38 -7.54 -12.82
N GLY B 38 46.69 -7.29 -12.76
CA GLY B 38 47.47 -7.00 -13.96
C GLY B 38 47.52 -8.19 -14.91
N ASN B 39 47.55 -9.40 -14.35
CA ASN B 39 47.63 -10.62 -15.16
C ASN B 39 46.62 -11.66 -14.67
N PRO B 40 45.30 -11.38 -14.86
CA PRO B 40 44.20 -12.19 -14.27
C PRO B 40 44.28 -13.68 -14.55
N ARG B 41 44.73 -14.04 -15.73
CA ARG B 41 44.92 -15.45 -16.10
C ARG B 41 46.04 -16.14 -15.35
N SER B 42 47.05 -15.39 -14.93
CA SER B 42 48.09 -15.94 -14.05
C SER B 42 47.63 -16.02 -12.58
N GLU B 43 46.39 -15.59 -12.30
CA GLU B 43 45.73 -15.80 -11.01
C GLU B 43 44.43 -16.50 -11.30
N PRO B 44 44.52 -17.75 -11.77
CA PRO B 44 43.26 -18.41 -12.06
C PRO B 44 42.42 -18.61 -10.78
N GLU B 45 43.07 -18.88 -9.66
CA GLU B 45 42.35 -19.26 -8.44
C GLU B 45 41.55 -18.09 -7.91
N TYR B 46 42.15 -16.90 -7.94
CA TYR B 46 41.44 -15.63 -7.76
C TYR B 46 40.24 -15.43 -8.70
N VAL B 47 40.46 -15.45 -10.02
CA VAL B 47 39.33 -15.39 -10.95
C VAL B 47 38.18 -16.35 -10.54
N LYS B 48 38.51 -17.56 -10.11
CA LYS B 48 37.45 -18.52 -9.79
C LYS B 48 36.70 -18.15 -8.47
N ALA B 49 37.42 -17.57 -7.53
CA ALA B 49 36.80 -17.10 -6.29
C ALA B 49 35.77 -16.02 -6.60
N LEU B 50 36.08 -15.14 -7.54
CA LEU B 50 35.15 -14.10 -7.99
C LEU B 50 33.91 -14.71 -8.66
N TYR B 51 34.10 -15.72 -9.52
CA TYR B 51 32.96 -16.46 -10.12
C TYR B 51 32.14 -17.24 -9.07
N VAL B 52 32.81 -17.93 -8.17
CA VAL B 52 32.12 -18.79 -7.23
C VAL B 52 31.18 -17.98 -6.33
N ILE B 53 31.53 -16.72 -6.02
CA ILE B 53 30.72 -15.83 -5.22
C ILE B 53 29.63 -15.04 -5.99
N GLY B 54 29.66 -15.11 -7.33
CA GLY B 54 28.60 -14.57 -8.16
C GLY B 54 28.94 -13.29 -8.87
N ALA B 55 30.23 -12.97 -8.94
CA ALA B 55 30.66 -11.81 -9.71
C ALA B 55 30.49 -12.15 -11.18
N SER B 56 30.10 -11.13 -11.94
CA SER B 56 30.01 -11.24 -13.41
C SER B 56 31.15 -10.52 -14.14
N ARG B 57 31.98 -9.81 -13.37
CA ARG B 57 33.07 -9.00 -13.88
C ARG B 57 34.33 -9.23 -13.02
N ILE B 58 35.50 -9.03 -13.61
CA ILE B 58 36.75 -9.15 -12.88
C ILE B 58 37.52 -7.83 -12.88
N PRO B 59 38.11 -7.47 -11.74
CA PRO B 59 38.91 -6.27 -11.68
C PRO B 59 40.20 -6.50 -12.44
N VAL B 60 40.42 -5.68 -13.46
CA VAL B 60 41.60 -5.72 -14.33
C VAL B 60 42.28 -4.34 -14.24
N GLY B 61 43.61 -4.34 -14.35
CA GLY B 61 44.40 -3.12 -14.21
C GLY B 61 45.44 -3.28 -13.11
N ASP B 62 46.11 -2.17 -12.79
CA ASP B 62 47.28 -2.16 -11.92
C ASP B 62 47.14 -1.11 -10.81
N GLY B 63 46.79 -1.56 -9.60
CA GLY B 63 46.67 -0.68 -8.42
C GLY B 63 45.27 -0.52 -7.83
N CYS B 64 44.27 -0.39 -8.72
CA CYS B 64 42.84 -0.24 -8.37
C CYS B 64 42.22 -1.42 -7.58
N SER B 65 40.96 -1.24 -7.20
CA SER B 65 40.12 -2.28 -6.60
C SER B 65 38.63 -2.00 -6.85
N HIS B 66 37.80 -3.03 -6.71
CA HIS B 66 36.40 -2.92 -7.03
C HIS B 66 35.51 -3.68 -6.04
N THR B 67 34.38 -3.06 -5.73
CA THR B 67 33.37 -3.59 -4.81
C THR B 67 32.62 -4.80 -5.39
N LEU B 68 32.07 -5.63 -4.48
CA LEU B 68 31.08 -6.65 -4.87
C LEU B 68 30.02 -6.09 -5.84
N GLU B 69 29.49 -4.89 -5.55
CA GLU B 69 28.48 -4.31 -6.41
C GLU B 69 29.04 -3.97 -7.80
N GLU B 70 30.26 -3.43 -7.85
CA GLU B 70 30.91 -3.08 -9.15
C GLU B 70 31.29 -4.31 -9.96
N LEU B 71 31.53 -5.41 -9.26
CA LEU B 71 31.84 -6.72 -9.85
C LEU B 71 30.61 -7.55 -10.29
N GLY B 72 29.42 -7.01 -10.03
CA GLY B 72 28.18 -7.64 -10.39
C GLY B 72 27.65 -8.65 -9.39
N VAL B 73 28.22 -8.77 -8.18
CA VAL B 73 27.78 -9.82 -7.23
C VAL B 73 26.29 -9.68 -6.90
N PHE B 74 25.83 -8.44 -6.75
CA PHE B 74 24.42 -8.09 -6.46
C PHE B 74 23.46 -8.05 -7.66
N ASP B 75 23.96 -8.30 -8.86
CA ASP B 75 23.19 -8.09 -10.08
C ASP B 75 22.37 -9.34 -10.45
N ILE B 76 21.66 -9.88 -9.46
CA ILE B 76 20.82 -11.07 -9.66
C ILE B 76 19.37 -10.63 -9.46
N SER B 77 18.76 -10.24 -10.59
CA SER B 77 17.42 -9.70 -10.65
C SER B 77 16.60 -10.55 -11.58
N VAL B 78 15.39 -10.89 -11.17
CA VAL B 78 14.45 -11.54 -12.08
C VAL B 78 14.02 -10.49 -13.12
N PRO B 79 13.81 -10.91 -14.40
CA PRO B 79 13.30 -9.86 -15.32
C PRO B 79 11.88 -9.41 -14.99
N GLY B 80 11.66 -8.10 -14.99
CA GLY B 80 10.36 -7.54 -14.76
C GLY B 80 9.17 -8.08 -15.57
N GLU B 81 9.41 -8.65 -16.77
CA GLU B 81 8.33 -9.15 -17.65
C GLU B 81 8.27 -10.69 -17.78
N MET B 82 9.29 -11.38 -17.25
CA MET B 82 9.25 -12.81 -16.94
C MET B 82 9.07 -13.69 -18.17
N VAL B 83 9.74 -13.28 -19.26
CA VAL B 83 9.80 -13.92 -20.57
C VAL B 83 11.18 -14.52 -20.77
N PHE B 84 11.23 -15.85 -20.95
CA PHE B 84 12.48 -16.58 -21.13
C PHE B 84 12.49 -17.19 -22.52
N PRO B 85 13.57 -16.94 -23.31
CA PRO B 85 13.66 -17.45 -24.70
C PRO B 85 14.04 -18.93 -24.84
N SER B 86 14.40 -19.58 -23.73
CA SER B 86 14.50 -21.04 -23.70
C SER B 86 14.35 -21.58 -22.28
N PRO B 87 14.22 -22.92 -22.15
CA PRO B 87 14.20 -23.50 -20.80
C PRO B 87 15.46 -23.28 -19.94
N LEU B 88 16.67 -23.26 -20.54
CA LEU B 88 17.89 -23.02 -19.79
C LEU B 88 18.03 -21.57 -19.48
N ASP B 89 17.64 -20.70 -20.43
CA ASP B 89 17.48 -19.29 -20.09
C ASP B 89 16.53 -19.06 -18.90
N PHE B 90 15.41 -19.79 -18.81
CA PHE B 90 14.49 -19.74 -17.64
C PHE B 90 15.18 -20.22 -16.37
N PHE B 91 15.76 -21.41 -16.36
CA PHE B 91 16.52 -21.89 -15.19
C PHE B 91 17.54 -20.82 -14.76
N GLU B 92 18.30 -20.27 -15.69
CA GLU B 92 19.34 -19.30 -15.29
C GLU B 92 18.75 -17.96 -14.81
N ARG B 93 17.78 -17.43 -15.53
CA ARG B 93 17.36 -16.04 -15.31
C ARG B 93 16.11 -15.85 -14.44
N GLY B 94 15.36 -16.92 -14.16
CA GLY B 94 14.26 -16.85 -13.22
C GLY B 94 14.72 -16.99 -11.78
N LYS B 95 15.61 -16.11 -11.33
CA LYS B 95 16.23 -16.16 -10.00
C LYS B 95 16.37 -14.70 -9.52
N PRO B 96 16.32 -14.44 -8.21
CA PRO B 96 16.41 -15.46 -7.19
C PRO B 96 15.12 -16.23 -7.00
N THR B 97 15.22 -17.43 -6.49
CA THR B 97 14.00 -18.09 -6.02
C THR B 97 13.35 -17.20 -4.90
N PRO B 98 12.07 -17.42 -4.54
CA PRO B 98 11.36 -16.60 -3.57
C PRO B 98 11.81 -16.63 -2.09
N LEU B 99 11.99 -15.45 -1.50
CA LEU B 99 12.15 -15.29 -0.06
C LEU B 99 10.88 -14.66 0.45
N VAL B 100 10.07 -15.45 1.18
CA VAL B 100 8.75 -15.08 1.64
C VAL B 100 8.74 -15.13 3.19
N ARG B 101 8.40 -14.02 3.86
CA ARG B 101 8.24 -14.02 5.34
C ARG B 101 7.10 -14.98 5.75
N SER B 102 7.37 -15.84 6.72
CA SER B 102 6.35 -16.65 7.37
C SER B 102 5.63 -15.90 8.50
N ARG B 103 4.35 -16.22 8.73
CA ARG B 103 3.64 -15.78 9.95
C ARG B 103 3.93 -16.69 11.17
N LEU B 104 4.78 -17.71 11.03
CA LEU B 104 5.11 -18.59 12.18
C LEU B 104 5.74 -17.79 13.31
N GLN B 105 5.38 -18.14 14.54
CA GLN B 105 5.85 -17.41 15.70
C GLN B 105 6.77 -18.27 16.55
N LEU B 106 8.06 -18.05 16.37
CA LEU B 106 9.08 -18.63 17.22
C LEU B 106 9.30 -17.75 18.45
N PRO B 107 9.93 -18.32 19.49
CA PRO B 107 10.25 -17.51 20.67
C PRO B 107 11.53 -16.76 20.46
N ASN B 108 11.73 -15.74 21.29
CA ASN B 108 12.98 -15.00 21.37
C ASN B 108 13.36 -14.30 20.06
N GLY B 109 12.41 -13.56 19.48
CA GLY B 109 12.68 -12.63 18.38
C GLY B 109 13.16 -13.22 17.06
N VAL B 110 12.84 -14.48 16.82
CA VAL B 110 13.39 -15.24 15.70
C VAL B 110 12.41 -15.24 14.54
N ARG B 111 12.68 -14.37 13.56
CA ARG B 111 11.77 -14.14 12.44
C ARG B 111 12.12 -15.11 11.32
N VAL B 112 11.16 -15.92 10.90
CA VAL B 112 11.39 -16.96 9.87
C VAL B 112 11.05 -16.42 8.47
N TRP B 113 11.99 -16.55 7.52
CA TRP B 113 11.73 -16.37 6.06
C TRP B 113 12.00 -17.67 5.33
N LEU B 114 11.07 -18.11 4.50
CA LEU B 114 11.24 -19.34 3.73
C LEU B 114 11.75 -18.97 2.35
N LYS B 115 12.84 -19.61 1.92
CA LYS B 115 13.30 -19.52 0.54
C LYS B 115 12.84 -20.82 -0.13
N LEU B 116 12.04 -20.68 -1.16
CA LEU B 116 11.28 -21.78 -1.70
C LEU B 116 11.99 -22.31 -2.96
N GLU B 117 12.71 -23.42 -2.81
CA GLU B 117 13.51 -23.99 -3.92
C GLU B 117 12.69 -24.83 -4.91
N TRP B 118 11.42 -25.09 -4.59
CA TRP B 118 10.55 -25.74 -5.56
C TRP B 118 10.25 -24.96 -6.83
N TYR B 119 10.60 -23.67 -6.80
CA TYR B 119 10.57 -22.71 -7.93
C TYR B 119 11.66 -22.88 -8.99
N ASN B 120 12.57 -23.83 -8.78
CA ASN B 120 13.39 -24.36 -9.85
C ASN B 120 12.56 -25.16 -10.83
N PRO B 121 12.87 -25.05 -12.14
CA PRO B 121 11.83 -25.39 -13.09
C PRO B 121 11.65 -26.86 -13.41
N PHE B 122 12.62 -27.70 -13.03
CA PHE B 122 12.74 -29.07 -13.55
C PHE B 122 12.33 -30.16 -12.54
N SER B 123 13.01 -30.17 -11.39
CA SER B 123 12.76 -31.12 -10.31
C SER B 123 11.78 -30.54 -9.30
N LEU B 124 11.44 -29.25 -9.47
CA LEU B 124 10.75 -28.47 -8.47
C LEU B 124 11.41 -28.76 -7.13
N SER B 125 12.69 -28.42 -7.07
CA SER B 125 13.53 -28.82 -5.96
C SER B 125 14.86 -28.11 -6.03
N VAL B 126 15.55 -28.11 -4.88
CA VAL B 126 16.86 -27.48 -4.79
C VAL B 126 17.92 -28.14 -5.66
N ALA B 127 17.66 -29.34 -6.18
CA ALA B 127 18.66 -30.12 -6.89
C ALA B 127 18.77 -29.84 -8.41
N ASP B 128 17.97 -28.92 -8.94
CA ASP B 128 18.23 -28.38 -10.28
C ASP B 128 19.59 -27.64 -10.35
N ARG B 129 19.96 -27.00 -9.26
CA ARG B 129 21.13 -26.12 -9.30
C ARG B 129 22.40 -26.93 -9.45
N PRO B 130 22.60 -28.01 -8.63
CA PRO B 130 23.80 -28.80 -8.94
C PRO B 130 23.73 -29.44 -10.32
N ALA B 131 22.56 -29.98 -10.68
CA ALA B 131 22.36 -30.68 -11.95
C ALA B 131 22.92 -29.85 -13.11
N VAL B 132 22.32 -28.69 -13.36
CA VAL B 132 22.77 -27.69 -14.35
C VAL B 132 24.30 -27.32 -14.27
N GLU B 133 24.90 -27.20 -13.07
CA GLU B 133 26.35 -26.73 -12.99
C GLU B 133 27.27 -27.89 -13.35
N ILE B 134 26.92 -29.06 -12.83
CA ILE B 134 27.67 -30.25 -13.16
C ILE B 134 27.61 -30.58 -14.65
N ILE B 135 26.41 -30.60 -15.24
CA ILE B 135 26.32 -30.97 -16.67
C ILE B 135 26.93 -29.88 -17.53
N SER B 136 26.45 -28.64 -17.39
CA SER B 136 27.09 -27.52 -18.10
C SER B 136 28.61 -27.67 -18.12
N ARG B 137 29.25 -27.80 -16.96
CA ARG B 137 30.73 -27.82 -16.97
C ARG B 137 31.36 -29.04 -17.63
N LEU B 138 30.70 -30.19 -17.56
CA LEU B 138 31.16 -31.38 -18.29
C LEU B 138 30.84 -31.29 -19.81
N SER B 139 30.08 -30.27 -20.24
CA SER B 139 29.36 -30.29 -21.53
C SER B 139 30.21 -30.00 -22.78
N ARG B 140 31.39 -29.41 -22.55
CA ARG B 140 32.38 -29.14 -23.58
C ARG B 140 33.37 -30.34 -23.71
N ARG B 141 33.54 -31.09 -22.62
CA ARG B 141 34.59 -32.11 -22.44
C ARG B 141 34.17 -33.58 -22.51
N VAL B 142 32.87 -33.86 -22.51
CA VAL B 142 32.36 -35.21 -22.73
C VAL B 142 31.56 -35.21 -24.00
N GLU B 143 31.55 -36.31 -24.74
CA GLU B 143 30.88 -36.38 -26.05
C GLU B 143 29.36 -36.43 -25.91
N LYS B 144 28.68 -35.57 -26.69
CA LYS B 144 27.22 -35.61 -26.78
C LYS B 144 26.80 -37.04 -27.01
N GLY B 145 25.66 -37.40 -26.43
CA GLY B 145 25.11 -38.75 -26.58
C GLY B 145 25.55 -39.74 -25.52
N SER B 146 26.73 -39.55 -24.93
CA SER B 146 27.18 -40.28 -23.71
C SER B 146 26.11 -40.38 -22.62
N LEU B 147 26.20 -41.42 -21.80
CA LEU B 147 25.29 -41.58 -20.67
C LEU B 147 25.96 -40.89 -19.47
N VAL B 148 25.18 -40.11 -18.72
CA VAL B 148 25.54 -39.69 -17.38
C VAL B 148 24.60 -40.31 -16.37
N ALA B 149 25.12 -40.54 -15.18
CA ALA B 149 24.42 -41.32 -14.20
C ALA B 149 24.86 -40.93 -12.80
N ASP B 150 23.96 -41.12 -11.83
CA ASP B 150 24.28 -40.97 -10.41
C ASP B 150 23.19 -41.62 -9.57
N ALA B 151 23.56 -41.81 -8.31
CA ALA B 151 22.67 -42.22 -7.23
C ALA B 151 21.91 -41.02 -6.67
N THR B 152 20.60 -41.19 -6.51
CA THR B 152 19.75 -40.14 -5.99
C THR B 152 18.80 -40.67 -4.93
N SER B 153 18.32 -39.75 -4.08
CA SER B 153 17.18 -40.00 -3.21
C SER B 153 15.85 -39.75 -3.94
N SER B 154 15.90 -38.97 -5.04
CA SER B 154 14.77 -38.67 -5.97
C SER B 154 15.02 -37.37 -6.77
N ASN B 155 15.02 -36.24 -6.05
CA ASN B 155 15.14 -34.96 -6.74
C ASN B 155 16.28 -34.87 -7.74
N PHE B 156 17.52 -35.18 -7.32
CA PHE B 156 18.70 -34.96 -8.14
C PHE B 156 18.64 -35.78 -9.42
N GLY B 157 18.13 -37.00 -9.29
CA GLY B 157 17.87 -37.86 -10.43
C GLY B 157 16.94 -37.26 -11.44
N VAL B 158 15.84 -36.64 -10.95
CA VAL B 158 14.93 -35.95 -11.85
C VAL B 158 15.63 -34.75 -12.52
N ALA B 159 16.29 -33.89 -11.73
CA ALA B 159 17.01 -32.72 -12.28
C ALA B 159 17.97 -33.21 -13.37
N LEU B 160 18.90 -34.09 -12.99
CA LEU B 160 19.85 -34.71 -13.95
C LEU B 160 19.19 -35.16 -15.26
N SER B 161 18.03 -35.78 -15.18
CA SER B 161 17.35 -36.32 -16.38
C SER B 161 16.84 -35.27 -17.32
N ALA B 162 16.30 -34.21 -16.72
CA ALA B 162 15.82 -33.06 -17.42
C ALA B 162 16.99 -32.28 -18.00
N VAL B 163 18.00 -31.99 -17.19
CA VAL B 163 19.13 -31.21 -17.69
C VAL B 163 19.94 -31.94 -18.79
N ALA B 164 20.13 -33.25 -18.64
CA ALA B 164 20.82 -34.06 -19.66
C ALA B 164 20.11 -33.99 -21.02
N ARG B 165 18.79 -34.02 -20.98
CA ARG B 165 18.00 -33.73 -22.16
C ARG B 165 18.34 -32.34 -22.73
N LEU B 166 18.42 -31.36 -21.86
CA LEU B 166 18.74 -30.03 -22.33
C LEU B 166 20.16 -29.80 -22.87
N TYR B 167 21.12 -30.66 -22.51
CA TYR B 167 22.49 -30.63 -23.02
C TYR B 167 22.91 -31.74 -23.98
N GLY B 168 22.04 -32.71 -24.29
CA GLY B 168 22.33 -33.73 -25.30
C GLY B 168 22.98 -34.99 -24.80
N TYR B 169 22.47 -35.50 -23.69
CA TYR B 169 23.08 -36.62 -22.97
C TYR B 169 21.92 -37.53 -22.54
N ARG B 170 22.11 -38.84 -22.54
CA ARG B 170 21.07 -39.74 -22.03
C ARG B 170 21.35 -39.78 -20.54
N ALA B 171 20.35 -39.99 -19.70
CA ALA B 171 20.61 -40.21 -18.28
C ALA B 171 20.16 -41.58 -17.92
N ARG B 172 20.74 -42.10 -16.86
CA ARG B 172 20.24 -43.24 -16.12
C ARG B 172 20.34 -42.79 -14.66
N VAL B 173 19.40 -43.20 -13.81
CA VAL B 173 19.39 -42.90 -12.37
C VAL B 173 19.29 -44.20 -11.56
N TYR B 174 19.88 -44.18 -10.35
CA TYR B 174 19.91 -45.27 -9.40
C TYR B 174 19.30 -44.79 -8.07
N LEU B 175 18.28 -45.50 -7.61
CA LEU B 175 17.54 -45.17 -6.38
C LEU B 175 17.40 -46.40 -5.50
N PRO B 176 17.31 -46.19 -4.17
CA PRO B 176 16.97 -47.27 -3.24
C PRO B 176 15.46 -47.51 -3.21
N GLY B 177 15.06 -48.68 -2.70
CA GLY B 177 13.64 -49.01 -2.57
C GLY B 177 12.84 -48.01 -1.75
N ALA B 178 13.51 -47.35 -0.81
CA ALA B 178 12.90 -46.37 0.09
C ALA B 178 12.60 -44.99 -0.51
N ALA B 179 12.94 -44.78 -1.80
CA ALA B 179 12.73 -43.49 -2.48
C ALA B 179 11.30 -43.29 -2.88
N GLU B 180 10.90 -42.01 -2.90
CA GLU B 180 9.55 -41.65 -3.30
C GLU B 180 9.29 -42.04 -4.71
N GLU B 181 8.02 -42.19 -5.02
CA GLU B 181 7.60 -42.75 -6.28
C GLU B 181 7.84 -41.82 -7.46
N PHE B 182 7.71 -40.51 -7.24
CA PHE B 182 8.04 -39.52 -8.32
C PHE B 182 9.51 -39.63 -8.76
N GLY B 183 10.38 -39.95 -7.82
CA GLY B 183 11.79 -40.15 -8.12
C GLY B 183 12.08 -41.38 -8.97
N LYS B 184 11.26 -42.41 -8.86
CA LYS B 184 11.42 -43.63 -9.69
C LYS B 184 10.74 -43.46 -11.05
N LEU B 185 9.73 -42.61 -11.10
CA LEU B 185 8.87 -42.50 -12.25
C LEU B 185 9.21 -41.32 -13.14
N LEU B 186 9.45 -40.14 -12.55
CA LEU B 186 9.61 -38.97 -13.37
C LEU B 186 10.83 -39.05 -14.27
N PRO B 187 11.97 -39.64 -13.80
CA PRO B 187 13.08 -39.78 -14.75
C PRO B 187 12.70 -40.55 -16.02
N ARG B 188 11.86 -41.59 -15.94
CA ARG B 188 11.39 -42.28 -17.18
C ARG B 188 10.58 -41.40 -18.11
N LEU B 189 9.74 -40.54 -17.55
CA LEU B 189 9.03 -39.51 -18.31
C LEU B 189 9.99 -38.56 -19.03
N LEU B 190 11.08 -38.22 -18.35
CA LEU B 190 12.10 -37.35 -18.96
C LEU B 190 13.06 -38.11 -19.89
N GLY B 191 12.85 -39.43 -20.08
CA GLY B 191 13.63 -40.22 -21.05
C GLY B 191 14.87 -40.90 -20.47
N ALA B 192 15.04 -40.79 -19.16
CA ALA B 192 16.10 -41.45 -18.44
C ALA B 192 15.81 -42.92 -18.12
N GLN B 193 16.89 -43.69 -17.99
CA GLN B 193 16.82 -45.08 -17.52
C GLN B 193 16.77 -45.04 -16.01
N VAL B 194 16.07 -45.98 -15.41
CA VAL B 194 15.87 -46.00 -13.95
C VAL B 194 16.20 -47.41 -13.44
N ILE B 195 16.90 -47.46 -12.31
CA ILE B 195 17.23 -48.73 -11.69
C ILE B 195 16.94 -48.59 -10.21
N VAL B 196 16.03 -49.42 -9.68
CA VAL B 196 15.73 -49.44 -8.24
C VAL B 196 16.37 -50.65 -7.55
N ASP B 197 17.05 -50.39 -6.44
CA ASP B 197 17.52 -51.48 -5.57
C ASP B 197 16.59 -51.54 -4.36
N PRO B 198 15.75 -52.60 -4.28
CA PRO B 198 14.94 -52.78 -3.06
C PRO B 198 15.74 -53.07 -1.78
N GLU B 199 16.98 -53.58 -1.91
CA GLU B 199 17.80 -53.88 -0.72
C GLU B 199 18.27 -52.64 0.06
N ALA B 200 18.69 -51.61 -0.66
CA ALA B 200 19.54 -50.53 -0.11
C ALA B 200 18.86 -49.60 0.91
N PRO B 201 19.38 -49.55 2.15
CA PRO B 201 18.75 -48.67 3.16
C PRO B 201 18.99 -47.17 2.97
N SER B 202 19.87 -46.78 2.04
CA SER B 202 20.10 -45.38 1.73
C SER B 202 20.75 -45.20 0.35
N THR B 203 20.91 -43.94 -0.04
CA THR B 203 21.47 -43.63 -1.37
C THR B 203 23.02 -43.69 -1.30
N VAL B 204 23.64 -43.28 -0.18
CA VAL B 204 25.09 -43.54 0.01
C VAL B 204 25.45 -45.02 -0.14
N HIS B 205 24.54 -45.91 0.28
CA HIS B 205 24.74 -47.35 0.07
C HIS B 205 24.82 -47.74 -1.41
N LEU B 206 24.20 -46.95 -2.29
CA LEU B 206 24.23 -47.23 -3.73
C LEU B 206 25.55 -46.97 -4.43
N LEU B 207 26.38 -46.09 -3.87
CA LEU B 207 27.55 -45.57 -4.61
C LEU B 207 28.55 -46.61 -5.14
N PRO B 208 28.97 -47.60 -4.32
CA PRO B 208 29.85 -48.68 -4.87
C PRO B 208 29.29 -49.40 -6.12
N ARG B 209 27.98 -49.60 -6.21
CA ARG B 209 27.37 -50.15 -7.44
C ARG B 209 27.43 -49.18 -8.63
N VAL B 210 27.20 -47.89 -8.39
CA VAL B 210 27.17 -46.91 -9.47
C VAL B 210 28.60 -46.73 -9.96
N MET B 211 29.53 -46.66 -9.03
CA MET B 211 30.97 -46.60 -9.36
C MET B 211 31.45 -47.82 -10.17
N LYS B 212 31.03 -49.00 -9.73
CA LYS B 212 31.36 -50.27 -10.42
C LYS B 212 30.76 -50.31 -11.83
N ASP B 213 29.45 -50.14 -11.98
CA ASP B 213 28.79 -50.05 -13.31
C ASP B 213 29.42 -48.97 -14.25
N SER B 214 29.85 -47.85 -13.66
CA SER B 214 30.49 -46.76 -14.42
C SER B 214 31.80 -47.28 -15.04
N LYS B 215 32.58 -47.98 -14.22
CA LYS B 215 33.74 -48.70 -14.71
C LYS B 215 33.44 -49.63 -15.87
N ASN B 216 32.48 -50.53 -15.71
CA ASN B 216 32.19 -51.57 -16.73
C ASN B 216 31.69 -51.02 -18.05
N GLU B 217 30.60 -50.26 -17.98
CA GLU B 217 29.87 -49.80 -19.15
C GLU B 217 30.40 -48.50 -19.71
N GLY B 218 31.14 -47.75 -18.89
CA GLY B 218 31.72 -46.50 -19.35
C GLY B 218 30.69 -45.43 -19.56
N PHE B 219 29.99 -45.12 -18.49
CA PHE B 219 29.22 -43.91 -18.42
C PHE B 219 29.91 -42.99 -17.43
N VAL B 220 29.60 -41.71 -17.55
CA VAL B 220 30.16 -40.68 -16.69
C VAL B 220 29.36 -40.70 -15.39
N HIS B 221 29.95 -41.11 -14.30
CA HIS B 221 29.32 -41.00 -12.99
C HIS B 221 29.50 -39.57 -12.44
N VAL B 222 28.44 -38.77 -12.38
CA VAL B 222 28.60 -37.34 -12.05
C VAL B 222 28.75 -37.05 -10.52
N ASN B 223 28.49 -38.06 -9.70
CA ASN B 223 28.79 -38.09 -8.25
C ASN B 223 28.60 -36.76 -7.49
N GLN B 224 27.31 -36.43 -7.32
CA GLN B 224 26.83 -35.29 -6.53
C GLN B 224 27.34 -35.24 -5.10
N TYR B 225 27.74 -36.39 -4.58
CA TYR B 225 28.39 -36.45 -3.29
C TYR B 225 29.79 -35.88 -3.26
N TYR B 226 30.47 -35.89 -4.41
CA TYR B 226 31.90 -35.59 -4.51
C TYR B 226 32.25 -34.52 -5.56
N ASN B 227 31.29 -34.06 -6.34
CA ASN B 227 31.58 -33.13 -7.41
C ASN B 227 31.61 -31.70 -6.85
N ASP B 228 32.73 -30.99 -7.02
CA ASP B 228 32.77 -29.61 -6.54
C ASP B 228 31.70 -28.67 -7.11
N ALA B 229 31.35 -28.86 -8.37
CA ALA B 229 30.30 -28.07 -9.01
C ALA B 229 28.94 -28.12 -8.28
N ASN B 230 28.72 -29.15 -7.45
CA ASN B 230 27.55 -29.14 -6.58
C ASN B 230 27.67 -27.96 -5.58
N PHE B 231 28.66 -28.01 -4.70
CA PHE B 231 29.05 -26.83 -3.88
C PHE B 231 29.05 -25.47 -4.60
N GLU B 232 29.74 -25.39 -5.72
CA GLU B 232 29.82 -24.13 -6.46
C GLU B 232 28.48 -23.66 -7.04
N ALA B 233 27.61 -24.57 -7.49
CA ALA B 233 26.26 -24.18 -7.88
C ALA B 233 25.55 -23.44 -6.76
N HIS B 234 25.76 -23.86 -5.51
CA HIS B 234 25.01 -23.26 -4.44
C HIS B 234 25.71 -22.00 -3.95
N MET B 235 27.02 -21.90 -4.08
CA MET B 235 27.75 -20.63 -3.79
C MET B 235 27.20 -19.58 -4.72
N ARG B 236 27.40 -19.73 -6.03
CA ARG B 236 26.95 -18.69 -6.97
C ARG B 236 25.45 -18.50 -7.14
N GLY B 237 24.64 -19.56 -6.94
CA GLY B 237 23.17 -19.45 -6.89
C GLY B 237 22.53 -19.21 -5.51
N THR B 238 22.35 -20.26 -4.71
CA THR B 238 21.49 -20.21 -3.50
C THR B 238 21.98 -19.37 -2.34
N ALA B 239 23.29 -19.37 -2.17
CA ALA B 239 23.95 -18.67 -1.10
C ALA B 239 24.06 -17.22 -1.41
N ARG B 240 24.56 -16.90 -2.60
CA ARG B 240 24.62 -15.50 -3.03
C ARG B 240 23.25 -14.84 -3.04
N GLU B 241 22.21 -15.56 -3.50
CA GLU B 241 20.85 -15.06 -3.43
C GLU B 241 20.41 -14.85 -2.02
N ILE B 242 20.68 -15.79 -1.11
CA ILE B 242 20.36 -15.53 0.32
C ILE B 242 20.99 -14.20 0.77
N PHE B 243 22.24 -13.93 0.35
CA PHE B 243 23.00 -12.70 0.72
C PHE B 243 22.48 -11.40 0.07
N VAL B 244 22.26 -11.44 -1.25
CA VAL B 244 21.63 -10.31 -1.96
C VAL B 244 20.21 -10.06 -1.46
N GLN B 245 19.41 -11.12 -1.37
CA GLN B 245 18.07 -10.97 -0.88
C GLN B 245 18.05 -10.36 0.51
N SER B 246 19.01 -10.76 1.34
CA SER B 246 19.14 -10.20 2.69
C SER B 246 19.50 -8.71 2.69
N ARG B 247 20.38 -8.28 1.79
CA ARG B 247 20.73 -6.84 1.70
C ARG B 247 19.60 -6.00 1.11
N ARG B 248 19.18 -6.34 -0.11
CA ARG B 248 18.15 -5.56 -0.80
C ARG B 248 16.78 -5.62 -0.11
N GLY B 249 16.43 -6.77 0.47
CA GLY B 249 15.24 -6.86 1.28
C GLY B 249 15.28 -6.18 2.65
N GLY B 250 16.46 -5.84 3.16
CA GLY B 250 16.58 -5.20 4.46
C GLY B 250 16.37 -6.15 5.63
N LEU B 251 16.53 -7.45 5.41
CA LEU B 251 16.59 -8.39 6.54
C LEU B 251 17.81 -8.08 7.39
N ALA B 252 17.61 -8.05 8.70
CA ALA B 252 18.68 -8.35 9.64
C ALA B 252 18.91 -9.85 9.61
N LEU B 253 19.69 -10.33 8.64
CA LEU B 253 20.05 -11.75 8.58
C LEU B 253 21.00 -12.09 9.75
N ARG B 254 20.52 -12.90 10.70
CA ARG B 254 21.33 -13.31 11.85
C ARG B 254 21.69 -14.79 11.82
N GLY B 255 21.01 -15.56 10.98
CA GLY B 255 21.29 -16.97 10.84
C GLY B 255 20.47 -17.54 9.72
N VAL B 256 20.95 -18.64 9.15
CA VAL B 256 20.22 -19.45 8.18
C VAL B 256 20.02 -20.80 8.82
N ALA B 257 19.03 -21.55 8.33
CA ALA B 257 18.72 -22.91 8.77
C ALA B 257 18.36 -23.77 7.57
N GLY B 258 18.56 -25.07 7.71
CA GLY B 258 18.37 -26.00 6.60
C GLY B 258 18.86 -27.39 6.88
N SER B 259 18.81 -28.24 5.85
CA SER B 259 19.04 -29.66 6.00
C SER B 259 20.18 -30.11 5.10
N LEU B 260 20.49 -31.40 5.17
CA LEU B 260 21.70 -32.00 4.60
C LEU B 260 21.44 -33.36 3.96
N GLY B 261 21.66 -33.39 2.65
CA GLY B 261 21.74 -34.63 1.89
C GLY B 261 23.19 -34.79 1.51
N THR B 262 23.56 -34.21 0.36
CA THR B 262 24.93 -34.12 -0.05
C THR B 262 25.70 -33.09 0.79
N SER B 263 24.97 -32.18 1.44
CA SER B 263 25.49 -31.04 2.21
C SER B 263 25.88 -29.84 1.35
N GLY B 264 25.68 -29.93 0.04
CA GLY B 264 26.11 -28.88 -0.88
C GLY B 264 25.44 -27.55 -0.63
N HIS B 265 24.12 -27.57 -0.41
CA HIS B 265 23.38 -26.32 -0.28
C HIS B 265 23.62 -25.59 1.03
N MET B 266 23.54 -26.27 2.18
CA MET B 266 23.81 -25.58 3.43
C MET B 266 25.27 -25.28 3.67
N SER B 267 26.18 -26.17 3.26
CA SER B 267 27.61 -25.91 3.32
C SER B 267 27.94 -24.62 2.58
N ALA B 268 27.32 -24.43 1.42
CA ALA B 268 27.57 -23.25 0.62
C ALA B 268 26.93 -22.04 1.32
N ALA B 269 25.67 -22.21 1.75
CA ALA B 269 24.95 -21.15 2.43
C ALA B 269 25.78 -20.61 3.59
N ALA B 270 26.31 -21.51 4.41
CA ALA B 270 27.07 -21.13 5.59
C ALA B 270 28.42 -20.55 5.23
N PHE B 271 29.14 -21.23 4.35
CA PHE B 271 30.46 -20.75 3.95
C PHE B 271 30.41 -19.32 3.44
N TYR B 272 29.42 -19.01 2.59
CA TYR B 272 29.29 -17.69 1.96
C TYR B 272 28.93 -16.67 3.06
N LEU B 273 27.84 -16.92 3.75
CA LEU B 273 27.31 -15.92 4.65
C LEU B 273 28.28 -15.68 5.80
N GLN B 274 28.95 -16.74 6.23
CA GLN B 274 29.97 -16.63 7.28
C GLN B 274 31.24 -15.90 6.86
N SER B 275 31.57 -15.92 5.57
CA SER B 275 32.62 -15.06 5.03
C SER B 275 32.32 -13.57 5.20
N VAL B 276 31.08 -13.17 4.92
CA VAL B 276 30.66 -11.78 5.09
C VAL B 276 30.61 -11.47 6.59
N ASP B 277 29.90 -12.30 7.37
CA ASP B 277 29.79 -12.10 8.81
C ASP B 277 29.84 -13.42 9.61
N PRO B 278 31.00 -13.71 10.23
CA PRO B 278 31.16 -14.98 10.93
C PRO B 278 30.15 -15.24 12.05
N SER B 279 29.42 -14.21 12.51
CA SER B 279 28.38 -14.37 13.55
C SER B 279 27.03 -14.82 13.00
N ILE B 280 26.94 -15.04 11.70
CA ILE B 280 25.69 -15.51 11.14
C ILE B 280 25.68 -17.01 11.46
N ARG B 281 24.58 -17.50 11.99
CA ARG B 281 24.44 -18.89 12.42
C ARG B 281 24.00 -19.82 11.30
N ALA B 282 24.29 -21.10 11.46
CA ALA B 282 23.84 -22.14 10.53
C ALA B 282 23.17 -23.24 11.34
N VAL B 283 21.86 -23.12 11.52
CA VAL B 283 21.14 -24.18 12.25
C VAL B 283 20.88 -25.30 11.24
N LEU B 284 21.39 -26.49 11.50
CA LEU B 284 21.17 -27.63 10.60
C LEU B 284 20.36 -28.77 11.25
N VAL B 285 19.66 -29.54 10.41
CA VAL B 285 18.80 -30.65 10.86
C VAL B 285 19.61 -31.92 10.88
N GLN B 286 19.50 -32.68 11.98
CA GLN B 286 19.88 -34.09 11.98
C GLN B 286 18.63 -34.94 12.13
N PRO B 287 18.26 -35.73 11.09
CA PRO B 287 17.20 -36.69 11.33
C PRO B 287 17.58 -37.55 12.52
N ALA B 288 16.72 -37.61 13.54
CA ALA B 288 16.95 -38.44 14.73
C ALA B 288 17.16 -39.86 14.27
N GLN B 289 17.99 -40.60 15.00
CA GLN B 289 18.42 -41.93 14.58
C GLN B 289 17.23 -42.91 14.56
N GLY B 290 17.28 -43.88 13.64
CA GLY B 290 16.14 -44.74 13.38
C GLY B 290 15.07 -44.19 12.43
N ASP B 291 15.06 -42.87 12.19
CA ASP B 291 14.09 -42.25 11.28
C ASP B 291 14.67 -42.06 9.89
N SER B 292 13.80 -41.67 8.96
CA SER B 292 14.15 -41.37 7.57
C SER B 292 13.35 -40.17 7.04
N ILE B 293 14.03 -39.08 6.71
CA ILE B 293 13.38 -37.86 6.24
C ILE B 293 13.73 -37.75 4.73
N PRO B 294 12.71 -37.67 3.87
CA PRO B 294 13.07 -37.81 2.44
C PRO B 294 14.09 -36.77 1.93
N GLY B 295 15.22 -37.27 1.43
CA GLY B 295 16.22 -36.45 0.71
C GLY B 295 17.33 -35.91 1.57
N ILE B 296 17.33 -36.28 2.85
CA ILE B 296 18.33 -35.82 3.78
C ILE B 296 18.78 -37.01 4.58
N ALA B 297 19.87 -36.84 5.29
CA ALA B 297 20.51 -37.98 5.90
C ALA B 297 21.31 -37.46 7.05
N ARG B 298 21.88 -38.40 7.80
CA ARG B 298 22.74 -38.07 8.93
C ARG B 298 24.16 -37.77 8.42
N VAL B 299 24.80 -36.79 9.06
CA VAL B 299 26.15 -36.32 8.73
C VAL B 299 27.18 -37.45 8.76
N GLU B 300 27.08 -38.33 9.75
CA GLU B 300 28.00 -39.47 9.88
C GLU B 300 27.99 -40.46 8.70
N THR B 301 26.93 -40.47 7.89
CA THR B 301 26.82 -41.43 6.79
C THR B 301 27.69 -41.11 5.56
N GLY B 302 28.25 -39.89 5.47
CA GLY B 302 29.26 -39.56 4.45
C GLY B 302 29.02 -38.29 3.65
N MET B 303 29.59 -37.18 4.11
CA MET B 303 29.31 -35.84 3.56
C MET B 303 30.62 -35.09 3.38
N LEU B 304 30.80 -34.59 2.18
CA LEU B 304 32.02 -33.91 1.80
C LEU B 304 32.17 -32.49 2.38
N TRP B 305 31.36 -31.56 1.92
CA TRP B 305 31.70 -30.12 2.08
C TRP B 305 31.56 -29.58 3.48
N ILE B 306 30.65 -30.16 4.27
CA ILE B 306 30.42 -29.73 5.66
C ILE B 306 31.56 -30.14 6.58
N ASN B 307 32.09 -31.34 6.37
CA ASN B 307 33.23 -31.85 7.13
C ASN B 307 34.57 -31.21 6.72
N MET B 308 34.71 -30.80 5.46
CA MET B 308 36.00 -30.32 4.94
C MET B 308 36.26 -28.81 5.07
N LEU B 309 35.22 -27.98 4.98
CA LEU B 309 35.38 -26.51 4.89
C LEU B 309 35.33 -25.87 6.26
N ASP B 310 35.88 -24.65 6.38
CA ASP B 310 35.76 -23.92 7.63
C ASP B 310 34.37 -23.26 7.77
N ILE B 311 33.48 -24.00 8.42
CA ILE B 311 32.05 -23.70 8.48
C ILE B 311 31.61 -23.91 9.96
N SER B 312 30.93 -22.91 10.53
CA SER B 312 30.30 -22.99 11.87
C SER B 312 28.84 -23.44 11.80
N TYR B 313 28.49 -24.53 12.47
CA TYR B 313 27.10 -24.96 12.59
C TYR B 313 26.75 -25.49 13.97
N THR B 314 25.45 -25.63 14.20
CA THR B 314 24.89 -26.46 15.27
C THR B 314 23.94 -27.43 14.56
N LEU B 315 23.90 -28.67 15.05
CA LEU B 315 23.07 -29.74 14.49
C LEU B 315 21.97 -30.09 15.48
N ALA B 316 20.71 -29.99 15.04
CA ALA B 316 19.57 -30.32 15.89
C ALA B 316 18.98 -31.68 15.52
N GLU B 317 18.57 -32.41 16.55
CA GLU B 317 17.90 -33.68 16.38
C GLU B 317 16.42 -33.42 16.07
N VAL B 318 15.93 -33.97 14.96
CA VAL B 318 14.55 -33.79 14.53
C VAL B 318 14.04 -35.15 14.05
N THR B 319 12.84 -35.53 14.50
CA THR B 319 12.20 -36.75 14.05
C THR B 319 11.36 -36.41 12.83
N LEU B 320 10.98 -37.43 12.07
CA LEU B 320 10.05 -37.32 10.96
C LEU B 320 8.69 -36.77 11.43
N GLU B 321 8.19 -37.31 12.55
CA GLU B 321 6.96 -36.84 13.18
C GLU B 321 7.05 -35.34 13.33
N GLU B 322 8.11 -34.89 13.97
CA GLU B 322 8.37 -33.48 14.17
C GLU B 322 8.44 -32.69 12.86
N ALA B 323 9.26 -33.16 11.92
CA ALA B 323 9.37 -32.50 10.61
C ALA B 323 7.98 -32.22 10.03
N MET B 324 7.12 -33.24 10.00
CA MET B 324 5.77 -33.14 9.43
C MET B 324 4.80 -32.26 10.22
N GLU B 325 4.97 -32.14 11.53
CA GLU B 325 4.22 -31.17 12.36
C GLU B 325 4.44 -29.73 11.91
N ALA B 326 5.70 -29.38 11.63
CA ALA B 326 6.10 -28.10 11.03
C ALA B 326 5.49 -27.90 9.63
N VAL B 327 5.54 -28.93 8.80
CA VAL B 327 4.77 -28.89 7.54
C VAL B 327 3.32 -28.41 7.87
N VAL B 328 2.68 -29.09 8.83
CA VAL B 328 1.30 -28.78 9.17
C VAL B 328 1.16 -27.34 9.67
N GLU B 329 2.08 -26.88 10.51
CA GLU B 329 2.06 -25.51 10.99
C GLU B 329 2.28 -24.48 9.90
N VAL B 330 3.20 -24.77 8.98
CA VAL B 330 3.47 -23.87 7.85
C VAL B 330 2.26 -23.75 6.93
N ALA B 331 1.71 -24.89 6.55
CA ALA B 331 0.41 -24.96 5.87
C ALA B 331 -0.71 -24.13 6.53
N ARG B 332 -0.84 -24.22 7.84
CA ARG B 332 -1.93 -23.55 8.55
C ARG B 332 -1.61 -22.11 8.94
N SER B 333 -0.35 -21.78 9.12
CA SER B 333 0.07 -20.40 9.34
C SER B 333 0.00 -19.67 8.00
N ASP B 334 0.77 -20.18 7.03
CA ASP B 334 1.09 -19.46 5.80
C ASP B 334 0.35 -19.89 4.54
N GLY B 335 -0.37 -20.99 4.58
CA GLY B 335 -0.97 -21.57 3.38
C GLY B 335 0.03 -21.93 2.29
N LEU B 336 1.24 -22.32 2.69
CA LEU B 336 2.27 -22.90 1.81
C LEU B 336 2.47 -24.30 2.32
N VAL B 337 2.54 -25.26 1.40
CA VAL B 337 2.79 -26.68 1.63
C VAL B 337 4.28 -27.00 1.32
N ILE B 338 5.09 -27.11 2.37
CA ILE B 338 6.53 -27.40 2.24
C ILE B 338 6.82 -28.91 2.37
N GLY B 339 8.04 -29.27 1.93
CA GLY B 339 8.58 -30.63 1.97
C GLY B 339 8.88 -31.06 3.38
N PRO B 340 8.96 -32.39 3.62
CA PRO B 340 9.45 -32.89 4.92
C PRO B 340 10.84 -32.38 5.35
N SER B 341 11.82 -32.33 4.44
CA SER B 341 13.13 -31.73 4.74
C SER B 341 12.99 -30.26 5.14
N GLY B 342 12.14 -29.55 4.37
CA GLY B 342 11.74 -28.17 4.64
C GLY B 342 11.11 -28.03 6.03
N GLY B 343 10.21 -28.95 6.35
CA GLY B 343 9.62 -29.01 7.68
C GLY B 343 10.62 -29.33 8.76
N ALA B 344 11.63 -30.14 8.43
CA ALA B 344 12.68 -30.47 9.37
C ALA B 344 13.46 -29.21 9.68
N ALA B 345 13.79 -28.49 8.62
CA ALA B 345 14.56 -27.26 8.70
C ALA B 345 13.93 -26.35 9.72
N VAL B 346 12.63 -26.05 9.48
CA VAL B 346 11.83 -25.14 10.31
C VAL B 346 11.84 -25.60 11.74
N LYS B 347 11.56 -26.89 11.95
CA LYS B 347 11.52 -27.44 13.30
C LYS B 347 12.83 -27.17 14.05
N ALA B 348 13.98 -27.34 13.39
CA ALA B 348 15.30 -27.09 14.03
C ALA B 348 15.56 -25.63 14.36
N LEU B 349 15.01 -24.73 13.55
CA LEU B 349 15.12 -23.31 13.84
C LEU B 349 14.28 -22.96 15.06
N ALA B 350 13.21 -23.73 15.29
CA ALA B 350 12.34 -23.53 16.43
C ALA B 350 12.97 -24.04 17.71
N LYS B 351 13.47 -25.28 17.69
CA LYS B 351 14.18 -25.84 18.86
C LYS B 351 15.31 -24.92 19.31
N LYS B 352 16.17 -24.50 18.39
CA LYS B 352 17.22 -23.54 18.72
C LYS B 352 16.68 -22.24 19.30
N ALA B 353 15.66 -21.69 18.66
CA ALA B 353 15.06 -20.45 19.11
C ALA B 353 14.43 -20.62 20.51
N ALA B 354 13.76 -21.75 20.76
CA ALA B 354 13.23 -22.09 22.09
C ALA B 354 14.26 -22.02 23.21
N GLU B 355 15.47 -22.49 22.92
CA GLU B 355 16.55 -22.61 23.88
C GLU B 355 17.44 -21.36 24.02
N GLY B 356 16.96 -20.18 23.59
CA GLY B 356 17.68 -18.91 23.74
C GLY B 356 19.02 -18.81 23.05
N ASP B 357 19.23 -19.67 22.06
CA ASP B 357 20.53 -19.93 21.47
C ASP B 357 20.84 -19.05 20.25
N LEU B 358 19.89 -18.22 19.84
CA LEU B 358 20.05 -17.43 18.61
C LEU B 358 19.69 -15.97 18.84
N GLU B 359 20.26 -15.12 17.99
CA GLU B 359 20.19 -13.68 18.15
C GLU B 359 18.86 -13.23 17.54
N PRO B 360 18.13 -12.29 18.17
CA PRO B 360 16.95 -11.72 17.54
C PRO B 360 17.25 -11.23 16.14
N GLY B 361 16.46 -11.66 15.17
CA GLY B 361 16.53 -11.11 13.83
C GLY B 361 15.78 -11.95 12.81
N ASP B 362 16.20 -11.79 11.55
CA ASP B 362 15.68 -12.54 10.41
C ASP B 362 16.61 -13.75 10.17
N TYR B 363 15.96 -14.89 9.90
CA TYR B 363 16.58 -16.20 9.69
C TYR B 363 15.96 -16.88 8.49
N VAL B 364 16.80 -17.40 7.58
CA VAL B 364 16.38 -17.91 6.29
C VAL B 364 16.42 -19.42 6.24
N VAL B 365 15.26 -20.03 6.03
CA VAL B 365 15.15 -21.46 5.92
C VAL B 365 15.03 -21.84 4.45
N VAL B 366 16.05 -22.51 3.95
CA VAL B 366 16.05 -22.96 2.56
C VAL B 366 15.17 -24.17 2.59
N VAL B 367 14.07 -24.11 1.84
CA VAL B 367 13.07 -25.17 1.84
C VAL B 367 13.33 -26.01 0.58
N PRO B 368 13.74 -27.27 0.78
CA PRO B 368 14.26 -27.91 -0.41
C PRO B 368 13.20 -28.07 -1.51
N ASP B 369 11.96 -28.33 -1.12
CA ASP B 369 10.98 -28.73 -2.08
C ASP B 369 9.53 -28.67 -1.59
N THR B 370 8.62 -28.84 -2.52
CA THR B 370 7.21 -28.73 -2.23
C THR B 370 6.73 -30.03 -1.61
N GLY B 371 5.85 -29.91 -0.63
CA GLY B 371 5.10 -31.03 -0.06
C GLY B 371 3.98 -31.58 -0.94
N PHE B 372 3.69 -30.96 -2.09
CA PHE B 372 2.75 -31.57 -3.05
C PHE B 372 3.22 -32.96 -3.45
N LYS B 373 4.54 -33.15 -3.48
CA LYS B 373 5.21 -34.39 -3.88
C LYS B 373 5.07 -35.58 -2.91
N TYR B 374 4.82 -35.30 -1.63
CA TYR B 374 4.77 -36.32 -0.56
C TYR B 374 3.35 -36.56 -0.02
N LEU B 375 2.43 -37.00 -0.86
CA LEU B 375 1.03 -37.10 -0.44
C LEU B 375 0.80 -38.13 0.69
N SER B 376 1.63 -39.16 0.80
CA SER B 376 1.41 -40.17 1.84
C SER B 376 1.86 -39.71 3.19
N LEU B 377 2.99 -39.00 3.25
CA LEU B 377 3.49 -38.48 4.52
C LEU B 377 2.58 -37.37 5.06
N VAL B 378 1.90 -36.63 4.18
CA VAL B 378 0.92 -35.63 4.63
C VAL B 378 -0.27 -36.32 5.29
N GLN B 379 -0.84 -37.29 4.59
CA GLN B 379 -1.93 -38.12 5.10
C GLN B 379 -1.65 -38.62 6.50
N ASN B 380 -0.49 -39.27 6.67
CA ASN B 380 -0.12 -39.83 7.96
C ASN B 380 0.06 -38.72 9.00
N ALA B 381 0.61 -37.57 8.57
CA ALA B 381 0.79 -36.43 9.48
C ALA B 381 -0.53 -35.89 10.02
N LEU B 382 -1.54 -35.81 9.16
CA LEU B 382 -2.89 -35.47 9.61
C LEU B 382 -3.38 -36.48 10.64
N GLU B 383 -3.16 -37.78 10.36
CA GLU B 383 -3.44 -38.92 11.26
C GLU B 383 -4.93 -39.08 11.59
N ALA C 2 10.20 1.09 -18.61
CA ALA C 2 8.84 0.94 -18.02
C ALA C 2 8.81 1.59 -16.63
N LEU C 3 7.80 1.26 -15.82
CA LEU C 3 7.61 1.91 -14.51
C LEU C 3 7.58 0.87 -13.39
N ALA C 4 8.32 1.13 -12.31
CA ALA C 4 8.27 0.29 -11.08
C ALA C 4 7.87 1.13 -9.88
N ASP C 5 7.21 0.50 -8.91
CA ASP C 5 6.78 1.20 -7.71
C ASP C 5 8.04 1.60 -6.94
N ILE C 6 8.24 2.88 -6.64
CA ILE C 6 9.50 3.28 -5.97
C ILE C 6 9.66 2.66 -4.57
N SER C 7 8.58 2.22 -3.94
CA SER C 7 8.64 1.89 -2.51
C SER C 7 9.42 0.62 -2.18
N GLY C 8 9.75 -0.19 -3.19
CA GLY C 8 10.71 -1.30 -3.01
C GLY C 8 12.19 -0.90 -3.05
N TYR C 9 12.48 0.40 -3.13
CA TYR C 9 13.83 0.91 -3.35
C TYR C 9 14.26 1.96 -2.32
N LEU C 10 13.49 2.15 -1.24
CA LEU C 10 13.72 3.26 -0.29
C LEU C 10 14.88 3.04 0.70
N ASP C 11 15.39 1.81 0.80
CA ASP C 11 16.69 1.57 1.47
C ASP C 11 17.77 2.63 1.12
N VAL C 12 17.74 3.14 -0.12
CA VAL C 12 18.59 4.27 -0.53
C VAL C 12 18.47 5.56 0.33
N LEU C 13 17.34 5.78 0.98
CA LEU C 13 17.21 6.90 1.96
C LEU C 13 18.15 6.78 3.18
N ASP C 14 18.44 5.56 3.60
CA ASP C 14 19.36 5.28 4.73
C ASP C 14 20.83 5.13 4.31
N SER C 15 21.09 4.83 3.05
CA SER C 15 22.46 4.64 2.55
C SER C 15 23.03 5.92 1.91
N VAL C 16 22.24 6.58 1.06
CA VAL C 16 22.73 7.72 0.29
C VAL C 16 23.04 8.89 1.25
N ARG C 17 24.22 9.49 1.08
CA ARG C 17 24.71 10.53 1.97
C ARG C 17 25.09 11.77 1.16
N GLY C 18 25.01 12.93 1.78
CA GLY C 18 25.45 14.16 1.15
C GLY C 18 24.46 14.71 0.13
N PHE C 19 24.73 15.91 -0.34
CA PHE C 19 23.81 16.65 -1.22
C PHE C 19 24.08 16.53 -2.72
N SER C 20 25.01 15.67 -3.15
CA SER C 20 25.33 15.55 -4.59
C SER C 20 24.16 15.00 -5.47
N TYR C 21 23.34 14.10 -4.91
CA TYR C 21 22.08 13.59 -5.53
C TYR C 21 21.11 14.68 -6.00
N LEU C 22 21.11 15.81 -5.32
CA LEU C 22 20.33 16.95 -5.72
C LEU C 22 20.69 17.50 -7.10
N GLU C 23 21.81 17.14 -7.68
CA GLU C 23 22.09 17.58 -9.06
C GLU C 23 21.12 16.89 -10.01
N ASN C 24 20.83 15.61 -9.72
CA ASN C 24 19.84 14.85 -10.47
C ASN C 24 18.43 15.36 -10.21
N ALA C 25 18.10 15.67 -8.94
CA ALA C 25 16.77 16.23 -8.66
C ALA C 25 16.56 17.49 -9.49
N ARG C 26 17.62 18.29 -9.60
CA ARG C 26 17.51 19.62 -10.19
C ARG C 26 17.20 19.47 -11.67
N GLU C 27 17.97 18.56 -12.28
CA GLU C 27 17.96 18.25 -13.69
C GLU C 27 16.70 17.51 -14.15
N VAL C 28 16.21 16.59 -13.35
CA VAL C 28 14.86 16.02 -13.61
C VAL C 28 13.73 17.08 -13.52
N LEU C 29 13.70 17.91 -12.48
CA LEU C 29 12.77 19.04 -12.47
C LEU C 29 12.93 20.03 -13.63
N ARG C 30 14.14 20.22 -14.10
CA ARG C 30 14.37 21.22 -15.16
C ARG C 30 13.78 20.74 -16.46
N SER C 31 14.10 19.52 -16.81
CA SER C 31 13.78 18.89 -18.09
C SER C 31 12.40 18.25 -18.05
N GLY C 32 11.86 18.04 -16.85
CA GLY C 32 10.54 17.45 -16.72
C GLY C 32 10.55 15.98 -17.05
N GLU C 33 11.75 15.37 -17.11
CA GLU C 33 11.91 13.95 -17.46
C GLU C 33 13.14 13.30 -16.81
N ALA C 34 13.11 11.98 -16.75
CA ALA C 34 14.18 11.17 -16.18
C ALA C 34 14.45 9.98 -17.07
N ARG C 35 15.72 9.65 -17.26
CA ARG C 35 16.09 8.46 -18.03
C ARG C 35 15.77 7.17 -17.29
N CYS C 36 15.40 6.13 -18.05
CA CYS C 36 15.33 4.80 -17.46
C CYS C 36 16.66 4.32 -16.89
N LEU C 37 16.58 3.59 -15.78
CA LEU C 37 17.73 2.99 -15.14
C LEU C 37 17.73 1.49 -15.50
N GLY C 38 18.89 1.02 -15.98
CA GLY C 38 19.05 -0.37 -16.40
C GLY C 38 19.10 -1.23 -15.15
N ASN C 39 19.71 -0.66 -14.12
CA ASN C 39 19.79 -1.26 -12.82
C ASN C 39 19.62 -0.10 -11.84
N PRO C 40 18.38 0.12 -11.35
CA PRO C 40 18.08 1.24 -10.43
C PRO C 40 18.84 1.09 -9.12
N ARG C 41 18.91 -0.15 -8.64
CA ARG C 41 19.71 -0.49 -7.46
C ARG C 41 21.18 -0.06 -7.56
N SER C 42 21.71 0.06 -8.79
CA SER C 42 23.10 0.51 -8.97
C SER C 42 23.27 2.02 -9.02
N GLU C 43 22.17 2.78 -9.11
CA GLU C 43 22.26 4.23 -9.13
C GLU C 43 21.41 4.77 -8.00
N PRO C 44 21.75 4.39 -6.76
CA PRO C 44 20.90 4.86 -5.66
C PRO C 44 20.76 6.39 -5.60
N GLU C 45 21.77 7.15 -6.05
CA GLU C 45 21.72 8.63 -5.96
C GLU C 45 20.52 9.14 -6.73
N TYR C 46 20.36 8.60 -7.93
CA TYR C 46 19.25 8.96 -8.82
C TYR C 46 17.89 8.47 -8.28
N VAL C 47 17.85 7.27 -7.69
CA VAL C 47 16.64 6.83 -6.98
C VAL C 47 16.30 7.79 -5.81
N LYS C 48 17.28 8.24 -5.06
CA LYS C 48 16.94 9.20 -3.96
C LYS C 48 16.48 10.56 -4.57
N ALA C 49 17.12 11.00 -5.65
CA ALA C 49 16.66 12.17 -6.37
C ALA C 49 15.17 12.11 -6.76
N LEU C 50 14.72 10.96 -7.18
CA LEU C 50 13.33 10.82 -7.57
C LEU C 50 12.40 10.84 -6.33
N TYR C 51 12.71 10.03 -5.33
CA TYR C 51 11.94 10.06 -4.07
C TYR C 51 11.75 11.51 -3.57
N VAL C 52 12.83 12.23 -3.51
CA VAL C 52 12.85 13.57 -2.89
C VAL C 52 11.96 14.58 -3.65
N ILE C 53 11.90 14.54 -4.98
CA ILE C 53 11.01 15.43 -5.76
C ILE C 53 9.50 15.01 -5.78
N GLY C 54 9.21 13.80 -5.33
CA GLY C 54 7.87 13.34 -5.11
C GLY C 54 7.44 12.15 -5.94
N ALA C 55 8.38 11.55 -6.65
CA ALA C 55 8.08 10.44 -7.57
C ALA C 55 7.71 9.20 -6.79
N SER C 56 6.61 8.57 -7.16
CA SER C 56 6.16 7.32 -6.55
C SER C 56 6.54 6.13 -7.42
N ARG C 57 7.13 6.39 -8.59
CA ARG C 57 7.50 5.34 -9.52
C ARG C 57 8.86 5.67 -10.14
N ILE C 58 9.67 4.64 -10.37
CA ILE C 58 11.00 4.79 -10.95
C ILE C 58 11.01 4.34 -12.41
N PRO C 59 11.82 4.97 -13.27
CA PRO C 59 11.92 4.53 -14.64
C PRO C 59 12.96 3.41 -14.72
N VAL C 60 12.54 2.28 -15.30
CA VAL C 60 13.32 1.06 -15.43
C VAL C 60 13.50 0.80 -16.93
N GLY C 61 14.61 0.16 -17.30
CA GLY C 61 14.88 -0.21 -18.69
C GLY C 61 16.11 0.44 -19.31
N ASP C 62 16.29 0.21 -20.61
CA ASP C 62 17.45 0.67 -21.40
C ASP C 62 16.97 1.45 -22.61
N GLY C 63 17.34 2.72 -22.71
CA GLY C 63 16.94 3.58 -23.85
C GLY C 63 15.72 4.45 -23.62
N CYS C 64 14.79 4.01 -22.79
CA CYS C 64 13.55 4.76 -22.49
C CYS C 64 13.75 5.95 -21.56
N SER C 65 12.77 6.86 -21.54
CA SER C 65 12.63 7.90 -20.51
C SER C 65 11.15 8.17 -20.19
N HIS C 66 10.93 8.79 -19.04
CA HIS C 66 9.58 9.01 -18.55
C HIS C 66 9.43 10.42 -17.97
N THR C 67 8.21 10.92 -18.03
CA THR C 67 7.89 12.28 -17.60
C THR C 67 7.63 12.32 -16.08
N LEU C 68 7.71 13.53 -15.51
CA LEU C 68 7.31 13.80 -14.10
C LEU C 68 5.94 13.24 -13.80
N GLU C 69 5.02 13.41 -14.74
CA GLU C 69 3.67 12.91 -14.57
C GLU C 69 3.71 11.40 -14.49
N GLU C 70 4.38 10.79 -15.44
CA GLU C 70 4.45 9.32 -15.49
C GLU C 70 5.07 8.68 -14.24
N LEU C 71 5.92 9.43 -13.54
CA LEU C 71 6.65 9.00 -12.33
C LEU C 71 5.94 9.35 -11.03
N GLY C 72 4.73 9.85 -11.21
CA GLY C 72 3.72 10.02 -10.22
C GLY C 72 3.93 11.28 -9.40
N VAL C 73 4.67 12.27 -9.90
CA VAL C 73 4.94 13.57 -9.21
C VAL C 73 3.67 14.44 -9.10
N PHE C 74 2.80 14.32 -10.11
CA PHE C 74 1.52 15.01 -10.16
C PHE C 74 0.35 14.09 -9.78
N ASP C 75 0.62 12.93 -9.17
CA ASP C 75 -0.47 12.04 -8.75
C ASP C 75 -1.32 12.67 -7.64
N ILE C 76 -2.61 12.43 -7.70
CA ILE C 76 -3.57 12.93 -6.72
C ILE C 76 -3.56 11.89 -5.60
N SER C 77 -3.29 12.31 -4.36
CA SER C 77 -3.19 11.38 -3.21
C SER C 77 -4.48 11.32 -2.38
N VAL C 78 -5.16 12.47 -2.27
CA VAL C 78 -6.36 12.61 -1.49
C VAL C 78 -7.61 11.92 -2.05
N PRO C 79 -8.20 10.96 -1.29
CA PRO C 79 -9.59 10.55 -1.58
C PRO C 79 -10.52 11.75 -1.44
N GLY C 80 -11.32 11.97 -2.48
CA GLY C 80 -12.21 13.10 -2.54
C GLY C 80 -13.22 13.18 -1.43
N GLU C 81 -13.73 12.07 -0.94
CA GLU C 81 -14.68 12.17 0.19
C GLU C 81 -14.01 12.47 1.52
N MET C 82 -12.68 12.47 1.59
CA MET C 82 -11.90 12.88 2.77
C MET C 82 -12.19 11.99 3.97
N VAL C 83 -12.30 10.69 3.68
CA VAL C 83 -12.28 9.57 4.65
C VAL C 83 -10.88 8.91 4.70
N PHE C 84 -10.36 8.61 5.90
CA PHE C 84 -9.03 8.04 6.08
C PHE C 84 -8.97 6.98 7.18
N PRO C 85 -8.33 5.83 6.88
CA PRO C 85 -8.32 4.66 7.81
C PRO C 85 -7.40 4.77 9.01
N SER C 86 -6.63 5.85 9.13
CA SER C 86 -5.80 6.06 10.30
C SER C 86 -5.30 7.52 10.34
N PRO C 87 -4.79 7.95 11.48
CA PRO C 87 -4.14 9.27 11.54
C PRO C 87 -2.92 9.45 10.60
N LEU C 88 -2.08 8.44 10.38
CA LEU C 88 -0.88 8.59 9.52
C LEU C 88 -1.27 8.54 8.05
N ASP C 89 -2.20 7.66 7.72
CA ASP C 89 -2.78 7.69 6.38
C ASP C 89 -3.42 9.06 6.10
N PHE C 90 -4.14 9.62 7.07
CA PHE C 90 -4.65 10.98 6.92
C PHE C 90 -3.50 11.97 6.70
N PHE C 91 -2.42 11.89 7.47
CA PHE C 91 -1.31 12.82 7.21
C PHE C 91 -0.73 12.73 5.77
N GLU C 92 -0.53 11.50 5.30
CA GLU C 92 0.23 11.28 4.07
C GLU C 92 -0.60 11.57 2.87
N ARG C 93 -1.84 11.07 2.87
CA ARG C 93 -2.73 11.29 1.72
C ARG C 93 -3.51 12.58 1.80
N GLY C 94 -3.68 13.11 3.01
CA GLY C 94 -4.46 14.29 3.23
C GLY C 94 -3.61 15.50 2.85
N LYS C 95 -3.39 15.64 1.56
CA LYS C 95 -2.36 16.58 1.04
C LYS C 95 -2.79 16.78 -0.41
N PRO C 96 -2.42 17.89 -1.05
CA PRO C 96 -1.70 19.01 -0.47
C PRO C 96 -2.39 19.81 0.62
N THR C 97 -1.62 20.55 1.39
CA THR C 97 -2.23 21.60 2.26
C THR C 97 -2.84 22.67 1.38
N PRO C 98 -3.84 23.42 1.89
CA PRO C 98 -4.60 24.32 1.04
C PRO C 98 -3.81 25.53 0.60
N LEU C 99 -4.08 25.96 -0.62
CA LEU C 99 -3.39 27.10 -1.21
C LEU C 99 -4.52 28.00 -1.59
N VAL C 100 -4.58 29.15 -0.92
CA VAL C 100 -5.77 29.96 -0.81
C VAL C 100 -5.42 31.41 -1.11
N ARG C 101 -5.95 31.95 -2.20
CA ARG C 101 -5.89 33.41 -2.48
C ARG C 101 -6.38 34.32 -1.33
N SER C 102 -5.54 35.22 -0.87
CA SER C 102 -5.94 36.25 0.06
C SER C 102 -6.76 37.27 -0.72
N ARG C 103 -7.63 37.98 -0.02
CA ARG C 103 -8.30 39.16 -0.59
C ARG C 103 -7.45 40.43 -0.45
N LEU C 104 -6.33 40.39 0.27
CA LEU C 104 -5.39 41.55 0.27
C LEU C 104 -4.78 41.78 -1.11
N GLN C 105 -4.49 43.04 -1.41
CA GLN C 105 -3.73 43.40 -2.59
C GLN C 105 -2.46 44.04 -2.10
N LEU C 106 -1.36 43.72 -2.77
CA LEU C 106 -0.04 44.25 -2.43
C LEU C 106 0.46 45.08 -3.61
N PRO C 107 1.37 46.05 -3.34
CA PRO C 107 1.76 46.97 -4.39
C PRO C 107 2.30 46.31 -5.65
N ASN C 108 2.37 47.08 -6.72
CA ASN C 108 3.13 46.70 -7.90
C ASN C 108 2.86 45.27 -8.40
N GLY C 109 1.60 44.86 -8.41
CA GLY C 109 1.17 43.61 -9.08
C GLY C 109 1.15 42.31 -8.26
N VAL C 110 1.60 42.35 -7.01
CA VAL C 110 1.85 41.12 -6.24
C VAL C 110 0.52 40.59 -5.71
N ARG C 111 0.01 39.52 -6.33
CA ARG C 111 -1.15 38.78 -5.85
C ARG C 111 -0.64 37.62 -5.00
N VAL C 112 -1.37 37.33 -3.92
CA VAL C 112 -0.85 36.59 -2.78
C VAL C 112 -1.72 35.36 -2.46
N TRP C 113 -1.12 34.18 -2.43
CA TRP C 113 -1.87 32.97 -2.08
C TRP C 113 -1.18 32.42 -0.88
N LEU C 114 -1.95 32.05 0.14
CA LEU C 114 -1.43 31.51 1.40
C LEU C 114 -1.55 30.02 1.36
N LYS C 115 -0.49 29.32 1.80
CA LYS C 115 -0.53 27.87 1.94
C LYS C 115 -0.64 27.59 3.43
N LEU C 116 -1.69 26.90 3.84
CA LEU C 116 -2.05 26.90 5.26
C LEU C 116 -1.55 25.64 5.91
N GLU C 117 -0.33 25.71 6.39
CA GLU C 117 0.36 24.56 6.96
C GLU C 117 -0.20 24.12 8.34
N TRP C 118 -1.17 24.84 8.92
CA TRP C 118 -1.88 24.32 10.12
C TRP C 118 -2.83 23.17 9.83
N TYR C 119 -3.08 22.91 8.54
CA TYR C 119 -3.91 21.80 8.07
C TYR C 119 -3.22 20.44 8.18
N ASN C 120 -2.31 20.30 9.14
CA ASN C 120 -1.61 19.07 9.42
C ASN C 120 -2.14 18.63 10.78
N PRO C 121 -2.41 17.33 10.93
CA PRO C 121 -3.29 16.91 12.01
C PRO C 121 -2.73 16.70 13.41
N PHE C 122 -1.42 16.75 13.60
CA PHE C 122 -0.83 16.46 14.89
C PHE C 122 -0.52 17.76 15.66
N SER C 123 0.37 18.59 15.12
CA SER C 123 0.79 19.87 15.77
C SER C 123 0.00 21.10 15.29
N LEU C 124 -0.74 20.93 14.19
CA LEU C 124 -1.46 21.98 13.52
C LEU C 124 -0.44 22.98 13.00
N SER C 125 0.48 22.43 12.20
CA SER C 125 1.61 23.16 11.66
C SER C 125 2.40 22.45 10.57
N VAL C 126 3.31 23.26 10.05
CA VAL C 126 4.35 22.84 9.13
C VAL C 126 5.31 21.75 9.63
N ALA C 127 5.47 21.63 10.95
CA ALA C 127 6.41 20.72 11.57
C ALA C 127 5.98 19.26 11.56
N ASP C 128 4.75 18.98 11.22
CA ASP C 128 4.27 17.59 11.19
C ASP C 128 5.09 16.79 10.21
N ARG C 129 5.49 17.46 9.15
CA ARG C 129 6.18 16.88 8.03
C ARG C 129 7.56 16.33 8.42
N PRO C 130 8.48 17.20 8.95
CA PRO C 130 9.70 16.61 9.39
C PRO C 130 9.50 15.57 10.48
N ALA C 131 8.55 15.76 11.39
CA ALA C 131 8.33 14.68 12.41
C ALA C 131 8.08 13.34 11.70
N VAL C 132 7.04 13.29 10.90
CA VAL C 132 6.72 12.02 10.17
C VAL C 132 7.97 11.43 9.48
N GLU C 133 8.67 12.25 8.71
CA GLU C 133 9.79 11.77 7.90
C GLU C 133 10.93 11.26 8.80
N ILE C 134 11.19 11.99 9.86
CA ILE C 134 12.27 11.64 10.79
C ILE C 134 11.99 10.32 11.52
N ILE C 135 10.76 10.11 11.98
CA ILE C 135 10.50 8.90 12.77
C ILE C 135 10.47 7.71 11.83
N SER C 136 9.71 7.85 10.74
CA SER C 136 9.63 6.85 9.67
C SER C 136 10.99 6.29 9.25
N ARG C 137 11.96 7.17 9.09
CA ARG C 137 13.20 6.70 8.53
C ARG C 137 14.12 6.06 9.56
N LEU C 138 13.85 6.37 10.82
CA LEU C 138 14.51 5.83 11.97
C LEU C 138 13.87 4.49 12.34
N SER C 139 12.64 4.26 11.86
CA SER C 139 11.82 3.13 12.28
C SER C 139 12.39 1.76 11.88
N ARG C 140 13.26 1.75 10.86
CA ARG C 140 13.98 0.55 10.44
C ARG C 140 14.94 0.07 11.54
N ARG C 141 15.70 1.01 12.10
CA ARG C 141 16.94 0.72 12.82
C ARG C 141 16.87 0.88 14.34
N VAL C 142 15.75 1.41 14.84
CA VAL C 142 15.63 1.80 16.25
C VAL C 142 14.55 0.97 16.91
N GLU C 143 14.93 0.36 18.02
CA GLU C 143 14.09 -0.56 18.75
C GLU C 143 12.86 0.21 19.23
N LYS C 144 11.66 -0.27 18.88
CA LYS C 144 10.44 0.19 19.55
C LYS C 144 10.64 0.16 21.06
N GLY C 145 10.01 1.08 21.76
CA GLY C 145 10.34 1.36 23.15
C GLY C 145 11.35 2.48 23.34
N SER C 146 12.30 2.66 22.41
CA SER C 146 13.42 3.59 22.60
C SER C 146 12.95 5.03 22.72
N LEU C 147 13.80 5.87 23.29
CA LEU C 147 13.45 7.28 23.51
C LEU C 147 14.02 8.15 22.42
N VAL C 148 13.27 9.16 21.99
CA VAL C 148 13.77 10.09 20.99
C VAL C 148 13.61 11.47 21.56
N ALA C 149 14.47 12.42 21.19
CA ALA C 149 14.36 13.77 21.74
C ALA C 149 14.87 14.85 20.78
N ASP C 150 14.29 16.04 20.85
CA ASP C 150 14.88 17.21 20.18
C ASP C 150 14.65 18.46 20.99
N ALA C 151 15.43 19.49 20.64
CA ALA C 151 15.10 20.86 20.99
C ALA C 151 14.04 21.35 20.03
N THR C 152 13.16 22.20 20.53
CA THR C 152 12.06 22.72 19.72
C THR C 152 11.65 24.09 20.21
N SER C 153 10.99 24.84 19.32
CA SER C 153 10.35 26.10 19.67
C SER C 153 8.94 25.89 20.23
N SER C 154 8.34 24.71 19.96
CA SER C 154 7.02 24.24 20.44
C SER C 154 6.45 23.19 19.46
N ASN C 155 6.30 23.60 18.21
CA ASN C 155 5.63 22.80 17.18
C ASN C 155 6.24 21.43 16.89
N PHE C 156 7.53 21.40 16.61
CA PHE C 156 8.22 20.13 16.30
C PHE C 156 8.15 19.19 17.52
N GLY C 157 8.37 19.74 18.71
CA GLY C 157 8.04 19.03 19.95
C GLY C 157 6.75 18.26 19.85
N VAL C 158 5.64 19.01 19.67
CA VAL C 158 4.28 18.48 19.68
C VAL C 158 4.12 17.42 18.61
N ALA C 159 4.44 17.78 17.36
CA ALA C 159 4.53 16.75 16.28
C ALA C 159 5.34 15.48 16.68
N LEU C 160 6.58 15.69 17.14
CA LEU C 160 7.46 14.59 17.52
C LEU C 160 6.79 13.63 18.51
N SER C 161 6.08 14.19 19.49
CA SER C 161 5.44 13.36 20.50
C SER C 161 4.33 12.53 19.88
N ALA C 162 3.57 13.13 18.97
CA ALA C 162 2.43 12.41 18.38
C ALA C 162 2.92 11.26 17.50
N VAL C 163 3.89 11.56 16.64
CA VAL C 163 4.38 10.56 15.67
C VAL C 163 5.20 9.44 16.37
N ALA C 164 6.07 9.83 17.31
CA ALA C 164 6.83 8.85 18.10
C ALA C 164 5.94 7.80 18.74
N ARG C 165 4.78 8.22 19.22
CA ARG C 165 3.87 7.29 19.85
C ARG C 165 3.23 6.37 18.83
N LEU C 166 2.63 6.92 17.78
CA LEU C 166 1.99 6.13 16.72
C LEU C 166 2.92 5.02 16.15
N TYR C 167 4.23 5.32 16.06
CA TYR C 167 5.27 4.34 15.68
C TYR C 167 5.77 3.44 16.86
N GLY C 168 5.44 3.75 18.11
CA GLY C 168 5.82 2.92 19.30
C GLY C 168 7.13 3.33 19.96
N TYR C 169 7.35 4.63 20.03
CA TYR C 169 8.54 5.15 20.69
C TYR C 169 8.04 6.01 21.85
N ARG C 170 8.96 6.31 22.75
CA ARG C 170 8.74 7.32 23.79
C ARG C 170 9.41 8.59 23.28
N ALA C 171 8.97 9.77 23.70
CA ALA C 171 9.60 11.02 23.26
C ALA C 171 9.95 11.84 24.46
N ARG C 172 10.98 12.65 24.33
CA ARG C 172 11.24 13.75 25.27
C ARG C 172 11.42 15.04 24.50
N VAL C 173 10.91 16.15 25.02
CA VAL C 173 10.96 17.42 24.35
C VAL C 173 11.66 18.49 25.21
N TYR C 174 12.65 19.17 24.61
CA TYR C 174 13.36 20.27 25.23
C TYR C 174 12.92 21.61 24.62
N LEU C 175 12.51 22.55 25.48
CA LEU C 175 12.07 23.87 25.04
C LEU C 175 12.77 24.97 25.83
N PRO C 176 12.95 26.16 25.22
CA PRO C 176 13.39 27.32 26.01
C PRO C 176 12.29 27.97 26.86
N GLY C 177 12.69 29.02 27.59
CA GLY C 177 11.82 29.77 28.48
C GLY C 177 10.66 30.49 27.82
N ALA C 178 10.91 31.07 26.66
CA ALA C 178 9.88 31.84 25.98
C ALA C 178 8.94 30.99 25.13
N ALA C 179 8.94 29.66 25.33
CA ALA C 179 8.11 28.77 24.50
C ALA C 179 6.63 29.00 24.71
N GLU C 180 5.85 28.84 23.64
CA GLU C 180 4.40 28.93 23.76
C GLU C 180 3.94 27.85 24.73
N GLU C 181 2.90 28.16 25.49
CA GLU C 181 2.37 27.21 26.47
C GLU C 181 1.86 25.92 25.79
N PHE C 182 1.45 26.01 24.51
CA PHE C 182 1.02 24.80 23.77
C PHE C 182 2.20 23.81 23.61
N GLY C 183 3.40 24.38 23.48
CA GLY C 183 4.62 23.61 23.32
C GLY C 183 5.13 22.98 24.59
N LYS C 184 4.84 23.62 25.71
CA LYS C 184 5.16 23.09 27.03
C LYS C 184 4.16 22.02 27.47
N LEU C 185 2.90 22.15 27.04
CA LEU C 185 1.81 21.34 27.58
C LEU C 185 1.37 20.12 26.73
N LEU C 186 1.23 20.27 25.42
CA LEU C 186 0.62 19.19 24.59
C LEU C 186 1.44 17.91 24.39
N PRO C 187 2.80 17.98 24.44
CA PRO C 187 3.57 16.75 24.46
C PRO C 187 3.26 15.85 25.68
N ARG C 188 2.96 16.46 26.82
CA ARG C 188 2.52 15.71 28.04
C ARG C 188 1.17 15.01 27.78
N LEU C 189 0.26 15.73 27.12
CA LEU C 189 -1.00 15.15 26.64
C LEU C 189 -0.77 13.93 25.74
N LEU C 190 0.18 14.06 24.83
CA LEU C 190 0.57 12.99 23.92
C LEU C 190 1.50 11.90 24.48
N GLY C 191 1.92 12.03 25.76
CA GLY C 191 2.65 10.98 26.48
C GLY C 191 4.16 11.14 26.56
N ALA C 192 4.64 12.36 26.38
CA ALA C 192 6.02 12.66 26.21
C ALA C 192 6.48 13.43 27.45
N GLN C 193 7.75 13.22 27.81
CA GLN C 193 8.45 13.99 28.85
C GLN C 193 8.84 15.35 28.28
N VAL C 194 8.83 16.37 29.15
CA VAL C 194 9.04 17.77 28.79
C VAL C 194 10.08 18.32 29.76
N ILE C 195 11.08 19.00 29.23
CA ILE C 195 12.09 19.71 30.02
C ILE C 195 12.11 21.12 29.44
N VAL C 196 11.81 22.11 30.28
CA VAL C 196 11.82 23.52 29.88
C VAL C 196 13.08 24.15 30.49
N ASP C 197 13.87 24.87 29.71
CA ASP C 197 15.01 25.63 30.26
C ASP C 197 14.77 27.14 30.17
N PRO C 198 14.44 27.79 31.31
CA PRO C 198 14.26 29.25 31.30
C PRO C 198 15.53 30.13 31.11
N GLU C 199 16.72 29.53 31.05
CA GLU C 199 17.93 30.26 30.62
C GLU C 199 17.95 30.54 29.12
N ALA C 200 17.52 29.56 28.33
CA ALA C 200 17.85 29.48 26.90
C ALA C 200 17.26 30.61 26.04
N PRO C 201 18.08 31.60 25.62
CA PRO C 201 17.53 32.71 24.83
C PRO C 201 16.96 32.29 23.46
N SER C 202 17.43 31.16 22.92
CA SER C 202 16.76 30.55 21.76
C SER C 202 16.82 29.04 21.89
N THR C 203 16.23 28.33 20.94
CA THR C 203 16.20 26.87 20.99
C THR C 203 17.58 26.31 20.67
N VAL C 204 18.37 27.03 19.85
CA VAL C 204 19.76 26.67 19.57
C VAL C 204 20.67 26.70 20.81
N HIS C 205 20.30 27.48 21.83
CA HIS C 205 20.94 27.40 23.15
C HIS C 205 20.64 26.08 23.89
N LEU C 206 19.77 25.23 23.35
CA LEU C 206 19.46 23.96 23.99
C LEU C 206 20.17 22.75 23.38
N LEU C 207 20.66 22.87 22.13
CA LEU C 207 21.28 21.73 21.44
C LEU C 207 22.48 21.09 22.16
N PRO C 208 23.39 21.90 22.75
CA PRO C 208 24.49 21.29 23.51
C PRO C 208 24.04 20.43 24.69
N ARG C 209 23.06 20.92 25.48
CA ARG C 209 22.52 20.14 26.61
C ARG C 209 21.80 18.88 26.11
N VAL C 210 21.14 18.97 24.97
CA VAL C 210 20.42 17.83 24.39
C VAL C 210 21.41 16.75 23.97
N MET C 211 22.45 17.15 23.24
CA MET C 211 23.53 16.25 22.83
C MET C 211 24.21 15.63 24.04
N LYS C 212 24.53 16.47 25.04
CA LYS C 212 25.06 15.97 26.31
C LYS C 212 24.15 14.85 26.87
N ASP C 213 22.86 15.14 27.02
CA ASP C 213 21.91 14.21 27.66
C ASP C 213 21.82 12.89 26.88
N SER C 214 21.99 13.01 25.56
CA SER C 214 21.92 11.92 24.62
C SER C 214 23.15 11.01 24.76
N LYS C 215 24.33 11.62 24.91
CA LYS C 215 25.56 10.87 25.22
C LYS C 215 25.44 10.07 26.54
N ASN C 216 24.88 10.67 27.59
CA ASN C 216 24.78 10.01 28.92
C ASN C 216 23.70 8.94 29.03
N GLU C 217 22.47 9.30 28.64
CA GLU C 217 21.33 8.41 28.77
C GLU C 217 21.14 7.52 27.54
N GLY C 218 21.83 7.83 26.44
CA GLY C 218 21.70 7.02 25.23
C GLY C 218 20.29 7.07 24.71
N PHE C 219 19.83 8.26 24.32
CA PHE C 219 18.57 8.39 23.59
C PHE C 219 18.95 8.94 22.20
N VAL C 220 18.05 8.76 21.25
CA VAL C 220 18.25 9.23 19.88
C VAL C 220 17.94 10.71 19.76
N HIS C 221 18.94 11.50 19.41
CA HIS C 221 18.71 12.90 19.15
C HIS C 221 18.39 13.05 17.67
N VAL C 222 17.09 13.18 17.36
CA VAL C 222 16.68 13.32 15.97
C VAL C 222 17.20 14.58 15.24
N ASN C 223 17.59 15.60 15.98
CA ASN C 223 18.25 16.80 15.47
C ASN C 223 17.62 17.30 14.16
N GLN C 224 16.48 17.96 14.30
CA GLN C 224 15.76 18.60 13.21
C GLN C 224 16.59 19.67 12.48
N TYR C 225 17.50 20.33 13.20
CA TYR C 225 18.39 21.35 12.61
C TYR C 225 19.44 20.77 11.65
N TYR C 226 19.74 19.49 11.81
CA TYR C 226 20.78 18.85 11.05
C TYR C 226 20.24 17.72 10.18
N ASN C 227 19.11 17.14 10.58
CA ASN C 227 18.67 15.89 10.02
C ASN C 227 18.18 16.18 8.62
N ASP C 228 18.87 15.65 7.62
CA ASP C 228 18.42 15.77 6.22
C ASP C 228 16.96 15.29 5.91
N ALA C 229 16.42 14.34 6.68
CA ALA C 229 14.96 14.04 6.62
C ALA C 229 14.03 15.24 6.81
N ASN C 230 14.48 16.27 7.53
CA ASN C 230 13.71 17.51 7.60
C ASN C 230 13.53 18.00 6.15
N PHE C 231 14.63 18.42 5.56
CA PHE C 231 14.62 19.09 4.24
C PHE C 231 13.96 18.22 3.16
N GLU C 232 14.28 16.95 3.15
CA GLU C 232 13.64 15.99 2.26
C GLU C 232 12.14 15.90 2.50
N ALA C 233 11.68 15.98 3.77
CA ALA C 233 10.24 16.01 4.03
C ALA C 233 9.56 17.14 3.29
N HIS C 234 10.16 18.31 3.32
CA HIS C 234 9.55 19.43 2.69
C HIS C 234 9.68 19.32 1.16
N MET C 235 10.79 18.80 0.66
CA MET C 235 11.00 18.69 -0.80
C MET C 235 9.87 17.87 -1.39
N ARG C 236 9.69 16.67 -0.86
CA ARG C 236 8.58 15.82 -1.33
C ARG C 236 7.17 16.35 -0.99
N GLY C 237 7.00 17.24 0.01
CA GLY C 237 5.67 17.66 0.45
C GLY C 237 5.32 19.09 0.03
N THR C 238 5.59 19.99 0.94
CA THR C 238 5.50 21.40 0.74
C THR C 238 5.90 21.87 -0.66
N ALA C 239 7.16 21.65 -1.05
CA ALA C 239 7.80 22.17 -2.27
C ALA C 239 7.26 21.60 -3.56
N ARG C 240 7.21 20.27 -3.66
CA ARG C 240 6.35 19.65 -4.70
C ARG C 240 4.94 20.17 -4.75
N GLU C 241 4.28 20.40 -3.59
CA GLU C 241 2.96 20.87 -3.70
C GLU C 241 2.92 22.28 -4.20
N ILE C 242 3.74 23.21 -3.70
CA ILE C 242 3.67 24.56 -4.26
C ILE C 242 3.73 24.46 -5.81
N PHE C 243 4.64 23.65 -6.34
CA PHE C 243 4.76 23.43 -7.80
C PHE C 243 3.49 22.86 -8.45
N VAL C 244 2.91 21.83 -7.82
CA VAL C 244 1.70 21.14 -8.35
C VAL C 244 0.45 22.01 -8.17
N GLN C 245 0.35 22.70 -7.03
CA GLN C 245 -0.72 23.67 -6.84
C GLN C 245 -0.61 24.84 -7.82
N SER C 246 0.60 25.18 -8.26
CA SER C 246 0.83 26.36 -9.12
C SER C 246 0.55 26.07 -10.60
N ARG C 247 0.91 24.86 -11.02
CA ARG C 247 0.63 24.40 -12.37
C ARG C 247 -0.86 24.22 -12.57
N ARG C 248 -1.44 23.30 -11.81
CA ARG C 248 -2.81 22.87 -12.03
C ARG C 248 -3.87 23.89 -11.65
N GLY C 249 -3.53 24.82 -10.77
CA GLY C 249 -4.37 25.99 -10.51
C GLY C 249 -4.26 27.13 -11.52
N GLY C 250 -3.20 27.14 -12.33
CA GLY C 250 -2.94 28.22 -13.29
C GLY C 250 -2.46 29.54 -12.70
N LEU C 251 -1.68 29.46 -11.62
CA LEU C 251 -0.89 30.61 -11.15
C LEU C 251 0.22 30.91 -12.13
N ALA C 252 0.57 32.20 -12.21
CA ALA C 252 1.78 32.66 -12.89
C ALA C 252 2.82 32.92 -11.80
N LEU C 253 3.40 31.84 -11.30
CA LEU C 253 4.25 31.85 -10.12
C LEU C 253 5.56 32.63 -10.27
N ARG C 254 5.66 33.75 -9.60
CA ARG C 254 6.92 34.54 -9.65
C ARG C 254 7.77 34.34 -8.43
N GLY C 255 7.17 33.90 -7.34
CA GLY C 255 7.94 33.75 -6.13
C GLY C 255 7.17 33.11 -5.02
N VAL C 256 7.93 32.79 -3.99
CA VAL C 256 7.43 32.24 -2.75
C VAL C 256 8.06 33.04 -1.63
N ALA C 257 7.37 33.16 -0.52
CA ALA C 257 7.94 33.82 0.63
C ALA C 257 7.68 32.95 1.84
N GLY C 258 8.57 33.05 2.81
CA GLY C 258 8.34 32.38 4.06
C GLY C 258 9.47 32.56 5.05
N SER C 259 9.32 31.87 6.17
CA SER C 259 10.10 32.10 7.37
C SER C 259 11.12 30.95 7.62
N LEU C 260 12.00 31.13 8.60
CA LEU C 260 13.20 30.27 8.78
C LEU C 260 13.42 29.89 10.25
N GLY C 261 13.27 28.60 10.54
CA GLY C 261 13.64 28.00 11.83
C GLY C 261 14.85 27.13 11.66
N THR C 262 14.62 25.87 11.28
CA THR C 262 15.67 25.06 10.77
C THR C 262 16.10 25.47 9.33
N SER C 263 15.29 26.29 8.67
CA SER C 263 15.28 26.52 7.20
C SER C 263 14.75 25.35 6.37
N GLY C 264 14.28 24.27 7.02
CA GLY C 264 13.88 23.05 6.28
C GLY C 264 12.92 23.32 5.16
N HIS C 265 11.79 23.96 5.49
CA HIS C 265 10.69 24.10 4.54
C HIS C 265 10.96 25.14 3.45
N MET C 266 11.51 26.28 3.82
CA MET C 266 11.82 27.30 2.81
C MET C 266 13.00 26.97 1.90
N SER C 267 14.03 26.31 2.44
CA SER C 267 15.13 25.81 1.61
C SER C 267 14.62 24.85 0.52
N ALA C 268 13.66 23.99 0.86
CA ALA C 268 13.07 23.06 -0.11
C ALA C 268 12.28 23.82 -1.17
N ALA C 269 11.43 24.73 -0.70
CA ALA C 269 10.57 25.52 -1.57
C ALA C 269 11.39 26.19 -2.66
N ALA C 270 12.49 26.82 -2.23
CA ALA C 270 13.37 27.55 -3.13
C ALA C 270 14.17 26.64 -4.04
N PHE C 271 14.74 25.60 -3.47
CA PHE C 271 15.53 24.70 -4.23
C PHE C 271 14.69 24.04 -5.34
N TYR C 272 13.43 23.71 -5.02
CA TYR C 272 12.56 22.90 -5.88
C TYR C 272 12.08 23.72 -7.11
N LEU C 273 11.45 24.85 -6.87
CA LEU C 273 10.89 25.71 -7.93
C LEU C 273 11.95 26.42 -8.76
N GLN C 274 13.07 26.76 -8.12
CA GLN C 274 14.26 27.22 -8.85
C GLN C 274 14.84 26.17 -9.79
N SER C 275 14.68 24.89 -9.44
CA SER C 275 15.10 23.83 -10.38
C SER C 275 14.25 23.88 -11.64
N VAL C 276 12.96 24.11 -11.49
CA VAL C 276 12.06 24.26 -12.64
C VAL C 276 12.31 25.61 -13.35
N ASP C 277 12.37 26.70 -12.59
CA ASP C 277 12.60 28.04 -13.20
C ASP C 277 13.51 28.86 -12.31
N PRO C 278 14.79 29.06 -12.70
CA PRO C 278 15.75 29.74 -11.81
C PRO C 278 15.43 31.18 -11.41
N SER C 279 14.46 31.80 -12.11
CA SER C 279 14.02 33.16 -11.85
C SER C 279 12.88 33.32 -10.83
N ILE C 280 12.38 32.20 -10.31
CA ILE C 280 11.37 32.27 -9.26
C ILE C 280 12.12 32.73 -8.03
N ARG C 281 11.51 33.68 -7.33
CA ARG C 281 12.07 34.39 -6.20
C ARG C 281 11.80 33.70 -4.85
N ALA C 282 12.62 33.99 -3.84
CA ALA C 282 12.34 33.55 -2.45
C ALA C 282 12.52 34.73 -1.50
N VAL C 283 11.42 35.20 -0.93
CA VAL C 283 11.47 36.29 0.01
C VAL C 283 11.40 35.73 1.42
N LEU C 284 12.49 35.91 2.16
CA LEU C 284 12.66 35.22 3.41
C LEU C 284 12.72 36.22 4.56
N VAL C 285 11.96 35.91 5.61
CA VAL C 285 11.90 36.70 6.85
C VAL C 285 13.19 36.73 7.67
N GLN C 286 13.64 37.94 8.01
CA GLN C 286 14.68 38.16 8.99
C GLN C 286 13.98 38.80 10.19
N PRO C 287 13.84 38.06 11.32
CA PRO C 287 13.41 38.69 12.57
C PRO C 287 14.32 39.88 12.91
N ALA C 288 13.77 41.09 12.99
CA ALA C 288 14.59 42.30 13.16
C ALA C 288 15.38 42.14 14.42
N GLN C 289 16.67 42.49 14.34
CA GLN C 289 17.61 42.27 15.46
C GLN C 289 17.03 42.78 16.76
N GLY C 290 16.96 41.90 17.75
CA GLY C 290 16.36 42.22 19.04
C GLY C 290 15.01 41.56 19.29
N ASP C 291 14.31 41.13 18.23
CA ASP C 291 12.97 40.57 18.38
C ASP C 291 12.93 39.04 18.31
N SER C 292 11.87 38.47 18.86
CA SER C 292 11.66 37.03 18.82
C SER C 292 10.27 36.76 18.25
N ILE C 293 10.27 36.24 17.01
CA ILE C 293 9.05 35.83 16.33
C ILE C 293 8.95 34.32 16.48
N PRO C 294 7.93 33.81 17.17
CA PRO C 294 7.81 32.37 17.44
C PRO C 294 8.11 31.41 16.28
N GLY C 295 8.92 30.39 16.58
CA GLY C 295 9.32 29.38 15.62
C GLY C 295 10.36 29.80 14.60
N ILE C 296 10.91 31.02 14.69
CA ILE C 296 11.89 31.44 13.69
C ILE C 296 13.12 32.11 14.28
N ALA C 297 14.13 32.28 13.45
CA ALA C 297 15.38 32.94 13.82
C ALA C 297 16.03 33.62 12.61
N ARG C 298 17.16 34.27 12.85
CA ARG C 298 17.89 34.97 11.81
C ARG C 298 18.80 34.00 11.04
N VAL C 299 19.10 34.37 9.80
CA VAL C 299 19.84 33.53 8.84
C VAL C 299 21.26 33.16 9.31
N GLU C 300 21.97 34.15 9.80
CA GLU C 300 23.33 33.98 10.25
C GLU C 300 23.49 33.16 11.55
N THR C 301 22.38 32.79 12.21
CA THR C 301 22.43 32.18 13.55
C THR C 301 22.53 30.65 13.63
N GLY C 302 22.76 29.97 12.49
CA GLY C 302 22.95 28.50 12.47
C GLY C 302 21.79 27.74 11.84
N MET C 303 21.76 27.75 10.49
CA MET C 303 20.74 27.05 9.68
C MET C 303 21.41 26.33 8.52
N LEU C 304 21.13 25.04 8.36
CA LEU C 304 21.93 24.21 7.46
C LEU C 304 21.60 24.54 6.00
N TRP C 305 20.41 24.18 5.57
CA TRP C 305 20.11 23.99 4.14
C TRP C 305 20.17 25.30 3.35
N ILE C 306 19.55 26.35 3.88
CA ILE C 306 19.51 27.65 3.19
C ILE C 306 20.92 28.15 2.89
N ASN C 307 21.85 27.88 3.81
CA ASN C 307 23.23 28.33 3.75
C ASN C 307 24.15 27.39 2.95
N MET C 308 23.88 26.07 2.99
CA MET C 308 24.74 25.08 2.31
C MET C 308 24.36 24.83 0.83
N LEU C 309 23.07 24.91 0.51
CA LEU C 309 22.57 24.58 -0.86
C LEU C 309 22.70 25.77 -1.84
N ASP C 310 22.74 25.46 -3.14
CA ASP C 310 22.64 26.46 -4.25
C ASP C 310 21.17 26.92 -4.42
N ILE C 311 20.83 27.95 -3.64
CA ILE C 311 19.52 28.59 -3.66
C ILE C 311 19.74 30.10 -3.75
N SER C 312 18.80 30.79 -4.37
CA SER C 312 18.73 32.24 -4.35
C SER C 312 17.62 32.71 -3.43
N TYR C 313 17.84 33.84 -2.78
CA TYR C 313 16.81 34.44 -1.96
C TYR C 313 17.18 35.87 -1.70
N THR C 314 16.20 36.62 -1.23
CA THR C 314 16.37 37.99 -0.85
C THR C 314 15.76 38.16 0.51
N LEU C 315 16.56 38.59 1.47
CA LEU C 315 16.11 38.80 2.83
C LEU C 315 15.31 40.09 3.00
N ALA C 316 14.52 40.11 4.06
CA ALA C 316 13.71 41.26 4.43
C ALA C 316 13.58 41.31 5.95
N GLU C 317 13.86 42.47 6.51
CA GLU C 317 13.75 42.69 7.94
C GLU C 317 12.28 42.85 8.28
N VAL C 318 11.89 42.26 9.40
CA VAL C 318 10.51 42.31 9.90
C VAL C 318 10.58 42.31 11.44
N THR C 319 9.97 43.30 12.07
CA THR C 319 9.86 43.34 13.52
C THR C 319 8.69 42.45 13.94
N LEU C 320 8.74 42.00 15.19
CA LEU C 320 7.63 41.38 15.88
C LEU C 320 6.33 42.23 15.85
N GLU C 321 6.46 43.56 15.94
CA GLU C 321 5.33 44.46 15.77
C GLU C 321 4.68 44.36 14.40
N GLU C 322 5.51 44.42 13.36
CA GLU C 322 5.05 44.28 11.98
C GLU C 322 4.43 42.91 11.70
N ALA C 323 5.02 41.85 12.27
CA ALA C 323 4.51 40.49 12.03
C ALA C 323 3.08 40.38 12.54
N MET C 324 2.82 40.93 13.72
CA MET C 324 1.52 40.86 14.33
C MET C 324 0.50 41.78 13.65
N GLU C 325 0.96 42.95 13.18
CA GLU C 325 0.16 43.82 12.29
C GLU C 325 -0.29 43.13 11.00
N ALA C 326 0.52 42.20 10.50
CA ALA C 326 0.16 41.43 9.34
C ALA C 326 -0.81 40.30 9.70
N VAL C 327 -0.76 39.83 10.96
CA VAL C 327 -1.77 38.89 11.47
C VAL C 327 -3.11 39.63 11.59
N VAL C 328 -3.05 40.92 11.95
CA VAL C 328 -4.21 41.79 12.01
C VAL C 328 -4.72 42.07 10.59
N GLU C 329 -3.84 42.51 9.70
CA GLU C 329 -4.27 42.75 8.32
C GLU C 329 -4.98 41.54 7.73
N VAL C 330 -4.35 40.37 7.81
CA VAL C 330 -4.83 39.13 7.17
C VAL C 330 -6.16 38.66 7.77
N ALA C 331 -6.24 38.53 9.09
CA ALA C 331 -7.52 38.22 9.77
C ALA C 331 -8.72 39.00 9.23
N ARG C 332 -8.54 40.30 9.20
CA ARG C 332 -9.57 41.25 8.87
C ARG C 332 -9.95 41.33 7.41
N SER C 333 -9.05 40.88 6.54
CA SER C 333 -9.27 40.82 5.11
C SER C 333 -9.78 39.43 4.68
N ASP C 334 -9.35 38.37 5.33
CA ASP C 334 -9.61 37.00 4.87
C ASP C 334 -10.42 36.11 5.84
N GLY C 335 -10.52 36.52 7.10
CA GLY C 335 -11.18 35.69 8.11
C GLY C 335 -10.32 34.52 8.53
N LEU C 336 -9.02 34.62 8.31
CA LEU C 336 -8.04 33.57 8.57
C LEU C 336 -7.14 34.11 9.67
N VAL C 337 -6.92 33.32 10.71
CA VAL C 337 -6.07 33.67 11.82
C VAL C 337 -4.76 32.89 11.77
N ILE C 338 -3.74 33.57 11.23
CA ILE C 338 -2.41 33.03 10.99
C ILE C 338 -1.46 33.36 12.13
N GLY C 339 -0.42 32.54 12.22
CA GLY C 339 0.59 32.61 13.27
C GLY C 339 1.56 33.74 13.00
N PRO C 340 2.33 34.15 14.04
CA PRO C 340 3.27 35.27 13.87
C PRO C 340 4.27 35.11 12.71
N SER C 341 4.83 33.91 12.52
CA SER C 341 5.79 33.67 11.43
C SER C 341 5.14 33.89 10.06
N GLY C 342 3.91 33.43 9.93
CA GLY C 342 3.07 33.68 8.80
C GLY C 342 2.81 35.15 8.61
N GLY C 343 2.41 35.82 9.68
CA GLY C 343 2.35 37.27 9.68
C GLY C 343 3.60 37.88 9.09
N ALA C 344 4.73 37.53 9.70
CA ALA C 344 6.04 38.00 9.28
C ALA C 344 6.33 37.70 7.83
N ALA C 345 5.97 36.49 7.35
CA ALA C 345 6.21 36.14 5.96
C ALA C 345 5.43 37.08 5.05
N VAL C 346 4.13 37.28 5.35
CA VAL C 346 3.30 38.19 4.56
C VAL C 346 3.98 39.56 4.53
N LYS C 347 4.42 40.06 5.69
CA LYS C 347 5.13 41.36 5.77
C LYS C 347 6.39 41.52 4.91
N ALA C 348 7.22 40.49 4.81
CA ALA C 348 8.38 40.50 3.91
C ALA C 348 7.96 40.64 2.46
N LEU C 349 6.95 39.88 2.08
CA LEU C 349 6.43 39.94 0.73
C LEU C 349 5.96 41.35 0.35
N ALA C 350 5.35 42.07 1.28
CA ALA C 350 4.79 43.42 1.01
C ALA C 350 5.85 44.53 1.07
N LYS C 351 6.81 44.41 1.98
CA LYS C 351 7.99 45.28 1.99
C LYS C 351 8.71 45.19 0.66
N LYS C 352 8.96 43.97 0.21
CA LYS C 352 9.56 43.73 -1.12
C LYS C 352 8.65 44.04 -2.33
N ALA C 353 7.33 44.08 -2.14
CA ALA C 353 6.46 44.55 -3.22
C ALA C 353 6.51 46.08 -3.27
N ALA C 354 6.52 46.73 -2.11
CA ALA C 354 6.53 48.20 -2.00
C ALA C 354 7.84 48.91 -2.40
N GLU C 355 8.89 48.16 -2.73
CA GLU C 355 10.16 48.70 -3.24
C GLU C 355 10.34 48.46 -4.74
N GLY C 356 9.26 48.07 -5.44
CA GLY C 356 9.31 47.83 -6.89
C GLY C 356 10.19 46.67 -7.34
N ASP C 357 10.53 45.81 -6.38
CA ASP C 357 11.51 44.77 -6.58
C ASP C 357 10.95 43.54 -7.31
N LEU C 358 9.72 43.17 -7.00
CA LEU C 358 9.13 41.91 -7.48
C LEU C 358 8.38 42.06 -8.79
N GLU C 359 8.50 41.06 -9.66
CA GLU C 359 7.72 41.01 -10.90
C GLU C 359 6.26 40.81 -10.56
N PRO C 360 5.36 41.48 -11.30
CA PRO C 360 3.95 41.21 -11.07
C PRO C 360 3.57 39.77 -11.35
N GLY C 361 2.66 39.23 -10.53
CA GLY C 361 2.20 37.85 -10.69
C GLY C 361 1.75 37.22 -9.38
N ASP C 362 1.73 35.89 -9.38
CA ASP C 362 1.29 35.11 -8.22
C ASP C 362 2.45 34.83 -7.26
N TYR C 363 2.18 34.81 -5.95
CA TYR C 363 3.19 34.67 -4.90
C TYR C 363 2.64 33.92 -3.70
N VAL C 364 3.37 32.89 -3.29
CA VAL C 364 2.90 31.96 -2.30
C VAL C 364 3.58 32.17 -0.97
N VAL C 365 2.81 32.52 0.04
CA VAL C 365 3.36 32.73 1.37
C VAL C 365 3.09 31.46 2.15
N VAL C 366 4.12 30.80 2.64
CA VAL C 366 3.93 29.58 3.50
C VAL C 366 3.60 30.09 4.89
N VAL C 367 2.42 29.72 5.38
CA VAL C 367 1.96 30.10 6.73
C VAL C 367 2.27 28.88 7.58
N PRO C 368 3.27 28.98 8.44
CA PRO C 368 3.61 27.75 9.17
C PRO C 368 2.51 27.14 10.01
N ASP C 369 1.72 28.00 10.66
CA ASP C 369 0.71 27.51 11.64
C ASP C 369 -0.43 28.53 11.88
N THR C 370 -1.29 28.28 12.89
CA THR C 370 -2.53 29.06 13.12
C THR C 370 -2.30 29.96 14.31
N GLY C 371 -2.85 31.17 14.21
CA GLY C 371 -2.80 32.20 15.26
C GLY C 371 -3.62 31.87 16.49
N PHE C 372 -4.51 30.88 16.40
CA PHE C 372 -5.20 30.38 17.57
C PHE C 372 -4.28 29.99 18.72
N LYS C 373 -3.07 29.55 18.40
CA LYS C 373 -2.05 29.19 19.38
C LYS C 373 -1.29 30.33 20.09
N TYR C 374 -1.48 31.59 19.70
CA TYR C 374 -0.65 32.71 20.17
C TYR C 374 -1.49 33.81 20.81
N LEU C 375 -2.38 33.43 21.73
CA LEU C 375 -3.40 34.37 22.26
C LEU C 375 -2.82 35.55 23.03
N SER C 376 -1.68 35.36 23.69
CA SER C 376 -1.08 36.47 24.44
C SER C 376 -0.49 37.50 23.48
N LEU C 377 0.08 37.04 22.37
CA LEU C 377 0.68 37.95 21.40
C LEU C 377 -0.41 38.74 20.65
N VAL C 378 -1.50 38.07 20.32
CA VAL C 378 -2.61 38.73 19.66
C VAL C 378 -3.17 39.84 20.55
N GLN C 379 -3.15 39.63 21.86
CA GLN C 379 -3.59 40.65 22.82
C GLN C 379 -2.67 41.88 22.80
N ASN C 380 -1.37 41.67 22.63
CA ASN C 380 -0.41 42.79 22.51
C ASN C 380 -0.54 43.54 21.20
N ALA C 381 -0.86 42.82 20.13
CA ALA C 381 -1.20 43.45 18.85
C ALA C 381 -2.35 44.44 19.05
N LEU C 382 -3.33 44.03 19.87
CA LEU C 382 -4.53 44.82 20.17
C LEU C 382 -4.35 45.74 21.40
N GLU C 383 -3.22 45.58 22.10
CA GLU C 383 -2.52 46.66 22.85
C GLU C 383 -3.34 47.35 23.95
N ALA D 2 -35.57 15.31 -17.35
CA ALA D 2 -34.35 16.18 -17.44
C ALA D 2 -33.86 16.63 -16.06
N LEU D 3 -32.72 17.32 -16.07
CA LEU D 3 -32.15 17.98 -14.89
C LEU D 3 -31.96 19.46 -15.20
N ALA D 4 -32.02 20.30 -14.17
CA ALA D 4 -31.58 21.70 -14.29
C ALA D 4 -30.80 22.09 -13.04
N ASP D 5 -29.87 23.03 -13.19
CA ASP D 5 -29.00 23.47 -12.09
C ASP D 5 -29.84 24.18 -11.02
N ILE D 6 -29.70 23.74 -9.76
CA ILE D 6 -30.49 24.27 -8.64
C ILE D 6 -30.15 25.72 -8.31
N SER D 7 -28.98 26.20 -8.76
CA SER D 7 -28.60 27.60 -8.56
C SER D 7 -29.55 28.59 -9.26
N GLY D 8 -30.20 28.15 -10.34
CA GLY D 8 -31.26 28.93 -10.97
C GLY D 8 -32.59 29.01 -10.22
N TYR D 9 -32.74 28.28 -9.11
CA TYR D 9 -34.00 28.19 -8.38
C TYR D 9 -33.93 28.65 -6.92
N LEU D 10 -32.86 29.39 -6.56
CA LEU D 10 -32.49 29.54 -5.15
C LEU D 10 -33.25 30.62 -4.38
N ASP D 11 -34.02 31.48 -5.04
CA ASP D 11 -34.76 32.50 -4.26
C ASP D 11 -35.99 31.93 -3.50
N VAL D 12 -36.29 30.63 -3.68
CA VAL D 12 -37.11 29.88 -2.74
C VAL D 12 -36.63 29.98 -1.27
N LEU D 13 -35.32 30.09 -1.07
CA LEU D 13 -34.69 30.31 0.23
C LEU D 13 -35.00 31.67 0.87
N ASP D 14 -35.40 32.64 0.04
CA ASP D 14 -35.96 33.91 0.53
C ASP D 14 -37.46 33.87 0.90
N SER D 15 -38.18 32.83 0.46
CA SER D 15 -39.65 32.78 0.59
C SER D 15 -40.19 31.62 1.42
N VAL D 16 -39.64 30.41 1.23
CA VAL D 16 -40.06 29.27 2.04
C VAL D 16 -39.86 29.62 3.52
N ARG D 17 -40.88 29.32 4.32
CA ARG D 17 -40.81 29.34 5.78
C ARG D 17 -41.34 28.00 6.24
N GLY D 18 -41.10 27.65 7.51
CA GLY D 18 -41.74 26.48 8.10
C GLY D 18 -41.05 25.19 7.72
N PHE D 19 -41.37 24.13 8.47
CA PHE D 19 -40.66 22.84 8.37
C PHE D 19 -41.38 21.85 7.48
N SER D 20 -42.53 22.22 6.92
CA SER D 20 -43.28 21.30 6.06
C SER D 20 -42.48 20.76 4.83
N TYR D 21 -41.51 21.54 4.35
CA TYR D 21 -40.62 21.07 3.28
C TYR D 21 -39.71 19.90 3.70
N LEU D 22 -39.48 19.72 5.02
CA LEU D 22 -38.61 18.67 5.51
C LEU D 22 -39.20 17.32 5.20
N GLU D 23 -40.53 17.25 5.15
CA GLU D 23 -41.29 16.07 4.75
C GLU D 23 -40.84 15.60 3.39
N ASN D 24 -40.55 16.53 2.48
CA ASN D 24 -40.04 16.19 1.16
C ASN D 24 -38.61 15.69 1.29
N ALA D 25 -37.80 16.36 2.13
CA ALA D 25 -36.44 15.92 2.34
C ALA D 25 -36.42 14.49 2.89
N ARG D 26 -37.13 14.25 3.98
CA ARG D 26 -37.11 12.89 4.52
C ARG D 26 -37.38 11.90 3.39
N GLU D 27 -38.54 12.04 2.74
CA GLU D 27 -38.96 11.07 1.72
C GLU D 27 -38.00 10.95 0.51
N VAL D 28 -37.38 12.07 0.10
CA VAL D 28 -36.41 12.02 -1.00
C VAL D 28 -35.16 11.25 -0.57
N LEU D 29 -34.64 11.53 0.63
CA LEU D 29 -33.58 10.74 1.17
C LEU D 29 -33.97 9.25 1.24
N ARG D 30 -35.16 8.93 1.77
CA ARG D 30 -35.51 7.53 2.06
C ARG D 30 -35.60 6.70 0.78
N SER D 31 -36.24 7.28 -0.22
CA SER D 31 -36.43 6.62 -1.49
C SER D 31 -35.21 6.76 -2.40
N GLY D 32 -34.35 7.76 -2.15
CA GLY D 32 -33.18 8.00 -3.00
C GLY D 32 -33.55 8.46 -4.40
N GLU D 33 -34.65 9.18 -4.52
CA GLU D 33 -35.03 9.80 -5.79
C GLU D 33 -36.00 10.93 -5.59
N ALA D 34 -36.11 11.77 -6.62
CA ALA D 34 -37.00 12.89 -6.64
C ALA D 34 -37.72 12.81 -7.96
N ARG D 35 -39.03 13.03 -7.89
CA ARG D 35 -39.88 13.08 -9.07
C ARG D 35 -39.57 14.40 -9.79
N CYS D 36 -39.56 14.37 -11.12
CA CYS D 36 -39.53 15.59 -11.87
C CYS D 36 -40.72 16.47 -11.48
N LEU D 37 -40.44 17.77 -11.39
CA LEU D 37 -41.46 18.79 -11.34
C LEU D 37 -41.79 19.17 -12.79
N GLY D 38 -43.07 19.35 -13.09
CA GLY D 38 -43.51 19.92 -14.37
C GLY D 38 -42.92 21.31 -14.50
N ASN D 39 -43.47 22.23 -13.70
CA ASN D 39 -42.84 23.52 -13.42
C ASN D 39 -42.33 23.50 -11.96
N PRO D 40 -41.00 23.50 -11.78
CA PRO D 40 -40.44 23.50 -10.42
C PRO D 40 -40.80 24.74 -9.61
N ARG D 41 -40.69 25.91 -10.25
CA ARG D 41 -40.97 27.22 -9.63
C ARG D 41 -42.28 27.29 -8.86
N SER D 42 -43.29 26.53 -9.30
CA SER D 42 -44.57 26.45 -8.61
C SER D 42 -44.59 25.69 -7.28
N GLU D 43 -43.53 24.91 -6.97
CA GLU D 43 -43.56 23.99 -5.81
C GLU D 43 -42.40 24.21 -4.84
N PRO D 44 -42.24 25.45 -4.34
CA PRO D 44 -40.98 25.88 -3.71
C PRO D 44 -40.48 25.07 -2.50
N GLU D 45 -41.37 24.38 -1.80
CA GLU D 45 -40.99 23.43 -0.74
C GLU D 45 -40.17 22.25 -1.30
N TYR D 46 -40.39 21.87 -2.57
CA TYR D 46 -39.67 20.73 -3.13
C TYR D 46 -38.29 21.19 -3.58
N VAL D 47 -38.18 22.45 -3.98
CA VAL D 47 -36.89 22.99 -4.29
C VAL D 47 -36.07 23.21 -3.00
N LYS D 48 -36.68 23.73 -1.95
CA LYS D 48 -35.85 23.99 -0.75
C LYS D 48 -35.34 22.63 -0.26
N ALA D 49 -36.28 21.69 -0.11
CA ALA D 49 -35.94 20.31 0.34
C ALA D 49 -34.67 19.79 -0.28
N LEU D 50 -34.56 19.94 -1.61
CA LEU D 50 -33.45 19.43 -2.35
C LEU D 50 -32.18 20.27 -2.06
N TYR D 51 -32.34 21.59 -1.99
CA TYR D 51 -31.18 22.39 -1.66
C TYR D 51 -30.63 21.86 -0.33
N VAL D 52 -31.49 21.70 0.65
CA VAL D 52 -31.09 21.35 2.05
C VAL D 52 -30.40 19.98 2.16
N ILE D 53 -30.71 19.04 1.26
CA ILE D 53 -30.06 17.72 1.28
C ILE D 53 -28.72 17.67 0.51
N GLY D 54 -28.43 18.71 -0.29
CA GLY D 54 -27.15 18.85 -0.96
C GLY D 54 -27.12 18.84 -2.48
N ALA D 55 -28.31 18.88 -3.11
CA ALA D 55 -28.43 18.73 -4.55
C ALA D 55 -27.91 19.98 -5.20
N SER D 56 -27.07 19.80 -6.19
CA SER D 56 -26.75 20.90 -7.09
C SER D 56 -27.66 20.88 -8.32
N ARG D 57 -28.58 19.91 -8.40
CA ARG D 57 -29.59 19.80 -9.48
C ARG D 57 -31.03 19.49 -9.04
N ILE D 58 -32.01 20.03 -9.76
CA ILE D 58 -33.42 19.68 -9.55
C ILE D 58 -33.96 18.99 -10.79
N PRO D 59 -34.91 18.04 -10.61
CA PRO D 59 -35.50 17.31 -11.74
C PRO D 59 -36.68 18.05 -12.39
N VAL D 60 -36.68 18.08 -13.73
CA VAL D 60 -37.50 19.00 -14.54
C VAL D 60 -38.14 18.24 -15.71
N GLY D 61 -39.46 18.08 -15.70
CA GLY D 61 -40.16 17.45 -16.81
C GLY D 61 -41.46 16.73 -16.45
N ASP D 62 -41.91 15.86 -17.36
CA ASP D 62 -43.17 15.13 -17.21
C ASP D 62 -42.94 13.62 -17.13
N GLY D 63 -43.39 13.02 -16.03
CA GLY D 63 -43.36 11.57 -15.85
C GLY D 63 -41.95 11.02 -15.83
N CYS D 64 -41.06 11.70 -15.11
CA CYS D 64 -39.68 11.26 -14.90
C CYS D 64 -39.31 11.42 -13.44
N SER D 65 -38.29 10.68 -13.03
CA SER D 65 -37.70 10.82 -11.71
C SER D 65 -36.22 10.57 -11.82
N HIS D 66 -35.46 11.12 -10.88
CA HIS D 66 -34.01 10.99 -10.87
C HIS D 66 -33.52 10.66 -9.45
N THR D 67 -32.33 10.07 -9.39
CA THR D 67 -31.74 9.60 -8.15
C THR D 67 -30.92 10.71 -7.50
N LEU D 68 -30.51 10.44 -6.26
CA LEU D 68 -29.66 11.34 -5.48
C LEU D 68 -28.29 11.58 -6.13
N GLU D 69 -27.73 10.54 -6.75
CA GLU D 69 -26.52 10.65 -7.57
C GLU D 69 -26.73 11.66 -8.68
N GLU D 70 -27.76 11.44 -9.49
CA GLU D 70 -28.06 12.32 -10.61
C GLU D 70 -28.26 13.75 -10.15
N LEU D 71 -28.86 13.92 -8.97
CA LEU D 71 -29.17 15.24 -8.43
C LEU D 71 -27.94 15.96 -7.86
N GLY D 72 -26.81 15.26 -7.80
CA GLY D 72 -25.55 15.79 -7.33
C GLY D 72 -25.34 15.67 -5.84
N VAL D 73 -26.23 15.01 -5.09
CA VAL D 73 -26.04 14.92 -3.62
C VAL D 73 -24.68 14.32 -3.29
N PHE D 74 -24.19 13.40 -4.11
CA PHE D 74 -22.84 12.80 -3.94
C PHE D 74 -21.67 13.61 -4.53
N ASP D 75 -21.95 14.54 -5.44
CA ASP D 75 -20.95 15.52 -5.93
C ASP D 75 -20.44 16.47 -4.81
N ILE D 76 -19.66 15.93 -3.88
CA ILE D 76 -19.04 16.72 -2.81
C ILE D 76 -17.65 16.09 -2.63
N SER D 77 -16.69 16.70 -3.29
CA SER D 77 -15.34 16.17 -3.42
C SER D 77 -14.41 17.32 -3.31
N VAL D 78 -13.42 17.17 -2.45
CA VAL D 78 -12.38 18.17 -2.33
C VAL D 78 -11.58 18.18 -3.67
N PRO D 79 -11.10 19.36 -4.14
CA PRO D 79 -10.23 19.31 -5.35
C PRO D 79 -8.90 18.62 -5.03
N GLY D 80 -8.36 17.92 -6.03
CA GLY D 80 -7.14 17.16 -5.87
C GLY D 80 -5.94 18.03 -5.48
N GLU D 81 -5.89 19.26 -5.96
CA GLU D 81 -4.75 20.16 -5.76
C GLU D 81 -4.89 21.03 -4.50
N MET D 82 -6.08 21.12 -3.90
CA MET D 82 -6.43 22.08 -2.83
C MET D 82 -6.07 23.53 -3.16
N VAL D 83 -6.53 23.98 -4.32
CA VAL D 83 -6.30 25.36 -4.72
C VAL D 83 -7.64 26.08 -4.69
N PHE D 84 -7.65 27.28 -4.11
CA PHE D 84 -8.89 28.00 -3.75
C PHE D 84 -8.75 29.51 -3.98
N PRO D 85 -9.36 30.05 -5.06
CA PRO D 85 -9.12 31.49 -5.36
C PRO D 85 -9.78 32.55 -4.44
N SER D 86 -10.34 32.16 -3.30
CA SER D 86 -10.72 33.10 -2.21
C SER D 86 -10.96 32.34 -0.89
N PRO D 87 -10.96 33.06 0.26
CA PRO D 87 -11.39 32.49 1.57
C PRO D 87 -12.81 31.89 1.59
N LEU D 88 -13.78 32.58 0.99
CA LEU D 88 -15.15 32.07 0.92
C LEU D 88 -15.23 30.78 0.06
N ASP D 89 -14.57 30.78 -1.11
CA ASP D 89 -14.50 29.59 -1.95
C ASP D 89 -13.78 28.42 -1.22
N PHE D 90 -12.74 28.75 -0.44
CA PHE D 90 -12.09 27.77 0.43
C PHE D 90 -13.05 27.16 1.43
N PHE D 91 -13.89 27.97 2.05
CA PHE D 91 -14.92 27.42 2.93
C PHE D 91 -15.79 26.39 2.23
N GLU D 92 -16.23 26.77 1.02
CA GLU D 92 -17.23 26.00 0.31
C GLU D 92 -16.62 24.70 -0.18
N ARG D 93 -15.57 24.82 -1.01
CA ARG D 93 -14.89 23.68 -1.63
C ARG D 93 -13.88 22.89 -0.76
N GLY D 94 -13.45 23.46 0.38
CA GLY D 94 -12.48 22.82 1.28
C GLY D 94 -13.14 21.80 2.19
N LYS D 95 -13.87 20.91 1.54
CA LYS D 95 -14.90 20.10 2.19
C LYS D 95 -14.94 18.82 1.36
N PRO D 96 -15.25 17.68 1.95
CA PRO D 96 -15.64 17.55 3.39
C PRO D 96 -14.58 17.85 4.42
N THR D 97 -15.02 18.10 5.66
CA THR D 97 -14.05 17.99 6.74
C THR D 97 -13.68 16.53 6.88
N PRO D 98 -12.41 16.25 7.28
CA PRO D 98 -11.86 14.91 7.33
C PRO D 98 -12.60 13.99 8.29
N LEU D 99 -12.78 12.73 7.88
CA LEU D 99 -13.38 11.68 8.69
C LEU D 99 -12.30 10.65 8.83
N VAL D 100 -11.90 10.34 10.06
CA VAL D 100 -10.71 9.55 10.28
C VAL D 100 -11.00 8.44 11.26
N ARG D 101 -10.57 7.24 10.89
CA ARG D 101 -10.77 6.11 11.76
C ARG D 101 -9.82 6.18 12.91
N SER D 102 -10.37 6.10 14.11
CA SER D 102 -9.61 5.98 15.34
C SER D 102 -9.22 4.54 15.57
N ARG D 103 -8.07 4.32 16.21
CA ARG D 103 -7.70 3.00 16.72
C ARG D 103 -8.23 2.77 18.14
N LEU D 104 -8.90 3.78 18.72
CA LEU D 104 -9.37 3.70 20.10
C LEU D 104 -10.39 2.54 20.24
N GLN D 105 -10.07 1.59 21.12
CA GLN D 105 -10.80 0.31 21.18
C GLN D 105 -12.02 0.42 22.07
N LEU D 106 -13.20 0.28 21.47
CA LEU D 106 -14.48 0.27 22.20
C LEU D 106 -15.07 -1.12 22.21
N PRO D 107 -15.76 -1.49 23.31
CA PRO D 107 -16.33 -2.83 23.38
C PRO D 107 -17.40 -3.11 22.32
N ASN D 108 -17.60 -4.39 22.05
CA ASN D 108 -18.80 -4.90 21.36
C ASN D 108 -18.89 -4.57 19.86
N GLY D 109 -17.74 -4.40 19.23
CA GLY D 109 -17.63 -4.13 17.81
C GLY D 109 -18.01 -2.72 17.40
N VAL D 110 -17.98 -1.78 18.34
CA VAL D 110 -18.22 -0.39 17.98
C VAL D 110 -16.90 0.20 17.52
N ARG D 111 -16.79 0.44 16.21
CA ARG D 111 -15.61 1.02 15.58
C ARG D 111 -15.80 2.50 15.40
N VAL D 112 -14.74 3.27 15.63
CA VAL D 112 -14.91 4.71 15.85
C VAL D 112 -14.20 5.49 14.76
N TRP D 113 -14.86 6.53 14.26
CA TRP D 113 -14.35 7.42 13.23
C TRP D 113 -14.62 8.80 13.77
N LEU D 114 -13.76 9.73 13.42
CA LEU D 114 -13.77 11.06 14.05
C LEU D 114 -13.87 12.08 12.94
N LYS D 115 -14.93 12.89 12.96
CA LYS D 115 -15.15 13.97 11.99
C LYS D 115 -14.58 15.29 12.51
N LEU D 116 -13.52 15.74 11.87
CA LEU D 116 -12.68 16.80 12.44
C LEU D 116 -13.15 18.19 12.04
N GLU D 117 -14.15 18.63 12.78
CA GLU D 117 -14.83 19.87 12.44
C GLU D 117 -13.95 21.08 12.67
N TRP D 118 -12.73 20.93 13.21
CA TRP D 118 -11.75 22.03 13.20
C TRP D 118 -11.15 22.31 11.84
N TYR D 119 -11.39 21.45 10.84
CA TYR D 119 -10.83 21.70 9.51
C TYR D 119 -11.52 22.90 8.82
N ASN D 120 -12.61 23.39 9.42
CA ASN D 120 -13.28 24.62 9.01
C ASN D 120 -12.35 25.81 9.26
N PRO D 121 -12.17 26.67 8.22
CA PRO D 121 -11.06 27.62 8.23
C PRO D 121 -11.06 28.85 9.11
N PHE D 122 -12.19 29.31 9.61
CA PHE D 122 -12.20 30.67 10.20
C PHE D 122 -12.08 30.57 11.73
N SER D 123 -13.01 29.84 12.34
CA SER D 123 -13.11 29.65 13.79
C SER D 123 -12.51 28.34 14.28
N LEU D 124 -12.01 27.53 13.35
CA LEU D 124 -11.41 26.23 13.70
C LEU D 124 -12.45 25.40 14.42
N SER D 125 -13.69 25.52 13.98
CA SER D 125 -14.79 24.77 14.58
C SER D 125 -15.97 24.60 13.67
N VAL D 126 -16.80 23.62 14.03
CA VAL D 126 -18.14 23.43 13.51
C VAL D 126 -19.02 24.69 13.32
N ALA D 127 -18.88 25.70 14.17
CA ALA D 127 -19.67 26.92 14.10
C ALA D 127 -19.45 27.75 12.84
N ASP D 128 -18.44 27.45 12.03
CA ASP D 128 -18.22 28.24 10.81
C ASP D 128 -19.43 28.11 9.92
N ARG D 129 -19.97 26.91 9.85
CA ARG D 129 -20.92 26.57 8.81
C ARG D 129 -22.24 27.32 8.93
N PRO D 130 -22.89 27.32 10.14
CA PRO D 130 -24.07 28.12 10.29
C PRO D 130 -23.73 29.59 10.25
N ALA D 131 -22.49 29.99 10.53
CA ALA D 131 -22.20 31.40 10.35
C ALA D 131 -22.18 31.75 8.85
N VAL D 132 -21.75 30.82 7.99
CA VAL D 132 -21.62 31.18 6.58
C VAL D 132 -22.99 31.24 6.02
N GLU D 133 -23.73 30.14 6.18
CA GLU D 133 -25.13 30.07 5.79
C GLU D 133 -25.91 31.27 6.32
N ILE D 134 -25.83 31.56 7.62
CA ILE D 134 -26.65 32.65 8.17
C ILE D 134 -26.40 33.97 7.43
N ILE D 135 -25.13 34.31 7.22
CA ILE D 135 -24.76 35.62 6.61
C ILE D 135 -24.98 35.61 5.08
N SER D 136 -24.94 34.41 4.50
CA SER D 136 -25.21 34.18 3.09
C SER D 136 -26.69 34.37 2.71
N ARG D 137 -27.57 33.93 3.61
CA ARG D 137 -29.02 34.16 3.51
C ARG D 137 -29.38 35.62 3.59
N LEU D 138 -28.48 36.37 4.21
CA LEU D 138 -28.71 37.70 4.71
C LEU D 138 -28.18 38.77 3.76
N SER D 139 -27.16 38.45 2.96
CA SER D 139 -26.63 39.42 2.00
C SER D 139 -27.59 39.72 0.85
N ARG D 140 -28.75 39.07 0.82
CA ARG D 140 -29.81 39.40 -0.14
C ARG D 140 -30.72 40.57 0.30
N ARG D 141 -30.78 40.86 1.60
CA ARG D 141 -31.63 41.93 2.14
C ARG D 141 -30.91 43.02 2.98
N VAL D 142 -29.81 42.67 3.65
CA VAL D 142 -29.25 43.55 4.66
C VAL D 142 -28.18 44.46 4.07
N GLU D 143 -28.41 45.77 4.06
CA GLU D 143 -27.42 46.72 3.50
C GLU D 143 -26.08 46.53 4.22
N LYS D 144 -24.99 46.97 3.57
CA LYS D 144 -23.68 46.72 4.11
C LYS D 144 -23.14 47.85 4.97
N GLY D 145 -22.19 47.50 5.82
CA GLY D 145 -21.91 48.28 7.02
C GLY D 145 -22.97 48.10 8.12
N SER D 146 -23.98 47.23 7.91
CA SER D 146 -24.95 46.91 8.98
C SER D 146 -24.27 46.15 10.11
N LEU D 147 -24.77 46.35 11.32
CA LEU D 147 -24.19 45.70 12.50
C LEU D 147 -24.90 44.35 12.72
N VAL D 148 -24.16 43.26 12.90
CA VAL D 148 -24.76 41.92 13.12
C VAL D 148 -24.26 41.38 14.46
N ALA D 149 -25.02 40.55 15.15
CA ALA D 149 -24.65 40.15 16.51
C ALA D 149 -25.33 38.90 16.97
N ASP D 150 -24.71 38.23 17.92
CA ASP D 150 -25.39 37.17 18.62
C ASP D 150 -24.76 37.00 19.99
N ALA D 151 -25.26 36.01 20.70
CA ALA D 151 -24.55 35.57 21.88
C ALA D 151 -23.89 34.26 21.50
N THR D 152 -22.93 33.85 22.33
CA THR D 152 -22.14 32.70 22.02
C THR D 152 -21.30 32.16 23.17
N SER D 153 -21.09 30.85 23.17
CA SER D 153 -20.03 30.23 24.00
C SER D 153 -18.63 30.66 23.60
N SER D 154 -18.39 30.91 22.31
CA SER D 154 -17.08 31.36 21.81
C SER D 154 -16.93 31.26 20.28
N ASN D 155 -17.34 30.10 19.75
CA ASN D 155 -16.95 29.68 18.42
C ASN D 155 -17.76 30.34 17.30
N PHE D 156 -19.06 30.50 17.50
CA PHE D 156 -19.91 31.29 16.64
C PHE D 156 -19.46 32.76 16.75
N GLY D 157 -19.16 33.27 17.94
CA GLY D 157 -18.58 34.63 18.02
C GLY D 157 -17.46 34.87 17.02
N VAL D 158 -16.48 33.99 17.06
CA VAL D 158 -15.33 34.05 16.15
C VAL D 158 -15.73 33.88 14.67
N ALA D 159 -16.50 32.84 14.41
CA ALA D 159 -16.98 32.55 13.04
C ALA D 159 -17.84 33.70 12.46
N LEU D 160 -18.73 34.28 13.30
CA LEU D 160 -19.57 35.42 12.88
C LEU D 160 -18.74 36.66 12.57
N SER D 161 -17.67 36.83 13.33
CA SER D 161 -16.80 38.00 13.16
C SER D 161 -16.03 37.88 11.83
N ALA D 162 -15.50 36.68 11.57
CA ALA D 162 -14.75 36.44 10.35
C ALA D 162 -15.68 36.53 9.15
N VAL D 163 -16.83 35.90 9.30
CA VAL D 163 -17.82 35.89 8.23
C VAL D 163 -18.47 37.25 8.02
N ALA D 164 -18.70 38.00 9.09
CA ALA D 164 -19.15 39.38 8.94
C ALA D 164 -18.27 40.09 7.91
N ARG D 165 -16.97 40.07 8.20
CA ARG D 165 -15.97 40.78 7.39
C ARG D 165 -15.75 40.26 5.94
N LEU D 166 -16.16 39.04 5.62
CA LEU D 166 -16.15 38.53 4.24
C LEU D 166 -17.39 38.96 3.42
N TYR D 167 -18.47 39.31 4.11
CA TYR D 167 -19.67 39.87 3.49
C TYR D 167 -19.97 41.34 3.84
N GLY D 168 -18.94 42.14 4.13
CA GLY D 168 -19.14 43.59 4.44
C GLY D 168 -19.94 44.03 5.66
N TYR D 169 -20.19 43.11 6.59
CA TYR D 169 -20.95 43.48 7.79
C TYR D 169 -20.02 43.89 8.89
N ARG D 170 -20.61 44.36 10.00
CA ARG D 170 -19.89 44.69 11.23
C ARG D 170 -20.46 43.75 12.27
N ALA D 171 -19.70 43.47 13.31
CA ALA D 171 -20.01 42.31 14.16
C ALA D 171 -19.99 42.63 15.64
N ARG D 172 -20.85 41.98 16.41
CA ARG D 172 -20.84 42.15 17.86
C ARG D 172 -21.12 40.80 18.52
N VAL D 173 -20.25 40.44 19.43
CA VAL D 173 -20.33 39.14 20.07
C VAL D 173 -20.55 39.32 21.58
N TYR D 174 -21.56 38.62 22.09
CA TYR D 174 -21.92 38.65 23.50
C TYR D 174 -21.55 37.29 24.09
N LEU D 175 -20.76 37.32 25.16
CA LEU D 175 -20.25 36.10 25.78
C LEU D 175 -20.56 36.12 27.27
N PRO D 176 -20.89 34.95 27.85
CA PRO D 176 -20.94 34.92 29.30
C PRO D 176 -19.53 34.97 29.86
N GLY D 177 -19.40 35.35 31.12
CA GLY D 177 -18.09 35.48 31.80
C GLY D 177 -17.11 34.33 31.64
N ALA D 178 -17.62 33.11 31.75
CA ALA D 178 -16.78 31.91 31.74
C ALA D 178 -16.41 31.38 30.35
N ALA D 179 -16.76 32.12 29.29
CA ALA D 179 -16.28 31.82 27.93
C ALA D 179 -14.76 31.83 27.89
N GLU D 180 -14.18 31.05 26.98
CA GLU D 180 -12.72 31.01 26.82
C GLU D 180 -12.13 32.34 26.38
N GLU D 181 -10.82 32.44 26.55
CA GLU D 181 -10.07 33.62 26.17
C GLU D 181 -10.05 33.82 24.65
N PHE D 182 -9.87 32.75 23.88
CA PHE D 182 -9.90 32.89 22.41
C PHE D 182 -11.22 33.53 21.97
N GLY D 183 -12.31 33.18 22.63
CA GLY D 183 -13.64 33.71 22.37
C GLY D 183 -13.81 35.20 22.61
N LYS D 184 -13.16 35.68 23.68
CA LYS D 184 -13.12 37.10 24.02
C LYS D 184 -12.16 37.94 23.17
N LEU D 185 -11.04 37.35 22.78
CA LEU D 185 -10.02 38.10 22.08
C LEU D 185 -10.19 38.05 20.57
N LEU D 186 -10.44 36.87 20.03
CA LEU D 186 -10.32 36.68 18.57
C LEU D 186 -11.38 37.42 17.71
N PRO D 187 -12.58 37.63 18.22
CA PRO D 187 -13.47 38.56 17.52
C PRO D 187 -12.85 39.96 17.42
N ARG D 188 -12.18 40.43 18.46
CA ARG D 188 -11.47 41.73 18.39
C ARG D 188 -10.34 41.73 17.35
N LEU D 189 -9.60 40.63 17.20
CA LEU D 189 -8.63 40.53 16.09
C LEU D 189 -9.33 40.67 14.74
N LEU D 190 -10.49 40.05 14.64
CA LEU D 190 -11.28 40.06 13.40
C LEU D 190 -12.04 41.38 13.15
N GLY D 191 -11.94 42.35 14.06
CA GLY D 191 -12.52 43.70 13.88
C GLY D 191 -13.97 43.79 14.33
N ALA D 192 -14.28 43.11 15.44
CA ALA D 192 -15.59 43.02 16.01
C ALA D 192 -15.58 43.56 17.45
N GLN D 193 -16.75 44.02 17.91
CA GLN D 193 -16.94 44.47 19.29
C GLN D 193 -17.27 43.30 20.16
N VAL D 194 -16.77 43.32 21.40
CA VAL D 194 -16.94 42.19 22.30
C VAL D 194 -17.55 42.69 23.61
N ILE D 195 -18.74 42.18 23.91
CA ILE D 195 -19.38 42.37 25.22
C ILE D 195 -19.32 41.06 25.99
N VAL D 196 -18.82 41.15 27.22
CA VAL D 196 -18.69 40.02 28.12
C VAL D 196 -19.53 40.34 29.35
N ASP D 197 -20.42 39.42 29.71
CA ASP D 197 -21.25 39.63 30.88
C ASP D 197 -20.83 38.64 31.96
N PRO D 198 -20.01 39.11 32.95
CA PRO D 198 -19.49 38.19 33.98
C PRO D 198 -20.59 37.44 34.76
N GLU D 199 -21.71 38.13 35.01
CA GLU D 199 -22.84 37.58 35.77
C GLU D 199 -23.81 36.70 34.95
N ALA D 200 -23.60 36.61 33.63
CA ALA D 200 -24.36 35.68 32.78
C ALA D 200 -23.83 34.26 32.98
N PRO D 201 -24.64 33.36 33.57
CA PRO D 201 -24.12 32.02 33.93
C PRO D 201 -23.87 31.07 32.75
N SER D 202 -24.67 31.20 31.70
CA SER D 202 -24.56 30.41 30.47
C SER D 202 -24.79 31.34 29.28
N THR D 203 -24.71 30.80 28.06
CA THR D 203 -24.91 31.62 26.85
C THR D 203 -26.41 31.94 26.62
N VAL D 204 -27.31 31.00 26.92
CA VAL D 204 -28.75 31.24 26.66
C VAL D 204 -29.30 32.43 27.46
N HIS D 205 -28.87 32.55 28.71
CA HIS D 205 -29.20 33.70 29.57
C HIS D 205 -28.97 35.07 28.92
N LEU D 206 -28.02 35.17 28.01
CA LEU D 206 -27.70 36.45 27.35
C LEU D 206 -28.69 36.91 26.30
N LEU D 207 -29.46 35.98 25.73
CA LEU D 207 -30.39 36.26 24.62
C LEU D 207 -31.43 37.35 24.90
N PRO D 208 -31.99 37.42 26.13
CA PRO D 208 -32.79 38.60 26.45
C PRO D 208 -32.03 39.93 26.24
N ARG D 209 -30.83 40.06 26.82
CA ARG D 209 -30.06 41.30 26.65
C ARG D 209 -29.74 41.62 25.17
N VAL D 210 -29.48 40.59 24.37
CA VAL D 210 -29.07 40.81 22.98
C VAL D 210 -30.25 41.39 22.20
N MET D 211 -31.40 40.75 22.33
CA MET D 211 -32.67 41.26 21.76
C MET D 211 -33.00 42.68 22.18
N LYS D 212 -32.82 42.95 23.48
CA LYS D 212 -33.11 44.27 24.04
C LYS D 212 -32.30 45.30 23.29
N ASP D 213 -31.00 45.08 23.18
CA ASP D 213 -30.08 46.07 22.59
C ASP D 213 -30.27 46.18 21.07
N SER D 214 -30.71 45.10 20.45
CA SER D 214 -31.02 45.10 19.03
C SER D 214 -32.21 46.01 18.70
N LYS D 215 -33.22 46.00 19.57
CA LYS D 215 -34.41 46.84 19.34
C LYS D 215 -34.13 48.30 19.59
N ASN D 216 -33.30 48.60 20.58
CA ASN D 216 -32.87 49.98 20.83
C ASN D 216 -31.88 50.46 19.76
N GLU D 217 -30.85 49.67 19.46
CA GLU D 217 -29.75 50.14 18.60
C GLU D 217 -29.87 49.86 17.11
N GLY D 218 -30.77 48.94 16.73
CA GLY D 218 -31.04 48.63 15.32
C GLY D 218 -30.18 47.56 14.65
N PHE D 219 -29.32 46.88 15.41
CA PHE D 219 -28.51 45.81 14.83
C PHE D 219 -29.33 44.52 14.58
N VAL D 220 -28.73 43.59 13.84
CA VAL D 220 -29.45 42.38 13.40
C VAL D 220 -29.12 41.27 14.37
N HIS D 221 -30.11 40.74 15.10
CA HIS D 221 -29.83 39.59 15.92
C HIS D 221 -29.98 38.39 15.00
N VAL D 222 -28.85 37.85 14.51
CA VAL D 222 -28.87 36.66 13.65
C VAL D 222 -29.44 35.42 14.38
N ASN D 223 -29.30 35.39 15.70
CA ASN D 223 -30.03 34.43 16.55
C ASN D 223 -29.87 32.98 16.06
N GLN D 224 -28.69 32.42 16.33
CA GLN D 224 -28.33 31.06 15.93
C GLN D 224 -29.23 29.97 16.50
N TYR D 225 -29.76 30.18 17.71
CA TYR D 225 -30.61 29.19 18.38
C TYR D 225 -31.91 28.94 17.67
N TYR D 226 -32.44 29.97 17.03
CA TYR D 226 -33.78 29.97 16.44
C TYR D 226 -33.70 30.01 14.91
N ASN D 227 -32.57 30.47 14.37
CA ASN D 227 -32.50 30.82 12.95
C ASN D 227 -32.30 29.56 12.16
N ASP D 228 -33.30 29.22 11.38
CA ASP D 228 -33.25 27.95 10.65
C ASP D 228 -32.14 27.80 9.59
N ALA D 229 -31.40 28.87 9.25
CA ALA D 229 -30.17 28.68 8.45
C ALA D 229 -29.11 27.87 9.17
N ASN D 230 -29.15 27.86 10.53
CA ASN D 230 -28.27 27.04 11.32
C ASN D 230 -28.49 25.58 10.97
N PHE D 231 -29.65 25.02 11.26
CA PHE D 231 -29.88 23.56 10.96
C PHE D 231 -29.70 23.21 9.46
N GLU D 232 -30.19 24.09 8.61
CA GLU D 232 -30.04 23.93 7.16
C GLU D 232 -28.60 23.85 6.74
N ALA D 233 -27.72 24.66 7.36
CA ALA D 233 -26.26 24.61 7.09
C ALA D 233 -25.72 23.25 7.38
N HIS D 234 -26.04 22.73 8.57
CA HIS D 234 -25.51 21.44 9.01
C HIS D 234 -26.13 20.25 8.27
N MET D 235 -27.27 20.47 7.61
CA MET D 235 -27.95 19.44 6.79
C MET D 235 -27.31 19.29 5.40
N ARG D 236 -26.87 20.42 4.85
CA ARG D 236 -26.15 20.42 3.59
C ARG D 236 -24.66 20.24 3.78
N GLY D 237 -24.09 20.54 4.95
CA GLY D 237 -22.67 20.30 5.16
C GLY D 237 -22.45 19.06 5.98
N THR D 238 -22.42 19.25 7.28
CA THR D 238 -22.11 18.17 8.20
C THR D 238 -22.86 16.87 7.79
N ALA D 239 -24.17 16.95 7.83
CA ALA D 239 -25.00 15.73 7.76
C ALA D 239 -24.88 15.12 6.38
N ARG D 240 -25.16 15.88 5.32
CA ARG D 240 -24.82 15.38 3.97
C ARG D 240 -23.38 14.82 3.90
N GLU D 241 -22.38 15.46 4.54
CA GLU D 241 -21.03 14.90 4.48
C GLU D 241 -20.92 13.49 5.08
N ILE D 242 -21.55 13.23 6.23
CA ILE D 242 -21.42 11.91 6.86
C ILE D 242 -22.14 10.87 6.02
N PHE D 243 -23.36 11.17 5.59
CA PHE D 243 -24.01 10.33 4.60
C PHE D 243 -23.00 9.97 3.52
N VAL D 244 -22.43 10.99 2.88
CA VAL D 244 -21.70 10.78 1.63
C VAL D 244 -20.32 10.16 1.85
N GLN D 245 -19.66 10.59 2.92
CA GLN D 245 -18.41 10.00 3.42
C GLN D 245 -18.56 8.52 3.74
N SER D 246 -19.62 8.21 4.48
CA SER D 246 -19.91 6.82 4.82
C SER D 246 -20.13 5.96 3.58
N ARG D 247 -21.10 6.29 2.72
CA ARG D 247 -21.24 5.59 1.43
C ARG D 247 -19.88 5.34 0.73
N ARG D 248 -19.11 6.41 0.51
CA ARG D 248 -17.97 6.37 -0.40
C ARG D 248 -16.66 5.82 0.19
N GLY D 249 -16.48 5.92 1.50
CA GLY D 249 -15.36 5.33 2.18
C GLY D 249 -15.65 3.95 2.75
N GLY D 250 -16.71 3.30 2.27
CA GLY D 250 -16.95 1.88 2.59
C GLY D 250 -17.31 1.59 4.03
N LEU D 251 -17.89 2.57 4.74
CA LEU D 251 -18.35 2.34 6.10
C LEU D 251 -19.69 1.61 6.08
N ALA D 252 -19.99 0.96 7.19
CA ALA D 252 -21.30 0.35 7.44
C ALA D 252 -21.87 1.10 8.66
N LEU D 253 -22.54 2.22 8.36
CA LEU D 253 -22.88 3.26 9.31
C LEU D 253 -24.05 2.87 10.19
N ARG D 254 -23.80 2.71 11.49
CA ARG D 254 -24.88 2.36 12.42
C ARG D 254 -25.20 3.51 13.38
N GLY D 255 -24.40 4.59 13.36
CA GLY D 255 -24.76 5.71 14.19
C GLY D 255 -23.86 6.94 14.15
N VAL D 256 -24.38 8.02 14.72
CA VAL D 256 -23.57 9.23 14.96
C VAL D 256 -23.62 9.64 16.43
N ALA D 257 -22.56 10.27 16.91
CA ALA D 257 -22.48 10.73 18.29
C ALA D 257 -22.03 12.18 18.29
N GLY D 258 -22.63 13.00 19.13
CA GLY D 258 -22.20 14.39 19.19
C GLY D 258 -22.83 15.15 20.30
N SER D 259 -22.49 16.42 20.34
CA SER D 259 -22.88 17.27 21.44
C SER D 259 -23.86 18.34 20.97
N LEU D 260 -24.52 18.97 21.94
CA LEU D 260 -25.64 19.85 21.69
C LEU D 260 -25.38 21.19 22.35
N GLY D 261 -25.39 22.24 21.51
CA GLY D 261 -25.44 23.65 21.96
C GLY D 261 -26.76 24.33 21.61
N THR D 262 -26.89 24.73 20.35
CA THR D 262 -28.18 25.05 19.74
C THR D 262 -28.97 23.76 19.43
N SER D 263 -28.20 22.69 19.24
CA SER D 263 -28.61 21.41 18.57
C SER D 263 -28.45 21.48 17.03
N GLY D 264 -28.05 22.63 16.52
CA GLY D 264 -27.79 22.79 15.09
C GLY D 264 -27.34 21.50 14.41
N HIS D 265 -26.11 21.06 14.69
CA HIS D 265 -25.49 20.05 13.85
C HIS D 265 -25.96 18.61 14.03
N MET D 266 -26.15 18.25 15.28
CA MET D 266 -26.61 16.90 15.62
C MET D 266 -28.07 16.61 15.27
N SER D 267 -28.92 17.63 15.26
CA SER D 267 -30.29 17.45 14.79
C SER D 267 -30.31 17.21 13.28
N ALA D 268 -29.51 17.98 12.55
CA ALA D 268 -29.24 17.75 11.10
C ALA D 268 -28.69 16.35 10.78
N ALA D 269 -27.65 15.91 11.49
CA ALA D 269 -27.06 14.59 11.24
C ALA D 269 -28.06 13.48 11.58
N ALA D 270 -28.70 13.59 12.75
CA ALA D 270 -29.78 12.65 13.13
C ALA D 270 -30.95 12.64 12.13
N PHE D 271 -31.50 13.80 11.84
CA PHE D 271 -32.63 13.90 10.90
C PHE D 271 -32.24 13.32 9.54
N TYR D 272 -31.10 13.77 9.02
CA TYR D 272 -30.69 13.44 7.66
C TYR D 272 -30.50 11.93 7.51
N LEU D 273 -29.70 11.34 8.39
CA LEU D 273 -29.40 9.91 8.28
C LEU D 273 -30.54 8.97 8.72
N GLN D 274 -31.38 9.37 9.70
CA GLN D 274 -32.59 8.60 10.04
C GLN D 274 -33.64 8.54 8.90
N SER D 275 -33.68 9.57 8.06
CA SER D 275 -34.39 9.55 6.78
C SER D 275 -33.92 8.42 5.86
N VAL D 276 -32.61 8.30 5.70
CA VAL D 276 -32.04 7.28 4.83
C VAL D 276 -32.20 5.89 5.48
N ASP D 277 -32.06 5.84 6.81
CA ASP D 277 -32.11 4.57 7.55
C ASP D 277 -32.49 4.91 9.00
N PRO D 278 -33.77 4.65 9.39
CA PRO D 278 -34.24 4.93 10.76
C PRO D 278 -33.53 4.20 11.92
N SER D 279 -32.83 3.10 11.63
CA SER D 279 -32.08 2.38 12.65
C SER D 279 -30.80 3.13 13.10
N ILE D 280 -30.26 4.03 12.26
CA ILE D 280 -29.05 4.80 12.62
C ILE D 280 -29.28 5.57 13.94
N ARG D 281 -28.50 5.20 14.94
CA ARG D 281 -28.71 5.75 16.27
C ARG D 281 -28.09 7.13 16.26
N ALA D 282 -28.63 8.03 17.10
CA ALA D 282 -27.89 9.22 17.52
C ALA D 282 -27.63 9.14 19.01
N VAL D 283 -26.34 9.19 19.35
CA VAL D 283 -25.86 8.99 20.70
C VAL D 283 -25.41 10.37 21.17
N LEU D 284 -26.28 11.05 21.92
CA LEU D 284 -26.13 12.48 22.23
C LEU D 284 -25.60 12.71 23.65
N VAL D 285 -24.86 13.81 23.84
CA VAL D 285 -24.22 14.16 25.11
C VAL D 285 -25.00 15.21 25.90
N GLN D 286 -25.16 14.94 27.20
CA GLN D 286 -25.64 15.90 28.21
C GLN D 286 -24.48 16.18 29.16
N PRO D 287 -24.10 17.46 29.36
CA PRO D 287 -23.20 17.77 30.47
C PRO D 287 -23.85 17.48 31.81
N ALA D 288 -23.09 16.87 32.71
CA ALA D 288 -23.58 16.48 34.04
C ALA D 288 -24.17 17.68 34.78
N GLN D 289 -25.25 17.44 35.53
CA GLN D 289 -25.89 18.50 36.31
C GLN D 289 -24.88 19.20 37.23
N GLY D 290 -24.62 20.48 36.99
CA GLY D 290 -23.59 21.25 37.71
C GLY D 290 -22.20 21.28 37.07
N ASP D 291 -22.01 20.59 35.94
CA ASP D 291 -20.74 20.64 35.21
C ASP D 291 -20.85 21.50 33.98
N SER D 292 -19.78 22.25 33.71
CA SER D 292 -19.61 22.97 32.46
C SER D 292 -18.79 22.11 31.52
N ILE D 293 -19.17 22.14 30.24
CA ILE D 293 -18.29 21.70 29.15
C ILE D 293 -18.42 22.78 28.06
N PRO D 294 -17.33 23.48 27.72
CA PRO D 294 -17.51 24.64 26.84
C PRO D 294 -18.18 24.28 25.50
N GLY D 295 -19.03 25.19 25.02
CA GLY D 295 -19.80 25.00 23.78
C GLY D 295 -21.14 24.29 23.89
N ILE D 296 -21.35 23.51 24.96
CA ILE D 296 -22.48 22.60 24.96
C ILE D 296 -23.42 22.77 26.17
N ALA D 297 -24.58 22.10 26.12
CA ALA D 297 -25.55 22.20 27.21
C ALA D 297 -26.49 21.02 27.28
N ARG D 298 -27.24 21.05 28.37
CA ARG D 298 -28.31 20.12 28.63
C ARG D 298 -29.55 20.44 27.76
N VAL D 299 -30.22 19.39 27.28
CA VAL D 299 -31.42 19.54 26.45
C VAL D 299 -32.45 20.47 27.09
N GLU D 300 -32.76 20.20 28.36
CA GLU D 300 -33.76 20.96 29.12
C GLU D 300 -33.56 22.48 29.15
N THR D 301 -32.33 22.98 28.98
CA THR D 301 -32.12 24.43 28.93
C THR D 301 -32.73 25.06 27.67
N GLY D 302 -33.21 24.21 26.75
CA GLY D 302 -34.06 24.62 25.66
C GLY D 302 -33.25 24.63 24.37
N MET D 303 -33.70 23.82 23.40
CA MET D 303 -33.04 23.70 22.10
C MET D 303 -34.11 23.48 21.06
N LEU D 304 -33.99 24.18 19.94
CA LEU D 304 -35.06 24.20 18.97
C LEU D 304 -35.23 22.85 18.27
N TRP D 305 -34.29 22.48 17.40
CA TRP D 305 -34.56 21.40 16.42
C TRP D 305 -34.62 20.01 17.06
N ILE D 306 -33.73 19.76 18.01
CA ILE D 306 -33.58 18.43 18.62
C ILE D 306 -34.90 17.89 19.17
N ASN D 307 -35.70 18.81 19.73
CA ASN D 307 -37.04 18.51 20.23
C ASN D 307 -38.12 18.68 19.14
N MET D 308 -38.12 19.79 18.40
CA MET D 308 -39.21 20.02 17.41
C MET D 308 -39.23 19.08 16.21
N LEU D 309 -38.14 18.38 15.90
CA LEU D 309 -38.08 17.53 14.70
C LEU D 309 -38.31 16.03 15.00
N ASP D 310 -38.68 15.26 13.98
CA ASP D 310 -39.02 13.82 14.12
C ASP D 310 -37.72 12.98 14.11
N ILE D 311 -37.09 12.85 15.29
CA ILE D 311 -35.71 12.32 15.46
C ILE D 311 -35.62 11.34 16.66
N SER D 312 -35.12 10.13 16.43
CA SER D 312 -34.76 9.21 17.52
C SER D 312 -33.40 9.60 18.07
N TYR D 313 -33.26 9.63 19.40
CA TYR D 313 -31.94 9.79 19.97
C TYR D 313 -31.87 9.33 21.40
N THR D 314 -30.66 8.90 21.75
CA THR D 314 -30.29 8.40 23.05
C THR D 314 -29.54 9.55 23.72
N LEU D 315 -29.63 9.61 25.04
CA LEU D 315 -28.81 10.52 25.85
C LEU D 315 -27.79 9.73 26.68
N ALA D 316 -26.65 10.39 26.97
CA ALA D 316 -25.71 9.96 28.00
C ALA D 316 -25.19 11.19 28.73
N GLU D 317 -25.28 11.19 30.07
CA GLU D 317 -24.70 12.26 30.88
C GLU D 317 -23.18 12.08 30.94
N VAL D 318 -22.45 13.18 30.87
CA VAL D 318 -20.99 13.17 30.94
C VAL D 318 -20.52 14.35 31.78
N THR D 319 -19.56 14.09 32.66
CA THR D 319 -18.94 15.16 33.45
C THR D 319 -17.80 15.73 32.65
N LEU D 320 -17.36 16.94 33.00
CA LEU D 320 -16.17 17.54 32.42
C LEU D 320 -15.00 16.56 32.48
N GLU D 321 -14.74 16.06 33.69
CA GLU D 321 -13.60 15.18 33.93
C GLU D 321 -13.62 13.95 33.03
N GLU D 322 -14.78 13.34 32.84
CA GLU D 322 -14.90 12.19 31.91
C GLU D 322 -14.67 12.55 30.44
N ALA D 323 -15.06 13.75 30.06
CA ALA D 323 -14.87 14.24 28.69
C ALA D 323 -13.40 14.57 28.45
N MET D 324 -12.71 14.98 29.51
CA MET D 324 -11.29 15.20 29.46
C MET D 324 -10.53 13.86 29.45
N GLU D 325 -10.98 12.90 30.26
CA GLU D 325 -10.39 11.56 30.21
C GLU D 325 -10.46 11.01 28.76
N ALA D 326 -11.53 11.32 28.04
CA ALA D 326 -11.67 10.89 26.63
C ALA D 326 -10.75 11.65 25.65
N VAL D 327 -10.43 12.91 25.96
CA VAL D 327 -9.45 13.74 25.21
C VAL D 327 -8.00 13.22 25.37
N VAL D 328 -7.66 12.82 26.59
CA VAL D 328 -6.38 12.22 26.87
C VAL D 328 -6.28 10.91 26.10
N GLU D 329 -7.29 10.06 26.29
CA GLU D 329 -7.30 8.76 25.67
C GLU D 329 -7.07 8.84 24.16
N VAL D 330 -7.90 9.61 23.47
CA VAL D 330 -7.80 9.77 22.00
C VAL D 330 -6.43 10.34 21.61
N ALA D 331 -5.95 11.35 22.32
CA ALA D 331 -4.63 11.93 22.04
C ALA D 331 -3.51 10.88 22.08
N ARG D 332 -3.60 9.96 23.04
CA ARG D 332 -2.56 8.95 23.20
C ARG D 332 -2.73 7.74 22.26
N SER D 333 -3.93 7.47 21.76
CA SER D 333 -4.12 6.41 20.76
C SER D 333 -3.94 6.87 19.30
N ASP D 334 -4.23 8.14 19.02
CA ASP D 334 -4.38 8.63 17.63
C ASP D 334 -3.46 9.76 17.23
N GLY D 335 -2.93 10.49 18.21
CA GLY D 335 -2.04 11.62 17.95
C GLY D 335 -2.82 12.91 17.77
N LEU D 336 -4.13 12.85 17.90
CA LEU D 336 -5.04 13.95 17.59
C LEU D 336 -5.54 14.58 18.89
N VAL D 337 -5.62 15.90 18.90
CA VAL D 337 -6.00 16.64 20.09
C VAL D 337 -7.42 17.17 19.84
N ILE D 338 -8.43 16.40 20.26
CA ILE D 338 -9.84 16.80 20.14
C ILE D 338 -10.22 17.66 21.34
N GLY D 339 -11.16 18.60 21.12
CA GLY D 339 -11.65 19.49 22.17
C GLY D 339 -12.60 18.84 23.14
N PRO D 340 -12.88 19.53 24.28
CA PRO D 340 -13.76 19.01 25.34
C PRO D 340 -15.08 18.38 24.86
N SER D 341 -15.78 19.08 23.95
CA SER D 341 -17.11 18.67 23.44
C SER D 341 -17.08 17.43 22.55
N GLY D 342 -15.92 17.16 21.94
CA GLY D 342 -15.68 15.89 21.24
C GLY D 342 -15.40 14.73 22.18
N GLY D 343 -14.54 14.97 23.16
CA GLY D 343 -14.28 14.00 24.22
C GLY D 343 -15.58 13.52 24.84
N ALA D 344 -16.38 14.49 25.21
CA ALA D 344 -17.72 14.31 25.73
C ALA D 344 -18.53 13.26 24.93
N ALA D 345 -18.50 13.41 23.58
CA ALA D 345 -19.22 12.52 22.64
C ALA D 345 -18.58 11.17 22.34
N VAL D 346 -17.23 11.13 22.30
CA VAL D 346 -16.48 9.89 22.28
C VAL D 346 -16.86 9.06 23.56
N LYS D 347 -16.90 9.74 24.71
CA LYS D 347 -17.28 9.13 26.00
C LYS D 347 -18.73 8.61 26.05
N ALA D 348 -19.67 9.47 25.67
CA ALA D 348 -21.07 9.07 25.46
C ALA D 348 -21.22 7.83 24.58
N LEU D 349 -20.55 7.83 23.43
CA LEU D 349 -20.51 6.67 22.53
C LEU D 349 -19.95 5.42 23.20
N ALA D 350 -18.80 5.59 23.84
CA ALA D 350 -18.15 4.56 24.64
C ALA D 350 -19.05 3.97 25.73
N LYS D 351 -19.77 4.81 26.46
CA LYS D 351 -20.69 4.35 27.52
C LYS D 351 -21.83 3.51 26.93
N LYS D 352 -22.38 3.96 25.81
CA LYS D 352 -23.50 3.30 25.13
C LYS D 352 -23.13 2.02 24.42
N ALA D 353 -21.87 1.88 24.01
CA ALA D 353 -21.37 0.61 23.48
C ALA D 353 -21.34 -0.42 24.61
N ALA D 354 -20.78 -0.02 25.76
CA ALA D 354 -20.70 -0.88 26.95
C ALA D 354 -22.04 -1.40 27.47
N GLU D 355 -23.13 -0.63 27.29
CA GLU D 355 -24.47 -1.09 27.66
C GLU D 355 -24.97 -2.26 26.78
N GLY D 356 -24.50 -2.31 25.53
CA GLY D 356 -24.85 -3.39 24.59
C GLY D 356 -25.98 -3.03 23.63
N ASP D 357 -26.38 -1.76 23.63
CA ASP D 357 -27.42 -1.25 22.74
C ASP D 357 -27.11 -1.38 21.25
N LEU D 358 -25.86 -1.10 20.88
CA LEU D 358 -25.54 -0.65 19.55
C LEU D 358 -25.26 -1.83 18.65
N GLU D 359 -25.66 -1.71 17.38
CA GLU D 359 -25.29 -2.70 16.37
C GLU D 359 -23.82 -2.47 16.16
N PRO D 360 -23.03 -3.56 16.07
CA PRO D 360 -21.63 -3.34 15.79
C PRO D 360 -21.51 -2.79 14.38
N GLY D 361 -20.41 -2.12 14.09
CA GLY D 361 -20.28 -1.41 12.83
C GLY D 361 -19.75 -0.04 13.09
N ASP D 362 -19.89 0.84 12.10
CA ASP D 362 -19.17 2.11 12.14
C ASP D 362 -19.99 3.23 12.72
N TYR D 363 -19.31 4.02 13.54
CA TYR D 363 -19.94 5.07 14.29
C TYR D 363 -19.10 6.25 14.05
N VAL D 364 -19.68 7.32 13.55
CA VAL D 364 -18.95 8.55 13.38
C VAL D 364 -19.24 9.41 14.58
N VAL D 365 -18.21 10.00 15.19
CA VAL D 365 -18.32 10.98 16.31
C VAL D 365 -18.04 12.34 15.69
N VAL D 366 -18.87 13.35 15.94
CA VAL D 366 -18.59 14.70 15.44
C VAL D 366 -17.75 15.44 16.47
N VAL D 367 -16.50 15.68 16.11
CA VAL D 367 -15.54 16.47 16.92
C VAL D 367 -15.65 17.94 16.51
N PRO D 368 -16.31 18.79 17.33
CA PRO D 368 -16.58 20.17 16.91
C PRO D 368 -15.39 21.13 16.76
N ASP D 369 -14.30 20.91 17.49
CA ASP D 369 -13.08 21.73 17.36
C ASP D 369 -11.86 21.03 17.97
N THR D 370 -10.77 21.80 18.15
CA THR D 370 -9.45 21.30 18.49
C THR D 370 -9.03 21.63 19.92
N GLY D 371 -8.54 20.60 20.61
CA GLY D 371 -8.08 20.70 21.99
C GLY D 371 -6.99 21.72 22.19
N PHE D 372 -6.32 22.11 21.11
CA PHE D 372 -5.35 23.18 21.15
C PHE D 372 -5.94 24.48 21.70
N LYS D 373 -7.27 24.66 21.64
CA LYS D 373 -7.92 25.91 22.10
C LYS D 373 -8.39 25.88 23.55
N TYR D 374 -7.89 24.91 24.33
CA TYR D 374 -8.47 24.52 25.60
C TYR D 374 -7.40 24.03 26.57
N LEU D 375 -6.29 24.78 26.57
CA LEU D 375 -5.02 24.35 27.17
C LEU D 375 -5.14 24.24 28.69
N SER D 376 -5.86 25.21 29.27
CA SER D 376 -6.19 25.27 30.71
C SER D 376 -6.89 24.04 31.20
N LEU D 377 -7.86 23.58 30.40
CA LEU D 377 -8.57 22.34 30.67
C LEU D 377 -7.68 21.14 30.54
N VAL D 378 -6.84 21.14 29.51
CA VAL D 378 -5.86 20.09 29.25
C VAL D 378 -4.88 19.92 30.42
N GLN D 379 -4.40 21.02 30.98
CA GLN D 379 -3.59 21.04 32.20
C GLN D 379 -4.34 20.33 33.36
N ASN D 380 -5.56 20.77 33.65
CA ASN D 380 -6.39 20.19 34.72
C ASN D 380 -6.68 18.68 34.49
N ALA D 381 -6.72 18.26 33.22
CA ALA D 381 -6.89 16.85 32.84
C ALA D 381 -5.66 15.95 33.01
N LEU D 382 -4.47 16.55 33.03
CA LEU D 382 -3.25 15.82 33.37
C LEU D 382 -2.95 15.93 34.88
N GLU D 383 -3.73 16.74 35.61
CA GLU D 383 -3.50 17.13 37.02
C GLU D 383 -2.05 17.41 37.37
C6 E1O E . -7.55 -26.24 -16.46
C5 E1O E . -8.52 -25.61 -15.68
N1 E1O E . -6.61 -27.13 -15.93
C2 E1O E . -6.63 -27.41 -14.61
C4 E1O E . -8.55 -25.89 -14.29
SG E1O E . -13.60 -26.88 -13.60
CB E1O E . -12.41 -27.19 -12.25
CA E1O E . -11.44 -26.09 -11.82
C E1O E . -11.10 -26.41 -10.35
O E1O E . -12.07 -26.61 -9.56
N E1O E . -10.25 -26.23 -12.69
OXT E1O E . -9.90 -26.56 -10.01
O3P E1O E . -11.43 -23.07 -14.79
P E1O E . -10.73 -22.48 -15.93
O1P E1O E . -10.06 -21.18 -15.75
O2P E1O E . -11.25 -22.77 -17.28
O4P E1O E . -9.40 -23.40 -15.88
C5A E1O E . -9.44 -24.76 -16.34
C2A E1O E . -5.67 -28.31 -14.11
C3 E1O E . -7.60 -26.80 -13.80
O3 E1O E . -7.60 -27.11 -12.46
C4A E1O E . -9.54 -25.35 -13.43
C1 MPD F . 6.51 -16.14 -8.87
C2 MPD F . 7.03 -15.67 -10.22
O2 MPD F . 5.91 -15.55 -11.11
CM MPD F . 7.66 -14.27 -10.14
C3 MPD F . 7.93 -16.78 -10.80
C4 MPD F . 9.44 -16.82 -10.47
O4 MPD F . 9.68 -17.27 -9.13
C5 MPD F . 10.25 -17.70 -11.41
C6 E1O G . 17.19 -31.72 1.02
C5 E1O G . 18.22 -32.09 0.15
N1 E1O G . 15.85 -32.01 0.75
C2 E1O G . 15.49 -32.67 -0.37
C4 E1O G . 17.88 -32.79 -1.04
SG E1O G . 21.36 -36.85 -0.80
CB E1O G . 19.87 -36.76 -1.81
CA E1O G . 19.77 -35.57 -2.79
C E1O G . 19.16 -36.13 -4.11
O E1O G . 18.03 -35.77 -4.47
N E1O G . 18.85 -34.62 -2.09
OXT E1O G . 19.81 -37.03 -4.69
O3P E1O G . 22.37 -29.93 -0.98
P E1O G . 22.01 -31.20 -0.38
O1P E1O G . 22.04 -32.40 -1.20
O2P E1O G . 22.29 -31.33 1.09
O4P E1O G . 20.35 -31.02 -0.37
C5A E1O G . 19.55 -31.78 0.55
C2A E1O G . 14.12 -32.92 -0.59
C3 E1O G . 16.50 -33.07 -1.26
O3 E1O G . 16.12 -33.74 -2.38
C4A E1O G . 18.86 -33.27 -1.93
C6 E1O H . 8.21 28.73 11.20
C5 E1O H . 9.03 27.61 11.40
N1 E1O H . 7.10 28.99 12.00
C2 E1O H . 6.78 28.17 13.03
C4 E1O H . 8.73 26.73 12.47
SG E1O H . 13.44 26.35 14.97
CB E1O H . 11.83 25.83 15.63
CA E1O H . 11.00 24.80 14.81
C E1O H . 10.27 23.91 15.85
O E1O H . 9.02 23.97 15.94
N E1O H . 10.04 25.65 14.06
OXT E1O H . 10.98 23.29 16.68
O3P E1O H . 11.14 24.58 8.45
P E1O H . 11.64 25.51 9.47
O1P E1O H . 11.95 24.99 10.80
O2P E1O H . 12.46 26.60 8.94
O4P E1O H . 10.18 26.23 9.79
C5A E1O H . 10.14 27.47 10.53
C2A E1O H . 5.67 28.49 13.81
C3 E1O H . 7.61 27.06 13.28
O3 E1O H . 7.28 26.25 14.33
C4A E1O H . 9.53 25.62 12.81
C1 MPD I . -6.24 18.37 4.85
C2 MPD I . -6.13 18.86 3.41
O2 MPD I . -4.76 19.26 3.25
CM MPD I . -6.39 17.74 2.42
C3 MPD I . -6.97 20.13 3.17
C4 MPD I . -8.49 20.02 3.23
O4 MPD I . -8.93 19.80 4.57
C5 MPD I . -9.17 21.30 2.74
C6 E1O J . -20.30 21.86 20.35
C5 E1O J . -21.16 22.86 19.88
N1 E1O J . -18.98 22.12 20.67
C2 E1O J . -18.46 23.35 20.56
C4 E1O J . -20.64 24.18 19.73
SG E1O J . -24.51 27.12 21.96
CB E1O J . -22.78 27.63 21.64
CA E1O J . -22.28 27.56 20.18
C E1O J . -21.41 28.83 19.94
O E1O J . -21.97 29.93 20.15
N E1O J . -21.45 26.33 20.15
OXT E1O J . -20.18 28.70 19.67
O3P E1O J . -24.54 24.51 18.47
P E1O J . -24.55 23.14 17.99
O1P E1O J . -24.54 22.91 16.55
O2P E1O J . -25.20 22.12 18.84
O4P E1O J . -22.96 22.74 18.27
C5A E1O J . -22.50 22.48 19.62
C2A E1O J . -17.11 23.56 20.91
C3 E1O J . -19.29 24.38 20.11
O3 E1O J . -18.75 25.62 19.98
C4A E1O J . -21.44 25.26 19.31
#